data_8Z0O
#
_entry.id   8Z0O
#
_cell.length_a   1.00
_cell.length_b   1.00
_cell.length_c   1.00
_cell.angle_alpha   90.00
_cell.angle_beta   90.00
_cell.angle_gamma   90.00
#
_symmetry.space_group_name_H-M   'P 1'
#
loop_
_entity.id
_entity.type
_entity.pdbx_description
1 polymer 'chitin synthase'
2 non-polymer "URIDINE-5'-DIPHOSPHATE"
3 non-polymer 'MANGANESE (II) ION'
#
_entity_poly.entity_id   1
_entity_poly.type   'polypeptide(L)'
_entity_poly.pdbx_seq_one_letter_code
;MSGAPPPSSGFAPRSYGQQPLSHAPRSSMMSVEYDGIPLPPPSIRSCGSQQYVTSYIPTGAAFPPSSVQDMISSMKSYAS
ATDLVRTYSEIPSVEEALSTLDRAAAALNARRYRDALKLYLEGGYAMANVAERQANPKICNLLTSKGFETLNWCARLCDW
IEGRIKEKHPRPGVHKVGIPVSNWDEDWVGPFMDEEEARRMWYTPVYCPHPIDFSNLGYRLRCVETGRRPRLMICITMYN
EGPQQLKATLKKLANNLAYLKEQMPGDEKSLTGAFAGDDVWQNVLVCIVADGREQVHPKTLDYLEAIGLYDEDLLTINSA
GIGAQCHLFEHTLQLSVNGKCLLPIQTVFALKENKASKLDSHHWYFNAFAEQIQPEYTAVMDVGTMLTKSALYHLLFAFE
RNHQIGGACGQLTVDNPFENLSNWVISAQHFEYKISNILDKSLESCFGFISVLPGAFSAYRYEAIRGAPLDAYFQTLNIE
LDVLGPFIGNMYLAEDRILSFEVVARKNCNWTMHYVKDAVARTDVPHDLVGLISQRKRWLNGAFFATLFSIWNWGRIYSE
SKHTFVRKMAFLVFYVYHLLYTAFGFFLPANLYLALFFIVFQGFQQNRLEFIDTSEYSQTVLDCAVYIYNFSYLFGLLML
IIIGLGNNPKHMKLTYYFVGAVFGLMMMLSSLVGAGIFFSTPATVHSIVVSILTVGVYFIASALHGEVHHIFMTFTHYTA
LIPSFVNIFTIYSFCNLQDLSWGTKGLHDDPLLAASLDETEKGDFKDVIAKRRALEELRREEKERVENRKKNFEAFRTNV
LLTWAFSNLIFALFVVYFASSSTYMPVLYIFVASLNTCRLLGSIGHWVYIHTEGLRGRVIDKSECGNGTGRYPQNSYVQL
EEHYAALAEDQRTYASGRTNASVRTVNDVSSAALVPRGSHHHHHH
;
_entity_poly.pdbx_strand_id   A,B
#
loop_
_chem_comp.id
_chem_comp.type
_chem_comp.name
_chem_comp.formula
MN non-polymer 'MANGANESE (II) ION' 'Mn 2'
UDP RNA linking URIDINE-5'-DIPHOSPHATE 'C9 H14 N2 O12 P2'
#
# COMPACT_ATOMS: atom_id res chain seq x y z
N HIS A 23 4.93 -15.85 -50.70
CA HIS A 23 3.51 -15.70 -51.01
C HIS A 23 2.78 -17.03 -50.91
N ALA A 24 3.49 -18.11 -51.19
CA ALA A 24 2.90 -19.44 -51.07
C ALA A 24 2.47 -19.77 -49.63
N PRO A 25 3.30 -19.58 -48.60
CA PRO A 25 2.80 -19.84 -47.24
C PRO A 25 1.70 -18.88 -46.80
N ARG A 26 1.74 -17.63 -47.27
CA ARG A 26 0.65 -16.70 -46.97
C ARG A 26 -0.67 -17.18 -47.56
N SER A 27 -0.64 -17.60 -48.83
CA SER A 27 -1.84 -18.15 -49.44
C SER A 27 -2.30 -19.41 -48.72
N SER A 28 -1.34 -20.25 -48.30
CA SER A 28 -1.69 -21.46 -47.57
C SER A 28 -2.42 -21.14 -46.27
N MET A 29 -1.90 -20.19 -45.49
CA MET A 29 -2.53 -19.85 -44.23
C MET A 29 -3.89 -19.19 -44.44
N MET A 30 -4.01 -18.29 -45.42
CA MET A 30 -5.28 -17.63 -45.64
C MET A 30 -6.32 -18.62 -46.17
N SER A 31 -5.89 -19.60 -46.96
CA SER A 31 -6.81 -20.64 -47.39
C SER A 31 -7.21 -21.54 -46.23
N VAL A 32 -6.29 -21.78 -45.29
CA VAL A 32 -6.64 -22.52 -44.08
C VAL A 32 -7.71 -21.76 -43.30
N GLU A 33 -7.56 -20.45 -43.16
CA GLU A 33 -8.56 -19.65 -42.48
C GLU A 33 -9.89 -19.67 -43.23
N TYR A 34 -9.83 -19.63 -44.57
CA TYR A 34 -11.05 -19.70 -45.38
C TYR A 34 -11.76 -21.03 -45.17
N ASP A 35 -11.01 -22.14 -45.11
CA ASP A 35 -11.62 -23.44 -44.87
C ASP A 35 -12.14 -23.56 -43.44
N GLY A 36 -11.53 -22.85 -42.49
CA GLY A 36 -12.05 -22.81 -41.14
C GLY A 36 -13.19 -21.83 -40.93
N ILE A 37 -13.47 -20.98 -41.91
CA ILE A 37 -14.58 -20.04 -41.79
C ILE A 37 -15.92 -20.75 -41.66
N PRO A 38 -16.29 -21.72 -42.51
CA PRO A 38 -17.62 -22.32 -42.40
C PRO A 38 -17.82 -23.02 -41.06
N LEU A 39 -19.03 -22.92 -40.53
CA LEU A 39 -19.42 -23.53 -39.26
C LEU A 39 -18.46 -23.18 -38.13
N THR A 54 -22.05 -12.56 -39.48
CA THR A 54 -21.85 -11.12 -39.67
C THR A 54 -23.11 -10.55 -40.29
N SER A 55 -23.67 -9.52 -39.65
CA SER A 55 -24.94 -8.95 -40.05
C SER A 55 -24.85 -7.43 -40.11
N ILE A 91 -38.39 -27.58 -8.41
CA ILE A 91 -37.86 -27.79 -7.07
C ILE A 91 -36.87 -26.66 -6.76
N PRO A 92 -37.15 -25.80 -5.80
CA PRO A 92 -36.20 -24.76 -5.41
C PRO A 92 -35.01 -25.36 -4.67
N SER A 93 -34.08 -24.49 -4.28
CA SER A 93 -32.89 -24.90 -3.55
C SER A 93 -32.64 -23.94 -2.41
N VAL A 94 -32.04 -24.46 -1.34
CA VAL A 94 -31.76 -23.63 -0.16
C VAL A 94 -30.70 -22.58 -0.49
N GLU A 95 -29.74 -22.94 -1.34
CA GLU A 95 -28.74 -21.95 -1.77
C GLU A 95 -29.39 -20.85 -2.60
N GLU A 96 -30.32 -21.22 -3.47
CA GLU A 96 -31.07 -20.22 -4.23
C GLU A 96 -31.87 -19.32 -3.30
N ALA A 97 -32.50 -19.89 -2.28
CA ALA A 97 -33.26 -19.09 -1.33
C ALA A 97 -32.36 -18.11 -0.59
N LEU A 98 -31.21 -18.58 -0.12
CA LEU A 98 -30.27 -17.69 0.58
C LEU A 98 -29.78 -16.57 -0.34
N SER A 99 -29.44 -16.91 -1.58
CA SER A 99 -28.97 -15.88 -2.51
C SER A 99 -30.06 -14.86 -2.82
N THR A 100 -31.29 -15.32 -3.01
CA THR A 100 -32.39 -14.39 -3.27
C THR A 100 -32.64 -13.48 -2.08
N LEU A 101 -32.57 -14.04 -0.87
CA LEU A 101 -32.76 -13.21 0.32
C LEU A 101 -31.64 -12.19 0.47
N ASP A 102 -30.41 -12.58 0.14
CA ASP A 102 -29.29 -11.64 0.19
C ASP A 102 -29.50 -10.52 -0.82
N ARG A 103 -29.95 -10.87 -2.03
CA ARG A 103 -30.22 -9.86 -3.05
C ARG A 103 -31.35 -8.94 -2.59
N ALA A 104 -32.37 -9.49 -1.94
CA ALA A 104 -33.44 -8.67 -1.40
C ALA A 104 -32.93 -7.70 -0.35
N ALA A 105 -32.03 -8.17 0.52
CA ALA A 105 -31.45 -7.28 1.52
C ALA A 105 -30.66 -6.16 0.86
N ALA A 106 -29.90 -6.49 -0.18
CA ALA A 106 -29.15 -5.44 -0.89
C ALA A 106 -30.09 -4.43 -1.54
N ALA A 107 -31.16 -4.92 -2.17
CA ALA A 107 -32.13 -4.01 -2.80
C ALA A 107 -32.80 -3.12 -1.78
N LEU A 108 -33.16 -3.68 -0.62
CA LEU A 108 -33.77 -2.88 0.43
C LEU A 108 -32.78 -1.86 0.98
N ASN A 109 -31.50 -2.21 1.05
CA ASN A 109 -30.48 -1.23 1.42
C ASN A 109 -30.40 -0.12 0.39
N ALA A 110 -30.63 -0.45 -0.88
CA ALA A 110 -30.62 0.55 -1.95
C ALA A 110 -31.95 1.30 -2.07
N ARG A 111 -32.93 0.98 -1.23
CA ARG A 111 -34.25 1.60 -1.26
C ARG A 111 -34.92 1.42 -2.62
N ARG A 112 -35.06 0.17 -3.03
CA ARG A 112 -35.83 -0.23 -4.21
C ARG A 112 -36.90 -1.19 -3.69
N TYR A 113 -38.03 -0.63 -3.24
CA TYR A 113 -38.98 -1.42 -2.46
C TYR A 113 -39.75 -2.43 -3.30
N ARG A 114 -40.04 -2.13 -4.57
CA ARG A 114 -40.72 -3.11 -5.40
C ARG A 114 -39.85 -4.35 -5.61
N ASP A 115 -38.59 -4.16 -5.99
CA ASP A 115 -37.68 -5.28 -6.17
C ASP A 115 -37.44 -6.00 -4.85
N ALA A 116 -37.30 -5.24 -3.76
CA ALA A 116 -37.10 -5.86 -2.46
C ALA A 116 -38.28 -6.74 -2.08
N LEU A 117 -39.50 -6.25 -2.30
CA LEU A 117 -40.68 -7.06 -2.00
C LEU A 117 -40.73 -8.31 -2.86
N LYS A 118 -40.42 -8.18 -4.15
CA LYS A 118 -40.46 -9.35 -5.03
C LYS A 118 -39.44 -10.39 -4.59
N LEU A 119 -38.20 -9.98 -4.36
CA LEU A 119 -37.16 -10.92 -3.99
C LEU A 119 -37.41 -11.53 -2.61
N TYR A 120 -37.92 -10.73 -1.67
CA TYR A 120 -38.24 -11.26 -0.35
C TYR A 120 -39.37 -12.28 -0.42
N LEU A 121 -40.39 -12.02 -1.24
CA LEU A 121 -41.46 -12.99 -1.42
C LEU A 121 -40.93 -14.28 -2.02
N GLU A 122 -40.07 -14.16 -3.04
CA GLU A 122 -39.50 -15.36 -3.65
C GLU A 122 -38.68 -16.15 -2.63
N GLY A 123 -37.86 -15.46 -1.84
CA GLY A 123 -37.06 -16.15 -0.84
C GLY A 123 -37.90 -16.82 0.23
N GLY A 124 -38.96 -16.13 0.68
CA GLY A 124 -39.82 -16.72 1.69
C GLY A 124 -40.51 -17.96 1.20
N TYR A 125 -41.08 -17.91 0.00
CA TYR A 125 -41.73 -19.10 -0.55
C TYR A 125 -40.73 -20.21 -0.82
N ALA A 126 -39.53 -19.86 -1.27
CA ALA A 126 -38.50 -20.88 -1.49
C ALA A 126 -38.13 -21.58 -0.20
N MET A 127 -37.93 -20.82 0.88
CA MET A 127 -37.62 -21.43 2.17
C MET A 127 -38.78 -22.28 2.68
N ALA A 128 -40.01 -21.80 2.51
CA ALA A 128 -41.16 -22.58 2.96
C ALA A 128 -41.24 -23.91 2.22
N ASN A 129 -40.97 -23.90 0.91
CA ASN A 129 -41.00 -25.15 0.15
C ASN A 129 -39.82 -26.05 0.51
N VAL A 130 -38.65 -25.47 0.76
CA VAL A 130 -37.45 -26.25 1.02
C VAL A 130 -37.53 -26.93 2.38
N ALA A 131 -38.09 -26.24 3.39
CA ALA A 131 -38.05 -26.75 4.76
C ALA A 131 -38.66 -28.13 4.90
N GLU A 132 -39.65 -28.46 4.07
CA GLU A 132 -40.29 -29.78 4.17
C GLU A 132 -39.32 -30.89 3.82
N ARG A 133 -38.44 -30.66 2.84
CA ARG A 133 -37.58 -31.73 2.34
C ARG A 133 -36.39 -32.00 3.26
N GLN A 134 -36.08 -31.09 4.18
CA GLN A 134 -34.97 -31.30 5.09
C GLN A 134 -35.29 -32.40 6.09
N ALA A 135 -34.33 -33.31 6.28
CA ALA A 135 -34.52 -34.42 7.21
C ALA A 135 -34.13 -34.03 8.64
N ASN A 136 -33.24 -33.06 8.79
CA ASN A 136 -32.83 -32.63 10.12
C ASN A 136 -33.97 -31.87 10.79
N PRO A 137 -34.47 -32.33 11.94
CA PRO A 137 -35.59 -31.61 12.59
C PRO A 137 -35.26 -30.17 12.93
N LYS A 138 -34.04 -29.89 13.40
CA LYS A 138 -33.69 -28.53 13.76
C LYS A 138 -33.69 -27.62 12.53
N ILE A 139 -33.06 -28.05 11.45
CA ILE A 139 -33.03 -27.24 10.23
C ILE A 139 -34.44 -27.08 9.67
N CYS A 140 -35.25 -28.14 9.72
CA CYS A 140 -36.61 -28.05 9.20
C CYS A 140 -37.42 -27.01 9.97
N ASN A 141 -37.44 -27.10 11.30
CA ASN A 141 -38.19 -26.14 12.10
C ASN A 141 -37.65 -24.73 11.93
N LEU A 142 -36.32 -24.59 11.89
CA LEU A 142 -35.73 -23.26 11.81
C LEU A 142 -36.02 -22.62 10.46
N LEU A 143 -35.95 -23.41 9.38
CA LEU A 143 -36.25 -22.87 8.05
C LEU A 143 -37.72 -22.54 7.92
N THR A 144 -38.60 -23.36 8.51
CA THR A 144 -40.02 -23.03 8.50
C THR A 144 -40.28 -21.71 9.22
N SER A 145 -39.66 -21.52 10.39
CA SER A 145 -39.83 -20.28 11.13
C SER A 145 -39.29 -19.09 10.35
N LYS A 146 -38.12 -19.24 9.73
CA LYS A 146 -37.56 -18.15 8.93
C LYS A 146 -38.45 -17.82 7.75
N GLY A 147 -38.99 -18.84 7.08
CA GLY A 147 -39.89 -18.58 5.96
C GLY A 147 -41.14 -17.84 6.38
N GLU A 149 -41.51 -15.93 9.04
CA GLU A 149 -41.12 -14.59 9.43
C GLU A 149 -40.89 -13.70 8.21
N THR A 150 -40.22 -14.23 7.19
CA THR A 150 -39.98 -13.45 5.98
C THR A 150 -41.28 -13.15 5.24
N LEU A 151 -42.22 -14.09 5.24
CA LEU A 151 -43.51 -13.82 4.61
C LEU A 151 -44.30 -12.76 5.38
N ASN A 152 -44.24 -12.80 6.72
CA ASN A 152 -44.90 -11.75 7.49
C ASN A 152 -44.29 -10.39 7.22
N TRP A 153 -42.96 -10.33 7.12
CA TRP A 153 -42.30 -9.08 6.76
C TRP A 153 -42.69 -8.64 5.36
N CYS A 154 -42.88 -9.60 4.45
CA CYS A 154 -43.33 -9.28 3.11
C CYS A 154 -44.71 -8.64 3.14
N ALA A 155 -45.62 -9.20 3.94
CA ALA A 155 -46.95 -8.61 4.08
C ALA A 155 -46.86 -7.21 4.66
N ARG A 156 -46.00 -7.02 5.66
CA ARG A 156 -45.84 -5.68 6.24
C ARG A 156 -45.31 -4.69 5.21
N LEU A 157 -44.33 -5.10 4.40
CA LEU A 157 -43.78 -4.20 3.40
C LEU A 157 -44.79 -3.90 2.29
N CYS A 158 -45.59 -4.90 1.90
CA CYS A 158 -46.64 -4.66 0.92
C CYS A 158 -47.66 -3.67 1.45
N ASP A 159 -48.06 -3.80 2.71
CA ASP A 159 -48.96 -2.82 3.31
C ASP A 159 -48.31 -1.45 3.37
N TRP A 160 -47.01 -1.39 3.66
CA TRP A 160 -46.31 -0.11 3.70
C TRP A 160 -46.31 0.56 2.35
N ILE A 161 -46.07 -0.20 1.27
CA ILE A 161 -46.11 0.37 -0.07
C ILE A 161 -47.53 0.80 -0.42
N GLY A 163 -49.60 1.93 1.56
CA GLY A 163 -49.83 3.13 2.32
C GLY A 163 -50.82 3.02 3.45
N ARG A 164 -51.51 1.88 3.58
CA ARG A 164 -52.43 1.71 4.70
C ARG A 164 -51.69 1.74 6.03
N ILE A 165 -50.40 1.40 6.02
CA ILE A 165 -49.53 1.51 7.19
C ILE A 165 -48.42 2.48 6.85
N LYS A 166 -48.35 3.58 7.60
CA LYS A 166 -47.34 4.61 7.39
C LYS A 166 -46.24 4.44 8.42
N GLU A 167 -45.00 4.30 7.94
CA GLU A 167 -43.86 4.07 8.81
C GLU A 167 -42.60 4.53 8.06
N LYS A 168 -41.66 5.07 8.82
CA LYS A 168 -40.48 5.73 8.26
C LYS A 168 -39.35 4.72 8.27
N HIS A 169 -38.74 4.50 7.11
CA HIS A 169 -37.61 3.59 6.93
C HIS A 169 -37.97 2.17 7.37
N PRO A 170 -38.83 1.47 6.63
CA PRO A 170 -39.23 0.12 7.04
C PRO A 170 -38.07 -0.84 6.97
N ARG A 171 -38.08 -1.80 7.90
CA ARG A 171 -37.05 -2.83 8.00
C ARG A 171 -37.69 -4.09 8.59
N PRO A 172 -37.13 -5.26 8.30
CA PRO A 172 -37.71 -6.50 8.85
C PRO A 172 -37.75 -6.46 10.36
N GLY A 173 -38.87 -6.92 10.92
CA GLY A 173 -39.03 -6.91 12.36
C GLY A 173 -37.98 -7.79 13.03
N VAL A 174 -37.47 -7.28 14.16
CA VAL A 174 -36.48 -8.04 14.91
C VAL A 174 -37.11 -9.31 15.45
N HIS A 175 -36.36 -10.41 15.42
CA HIS A 175 -36.83 -11.69 15.91
C HIS A 175 -35.64 -12.46 16.45
N LYS A 176 -35.61 -12.65 17.76
CA LYS A 176 -34.56 -13.43 18.41
C LYS A 176 -35.06 -14.84 18.65
N VAL A 177 -34.26 -15.82 18.25
CA VAL A 177 -34.64 -17.23 18.30
C VAL A 177 -33.65 -17.96 19.18
N GLY A 178 -34.16 -18.75 20.12
CA GLY A 178 -33.34 -19.52 21.02
C GLY A 178 -33.48 -21.01 20.76
N ILE A 179 -32.36 -21.64 20.42
CA ILE A 179 -32.33 -23.08 20.18
C ILE A 179 -31.65 -23.73 21.38
N PRO A 180 -32.03 -24.94 21.76
CA PRO A 180 -31.31 -25.62 22.85
C PRO A 180 -29.85 -25.81 22.49
N VAL A 181 -28.98 -25.65 23.49
CA VAL A 181 -27.56 -25.83 23.28
C VAL A 181 -27.26 -27.30 23.04
N SER A 182 -26.27 -27.57 22.18
CA SER A 182 -25.93 -28.94 21.83
C SER A 182 -25.46 -29.73 23.04
N ASN A 183 -24.65 -29.10 23.90
CA ASN A 183 -24.06 -29.76 25.05
C ASN A 183 -24.49 -29.06 26.32
N TRP A 184 -25.14 -29.80 27.22
CA TRP A 184 -25.48 -29.31 28.54
C TRP A 184 -24.99 -30.32 29.57
N ASP A 185 -24.29 -29.83 30.58
CA ASP A 185 -23.67 -30.70 31.58
C ASP A 185 -24.71 -31.19 32.56
N GLU A 186 -24.96 -32.49 32.58
CA GLU A 186 -25.87 -33.06 33.55
C GLU A 186 -25.36 -32.86 34.98
N ASP A 187 -24.06 -33.04 35.19
CA ASP A 187 -23.43 -32.86 36.49
C ASP A 187 -22.87 -31.45 36.55
N TRP A 188 -23.61 -30.54 37.18
CA TRP A 188 -23.19 -29.16 37.33
C TRP A 188 -23.87 -28.60 38.58
N VAL A 189 -23.16 -27.71 39.28
CA VAL A 189 -23.65 -27.15 40.54
C VAL A 189 -23.80 -25.64 40.37
N GLY A 190 -24.98 -25.14 40.71
CA GLY A 190 -25.25 -23.73 40.68
C GLY A 190 -26.19 -23.33 41.80
N PRO A 191 -26.24 -22.05 42.15
CA PRO A 191 -27.09 -21.61 43.26
C PRO A 191 -28.56 -21.87 42.98
N PHE A 192 -29.04 -21.32 41.86
CA PHE A 192 -30.37 -21.58 41.34
C PHE A 192 -30.46 -20.94 39.97
N MET A 193 -31.12 -21.62 39.04
CA MET A 193 -31.27 -21.11 37.69
C MET A 193 -32.45 -21.80 37.03
N ASP A 194 -33.10 -21.13 36.09
CA ASP A 194 -34.24 -21.71 35.41
C ASP A 194 -33.79 -22.38 34.10
N GLU A 195 -34.58 -23.37 33.68
CA GLU A 195 -34.19 -24.18 32.52
C GLU A 195 -34.13 -23.34 31.26
N GLU A 196 -35.01 -22.35 31.14
CA GLU A 196 -35.08 -21.55 29.92
C GLU A 196 -33.78 -20.80 29.68
N GLU A 197 -33.18 -20.25 30.74
CA GLU A 197 -31.92 -19.55 30.58
C GLU A 197 -30.73 -20.50 30.59
N ALA A 198 -30.82 -21.58 31.36
CA ALA A 198 -29.67 -22.48 31.49
C ALA A 198 -29.44 -23.30 30.23
N ARG A 199 -30.49 -23.88 29.67
CA ARG A 199 -30.34 -24.86 28.60
C ARG A 199 -30.48 -24.27 27.20
N ARG A 200 -30.95 -23.04 27.08
CA ARG A 200 -31.26 -22.45 25.77
C ARG A 200 -30.34 -21.26 25.51
N MET A 201 -29.95 -21.09 24.24
CA MET A 201 -29.07 -20.00 23.85
C MET A 201 -29.80 -19.04 22.93
N TRP A 202 -29.73 -17.76 23.25
CA TRP A 202 -30.48 -16.69 22.61
C TRP A 202 -29.61 -15.95 21.61
N TYR A 203 -30.19 -15.64 20.45
CA TYR A 203 -29.45 -14.99 19.38
C TYR A 203 -30.37 -14.06 18.61
N THR A 204 -29.82 -12.91 18.19
CA THR A 204 -30.55 -11.94 17.38
C THR A 204 -29.59 -11.14 16.51
N PRO A 205 -29.84 -11.07 15.20
CA PRO A 205 -29.01 -10.22 14.34
C PRO A 205 -29.46 -8.78 14.41
N VAL A 206 -28.50 -7.87 14.31
CA VAL A 206 -28.76 -6.45 14.51
C VAL A 206 -28.37 -5.68 13.25
N TYR A 207 -29.29 -4.84 12.80
CA TYR A 207 -29.01 -3.92 11.71
C TYR A 207 -28.35 -2.63 12.19
N CYS A 208 -28.54 -2.25 13.46
CA CYS A 208 -28.32 -0.88 13.94
C CYS A 208 -27.00 -0.32 13.43
N PRO A 209 -27.04 0.61 12.48
CA PRO A 209 -25.79 1.11 11.90
C PRO A 209 -25.08 2.11 12.80
N HIS A 210 -25.81 3.03 13.38
CA HIS A 210 -25.27 4.00 14.30
C HIS A 210 -25.62 3.53 15.70
N PRO A 211 -24.72 2.88 16.43
CA PRO A 211 -25.16 2.09 17.59
C PRO A 211 -25.86 2.89 18.68
N ILE A 212 -26.14 4.18 18.47
CA ILE A 212 -26.84 4.96 19.47
C ILE A 212 -28.31 4.54 19.56
N ASP A 213 -28.98 4.31 18.43
CA ASP A 213 -30.38 3.93 18.46
C ASP A 213 -30.56 2.42 18.53
N PHE A 214 -29.61 1.72 19.15
CA PHE A 214 -29.74 0.29 19.37
C PHE A 214 -31.00 -0.03 20.16
N SER A 215 -31.27 0.75 21.20
CA SER A 215 -32.52 0.59 21.97
C SER A 215 -33.73 1.18 21.26
N ASN A 216 -33.54 2.09 20.31
CA ASN A 216 -34.67 2.71 19.63
C ASN A 216 -35.30 1.78 18.60
N LEU A 217 -34.52 0.89 17.99
CA LEU A 217 -35.05 0.00 16.96
C LEU A 217 -35.73 -1.24 17.54
N GLY A 218 -35.78 -1.37 18.86
CA GLY A 218 -36.44 -2.49 19.49
C GLY A 218 -35.54 -3.62 19.92
N TYR A 219 -34.23 -3.45 19.83
CA TYR A 219 -33.31 -4.51 20.22
C TYR A 219 -33.17 -4.56 21.74
N ARG A 220 -33.35 -5.74 22.31
CA ARG A 220 -33.18 -5.94 23.74
C ARG A 220 -32.26 -7.12 23.99
N LEU A 221 -31.60 -7.06 25.15
CA LEU A 221 -30.75 -8.14 25.61
C LEU A 221 -31.48 -8.96 26.67
N ARG A 222 -30.95 -10.17 26.92
CA ARG A 222 -31.64 -11.07 27.83
C ARG A 222 -31.67 -10.51 29.25
N CYS A 223 -30.66 -9.73 29.63
CA CYS A 223 -30.69 -9.08 30.93
C CYS A 223 -31.90 -8.16 31.06
N VAL A 224 -32.14 -7.33 30.04
CA VAL A 224 -33.29 -6.43 30.08
C VAL A 224 -34.60 -7.24 30.04
N GLU A 225 -34.65 -8.28 29.20
CA GLU A 225 -35.88 -9.04 29.07
C GLU A 225 -36.24 -9.78 30.36
N THR A 226 -35.23 -10.35 31.03
CA THR A 226 -35.48 -11.05 32.29
C THR A 226 -35.58 -10.10 33.48
N GLY A 227 -35.21 -8.84 33.31
CA GLY A 227 -35.29 -7.88 34.38
C GLY A 227 -34.02 -7.75 35.20
N ARG A 228 -33.01 -8.58 34.94
CA ARG A 228 -31.74 -8.42 35.62
C ARG A 228 -31.09 -7.11 35.17
N ARG A 229 -30.58 -6.36 36.15
CA ARG A 229 -30.14 -4.98 35.93
C ARG A 229 -28.66 -4.92 36.26
N PRO A 230 -27.79 -5.17 35.28
CA PRO A 230 -26.35 -5.23 35.57
C PRO A 230 -25.82 -3.87 36.00
N ARG A 231 -24.81 -3.91 36.88
CA ARG A 231 -24.16 -2.71 37.36
C ARG A 231 -22.71 -2.59 36.92
N LEU A 232 -22.05 -3.70 36.65
CA LEU A 232 -20.71 -3.70 36.07
C LEU A 232 -20.75 -4.52 34.79
N MET A 233 -20.25 -3.93 33.70
CA MET A 233 -20.24 -4.61 32.42
C MET A 233 -18.82 -4.62 31.87
N ILE A 234 -18.36 -5.79 31.46
CA ILE A 234 -16.98 -5.99 31.06
C ILE A 234 -16.94 -6.31 29.57
N CYS A 235 -15.99 -5.71 28.85
CA CYS A 235 -15.83 -5.92 27.42
C CYS A 235 -14.54 -6.69 27.16
N ILE A 236 -14.62 -7.67 26.28
CA ILE A 236 -13.47 -8.48 25.89
C ILE A 236 -13.38 -8.41 24.37
N THR A 237 -12.62 -7.46 23.85
CA THR A 237 -12.42 -7.37 22.41
C THR A 237 -11.52 -8.52 21.95
N MET A 238 -11.99 -9.27 20.95
CA MET A 238 -11.27 -10.43 20.47
C MET A 238 -11.26 -10.42 18.95
N TYR A 239 -10.11 -10.75 18.37
CA TYR A 239 -9.93 -10.72 16.93
C TYR A 239 -8.74 -11.61 16.57
N ASN A 240 -9.02 -12.71 15.87
CA ASN A 240 -7.98 -13.64 15.39
C ASN A 240 -7.15 -14.09 16.60
N GLU A 241 -7.77 -14.90 17.44
CA GLU A 241 -7.12 -15.38 18.64
C GLU A 241 -7.45 -16.84 18.86
N GLY A 242 -6.51 -17.56 19.46
CA GLY A 242 -6.69 -18.96 19.73
C GLY A 242 -7.67 -19.17 20.87
N PRO A 243 -8.22 -20.39 20.96
CA PRO A 243 -9.15 -20.68 22.05
C PRO A 243 -8.53 -20.56 23.43
N GLN A 244 -7.22 -20.77 23.55
CA GLN A 244 -6.59 -20.80 24.87
C GLN A 244 -6.66 -19.44 25.55
N GLN A 245 -6.43 -18.36 24.80
CA GLN A 245 -6.48 -17.03 25.40
C GLN A 245 -7.87 -16.71 25.92
N LEU A 246 -8.89 -16.99 25.12
CA LEU A 246 -10.27 -16.71 25.54
C LEU A 246 -10.65 -17.58 26.72
N LYS A 247 -10.25 -18.85 26.71
CA LYS A 247 -10.56 -19.73 27.82
C LYS A 247 -9.89 -19.25 29.11
N ALA A 248 -8.64 -18.81 29.01
CA ALA A 248 -7.96 -18.28 30.19
C ALA A 248 -8.65 -17.03 30.71
N THR A 249 -9.05 -16.13 29.81
CA THR A 249 -9.73 -14.91 30.24
C THR A 249 -11.06 -15.23 30.93
N LEU A 250 -11.83 -16.15 30.37
CA LEU A 250 -13.12 -16.49 30.96
C LEU A 250 -12.95 -17.21 32.30
N LYS A 251 -11.95 -18.10 32.39
CA LYS A 251 -11.67 -18.74 33.67
C LYS A 251 -11.28 -17.73 34.73
N LYS A 252 -10.46 -16.75 34.37
CA LYS A 252 -10.05 -15.74 35.33
C LYS A 252 -11.22 -14.87 35.76
N LEU A 253 -12.12 -14.54 34.83
CA LEU A 253 -13.31 -13.77 35.18
C LEU A 253 -14.21 -14.56 36.13
N ALA A 254 -14.36 -15.87 35.87
CA ALA A 254 -15.13 -16.70 36.78
C ALA A 254 -14.48 -16.77 38.17
N ASN A 255 -13.15 -16.79 38.21
CA ASN A 255 -12.46 -16.76 39.48
C ASN A 255 -12.73 -15.46 40.23
N ASN A 256 -12.74 -14.33 39.51
CA ASN A 256 -13.06 -13.05 40.13
C ASN A 256 -14.49 -13.07 40.69
N LEU A 257 -15.43 -13.63 39.93
CA LEU A 257 -16.81 -13.69 40.41
C LEU A 257 -16.90 -14.57 41.66
N ALA A 258 -16.18 -15.69 41.68
CA ALA A 258 -16.18 -16.55 42.86
C ALA A 258 -15.59 -15.82 44.07
N TYR A 259 -14.51 -15.07 43.86
CA TYR A 259 -13.93 -14.29 44.95
C TYR A 259 -14.90 -13.24 45.46
N LEU A 260 -15.64 -12.61 44.56
CA LEU A 260 -16.64 -11.63 44.98
C LEU A 260 -17.76 -12.31 45.77
N LYS A 261 -18.12 -13.54 45.40
CA LYS A 261 -19.08 -14.31 46.18
C LYS A 261 -18.55 -14.58 47.58
N GLU A 262 -17.29 -14.97 47.69
CA GLU A 262 -16.78 -15.46 48.98
C GLU A 262 -16.40 -14.34 49.94
N GLN A 263 -16.89 -13.12 49.81
CA GLN A 263 -16.57 -12.07 50.76
C GLN A 263 -17.37 -12.23 52.05
N MET A 264 -16.71 -12.06 53.18
CA MET A 264 -17.38 -12.18 54.47
C MET A 264 -18.26 -10.96 54.73
N PRO A 265 -19.56 -11.15 54.96
CA PRO A 265 -20.44 -10.03 55.27
C PRO A 265 -20.18 -9.47 56.66
N GLY A 266 -20.69 -8.25 56.87
CA GLY A 266 -20.63 -7.64 58.19
C GLY A 266 -19.24 -7.34 58.69
N ASP A 267 -18.35 -6.87 57.81
CA ASP A 267 -17.02 -6.44 58.21
C ASP A 267 -16.65 -5.18 57.44
N GLU A 268 -15.65 -4.47 57.97
CA GLU A 268 -15.28 -3.17 57.42
C GLU A 268 -14.74 -3.27 56.00
N LYS A 269 -13.93 -4.31 55.74
CA LYS A 269 -13.16 -4.36 54.50
C LYS A 269 -14.01 -4.68 53.28
N SER A 270 -14.93 -5.65 53.39
CA SER A 270 -15.63 -6.15 52.22
C SER A 270 -16.65 -5.15 51.69
N LEU A 271 -16.96 -5.27 50.42
CA LEU A 271 -17.98 -4.43 49.79
C LEU A 271 -19.36 -4.77 50.33
N THR A 272 -20.25 -3.79 50.29
CA THR A 272 -21.64 -3.96 50.69
C THR A 272 -22.54 -3.48 49.57
N GLY A 273 -23.66 -4.19 49.39
CA GLY A 273 -24.65 -3.78 48.42
C GLY A 273 -24.81 -4.71 47.24
N ALA A 274 -24.66 -4.16 46.02
CA ALA A 274 -24.95 -4.90 44.81
C ALA A 274 -23.96 -6.02 44.54
N PHE A 275 -22.78 -5.98 45.16
CA PHE A 275 -21.74 -6.97 44.89
C PHE A 275 -21.54 -7.93 46.06
N ALA A 276 -22.60 -8.24 46.80
CA ALA A 276 -22.52 -9.17 47.91
C ALA A 276 -22.48 -10.60 47.38
N GLY A 277 -22.44 -11.57 48.30
CA GLY A 277 -22.31 -12.96 47.89
C GLY A 277 -23.63 -13.56 47.41
N ASP A 278 -23.50 -14.68 46.70
CA ASP A 278 -24.60 -15.54 46.30
C ASP A 278 -25.46 -14.91 45.21
N ASP A 279 -25.14 -13.68 44.80
CA ASP A 279 -25.91 -13.01 43.76
C ASP A 279 -25.07 -12.07 42.89
N VAL A 280 -23.74 -12.08 43.02
CA VAL A 280 -22.92 -11.13 42.27
C VAL A 280 -22.84 -11.52 40.81
N TRP A 281 -23.04 -12.81 40.50
CA TRP A 281 -22.96 -13.25 39.11
C TRP A 281 -24.07 -12.68 38.24
N GLN A 282 -25.20 -12.29 38.84
CA GLN A 282 -26.29 -11.68 38.09
C GLN A 282 -26.03 -10.23 37.75
N ASN A 283 -25.22 -9.52 38.53
CA ASN A 283 -25.03 -8.08 38.39
C ASN A 283 -23.85 -7.73 37.50
N VAL A 284 -23.17 -8.72 36.93
CA VAL A 284 -22.00 -8.49 36.09
C VAL A 284 -22.24 -9.13 34.73
N LEU A 285 -22.11 -8.35 33.66
CA LEU A 285 -22.26 -8.83 32.31
C LEU A 285 -20.92 -8.72 31.58
N VAL A 286 -20.50 -9.81 30.96
CA VAL A 286 -19.24 -9.87 30.22
C VAL A 286 -19.58 -9.88 28.75
N CYS A 287 -19.20 -8.81 28.04
CA CYS A 287 -19.59 -8.62 26.65
C CYS A 287 -18.38 -8.86 25.76
N ILE A 288 -18.41 -9.94 25.00
CA ILE A 288 -17.34 -10.30 24.06
C ILE A 288 -17.72 -9.69 22.72
N VAL A 289 -16.84 -8.87 22.18
CA VAL A 289 -17.09 -8.21 20.90
C VAL A 289 -16.00 -8.69 19.93
N ALA A 290 -16.41 -9.44 18.91
CA ALA A 290 -15.50 -9.83 17.86
C ALA A 290 -15.27 -8.67 16.91
N ASP A 291 -14.34 -8.86 15.97
CA ASP A 291 -14.02 -7.81 15.01
C ASP A 291 -14.37 -8.17 13.58
N GLY A 292 -14.44 -9.45 13.26
CA GLY A 292 -14.85 -9.86 11.92
C GLY A 292 -15.07 -11.35 11.81
N ARG A 293 -16.20 -11.75 11.22
CA ARG A 293 -16.47 -13.16 11.02
C ARG A 293 -15.52 -13.78 10.01
N GLU A 294 -14.85 -12.95 9.21
CA GLU A 294 -13.87 -13.43 8.25
C GLU A 294 -12.49 -13.64 8.85
N GLN A 295 -12.25 -13.18 10.09
CA GLN A 295 -10.93 -13.23 10.68
C GLN A 295 -10.85 -13.99 12.00
N VAL A 296 -11.99 -14.29 12.64
CA VAL A 296 -11.95 -15.05 13.88
C VAL A 296 -11.41 -16.46 13.59
N HIS A 297 -10.70 -17.01 14.56
CA HIS A 297 -10.05 -18.29 14.38
C HIS A 297 -11.09 -19.41 14.35
N PRO A 298 -11.00 -20.34 13.39
CA PRO A 298 -11.95 -21.46 13.39
C PRO A 298 -11.92 -22.28 14.67
N LYS A 299 -10.74 -22.44 15.28
CA LYS A 299 -10.68 -23.09 16.58
C LYS A 299 -11.39 -22.26 17.65
N THR A 300 -11.35 -20.94 17.49
CA THR A 300 -12.02 -20.04 18.41
C THR A 300 -13.53 -20.26 18.28
N LEU A 301 -14.01 -20.39 17.05
CA LEU A 301 -15.43 -20.62 16.81
C LEU A 301 -15.86 -21.99 17.34
N ASP A 302 -15.00 -23.00 17.18
CA ASP A 302 -15.31 -24.31 17.74
C ASP A 302 -15.41 -24.26 19.25
N TYR A 303 -14.50 -23.52 19.89
CA TYR A 303 -14.59 -23.33 21.34
C TYR A 303 -15.88 -22.62 21.73
N LEU A 304 -16.28 -21.62 20.94
CA LEU A 304 -17.50 -20.88 21.24
C LEU A 304 -18.72 -21.79 21.13
N GLU A 305 -18.74 -22.68 20.14
CA GLU A 305 -19.77 -23.71 20.10
C GLU A 305 -19.70 -24.60 21.33
N ALA A 306 -18.48 -24.95 21.77
CA ALA A 306 -18.32 -25.83 22.92
C ALA A 306 -18.91 -25.23 24.18
N ILE A 307 -18.70 -23.92 24.39
CA ILE A 307 -19.24 -23.27 25.57
C ILE A 307 -20.69 -22.89 25.31
N GLY A 308 -21.18 -23.19 24.11
CA GLY A 308 -22.56 -22.94 23.77
C GLY A 308 -22.92 -21.48 23.61
N LEU A 309 -22.27 -20.81 22.66
CA LEU A 309 -22.51 -19.39 22.44
C LEU A 309 -22.43 -19.01 20.97
N TYR A 310 -22.32 -19.98 20.06
CA TYR A 310 -22.24 -19.68 18.63
C TYR A 310 -22.84 -20.85 17.86
N ASP A 311 -23.59 -20.53 16.81
CA ASP A 311 -24.22 -21.56 15.99
C ASP A 311 -24.17 -21.11 14.54
N GLU A 312 -23.33 -21.76 13.73
CA GLU A 312 -23.13 -21.34 12.35
C GLU A 312 -24.40 -21.49 11.53
N ASP A 313 -25.12 -22.61 11.69
CA ASP A 313 -26.36 -22.82 10.95
C ASP A 313 -27.39 -21.75 11.29
N LEU A 314 -27.57 -21.49 12.59
CA LEU A 314 -28.55 -20.49 13.01
C LEU A 314 -28.18 -19.11 12.48
N LEU A 315 -26.90 -18.75 12.53
CA LEU A 315 -26.48 -17.46 12.00
C LEU A 315 -26.74 -17.38 10.50
N THR A 316 -26.35 -18.43 9.75
CA THR A 316 -26.48 -18.40 8.31
C THR A 316 -27.93 -18.31 7.87
N ILE A 317 -28.84 -18.95 8.61
CA ILE A 317 -30.24 -18.90 8.20
C ILE A 317 -30.90 -17.61 8.66
N ASN A 318 -30.85 -17.33 9.97
CA ASN A 318 -31.55 -16.17 10.51
C ASN A 318 -30.97 -14.83 10.09
N SER A 319 -29.75 -14.81 9.54
CA SER A 319 -29.14 -13.57 9.07
C SER A 319 -29.19 -13.45 7.56
N ALA A 320 -30.15 -14.10 6.92
CA ALA A 320 -30.19 -14.13 5.45
C ALA A 320 -30.59 -12.77 4.89
N GLY A 321 -31.81 -12.32 5.18
CA GLY A 321 -32.32 -11.12 4.56
C GLY A 321 -32.22 -9.88 5.43
N ILE A 322 -31.85 -10.07 6.70
CA ILE A 322 -31.75 -8.93 7.61
C ILE A 322 -30.62 -8.01 7.21
N GLY A 323 -29.52 -8.56 6.69
CA GLY A 323 -28.37 -7.76 6.35
C GLY A 323 -27.71 -7.14 7.56
N ALA A 324 -27.56 -7.93 8.61
CA ALA A 324 -27.05 -7.42 9.88
C ALA A 324 -25.59 -7.01 9.76
N GLN A 325 -25.25 -5.90 10.43
CA GLN A 325 -23.86 -5.46 10.49
C GLN A 325 -23.06 -6.31 11.47
N CYS A 326 -23.71 -6.83 12.50
CA CYS A 326 -23.08 -7.75 13.43
C CYS A 326 -24.14 -8.68 13.99
N HIS A 327 -23.70 -9.80 14.57
CA HIS A 327 -24.58 -10.79 15.15
C HIS A 327 -24.21 -11.00 16.61
N LEU A 328 -25.19 -10.85 17.50
CA LEU A 328 -24.96 -10.99 18.93
C LEU A 328 -25.66 -12.23 19.46
N PHE A 329 -24.90 -13.06 20.17
CA PHE A 329 -25.43 -14.24 20.86
C PHE A 329 -25.34 -14.02 22.36
N GLU A 330 -26.37 -14.47 23.06
CA GLU A 330 -26.43 -14.30 24.51
C GLU A 330 -26.57 -15.67 25.18
N HIS A 331 -25.77 -15.90 26.21
CA HIS A 331 -25.83 -17.15 26.95
C HIS A 331 -25.16 -16.97 28.30
N THR A 332 -25.86 -17.38 29.36
CA THR A 332 -25.29 -17.43 30.70
C THR A 332 -24.44 -18.70 30.78
N LEU A 333 -23.28 -18.65 30.14
CA LEU A 333 -22.49 -19.86 29.94
C LEU A 333 -21.98 -20.41 31.25
N GLN A 334 -22.00 -21.75 31.35
CA GLN A 334 -21.51 -22.47 32.51
C GLN A 334 -20.17 -23.09 32.14
N LEU A 335 -19.16 -22.85 32.97
CA LEU A 335 -17.81 -23.33 32.72
C LEU A 335 -17.41 -24.30 33.81
N SER A 336 -16.72 -25.37 33.41
CA SER A 336 -16.25 -26.39 34.35
C SER A 336 -14.74 -26.55 34.16
N VAL A 337 -14.01 -26.54 35.27
CA VAL A 337 -12.57 -26.76 35.26
C VAL A 337 -12.27 -27.88 36.25
N ASN A 338 -11.86 -29.04 35.72
CA ASN A 338 -11.54 -30.23 36.51
C ASN A 338 -12.76 -30.59 37.34
N GLY A 339 -12.64 -30.87 38.63
CA GLY A 339 -13.77 -31.17 39.48
C GLY A 339 -14.45 -29.97 40.09
N LYS A 340 -14.01 -28.77 39.75
CA LYS A 340 -14.60 -27.54 40.27
C LYS A 340 -15.39 -26.85 39.17
N CYS A 341 -16.65 -26.55 39.45
CA CYS A 341 -17.54 -25.91 38.50
C CYS A 341 -17.48 -24.40 38.70
N LEU A 342 -17.11 -23.68 37.65
CA LEU A 342 -16.97 -22.23 37.74
C LEU A 342 -18.34 -21.57 37.83
N LEU A 343 -18.33 -20.32 38.27
CA LEU A 343 -19.56 -19.56 38.38
C LEU A 343 -20.10 -19.22 36.99
N PRO A 344 -21.43 -19.20 36.83
CA PRO A 344 -21.99 -18.78 35.54
C PRO A 344 -21.66 -17.33 35.25
N ILE A 345 -21.42 -17.04 33.98
CA ILE A 345 -21.04 -15.70 33.54
C ILE A 345 -22.09 -15.22 32.56
N GLN A 346 -22.67 -14.06 32.84
CA GLN A 346 -23.67 -13.48 31.96
C GLN A 346 -22.95 -12.88 30.75
N THR A 347 -23.06 -13.53 29.60
CA THR A 347 -22.23 -13.22 28.45
C THR A 347 -23.07 -12.80 27.25
N VAL A 348 -22.59 -11.78 26.54
CA VAL A 348 -23.17 -11.34 25.27
C VAL A 348 -22.02 -11.28 24.29
N PHE A 349 -22.15 -11.99 23.17
CA PHE A 349 -21.07 -12.10 22.19
C PHE A 349 -21.52 -11.44 20.89
N ALA A 350 -21.05 -10.22 20.65
CA ALA A 350 -21.41 -9.45 19.48
C ALA A 350 -20.32 -9.65 18.43
N LEU A 351 -20.63 -10.43 17.40
CA LEU A 351 -19.68 -10.76 16.35
C LEU A 351 -19.97 -9.87 15.15
N LYS A 352 -18.98 -9.05 14.77
CA LYS A 352 -19.15 -8.09 13.69
C LYS A 352 -18.95 -8.75 12.34
N GLU A 353 -19.87 -8.47 11.41
CA GLU A 353 -19.81 -9.09 10.09
C GLU A 353 -18.62 -8.57 9.30
N ASN A 354 -18.45 -7.26 9.24
CA ASN A 354 -17.38 -6.63 8.50
C ASN A 354 -16.25 -6.23 9.44
N LYS A 355 -15.02 -6.42 8.97
CA LYS A 355 -13.85 -6.09 9.78
C LYS A 355 -13.79 -4.59 10.04
N ALA A 356 -13.41 -4.23 11.27
CA ALA A 356 -13.24 -2.85 11.65
C ALA A 356 -12.12 -2.77 12.68
N SER A 357 -12.05 -1.66 13.38
CA SER A 357 -10.98 -1.46 14.35
C SER A 357 -11.48 -1.72 15.77
N LYS A 358 -10.52 -1.81 16.69
CA LYS A 358 -10.86 -1.88 18.12
C LYS A 358 -11.66 -0.65 18.54
N LEU A 359 -11.42 0.49 17.89
CA LEU A 359 -12.24 1.67 18.15
C LEU A 359 -13.69 1.43 17.76
N ASP A 360 -13.94 0.75 16.64
CA ASP A 360 -15.31 0.44 16.26
C ASP A 360 -15.92 -0.61 17.19
N SER A 361 -15.12 -1.57 17.63
CA SER A 361 -15.61 -2.53 18.60
C SER A 361 -16.06 -1.83 19.88
N HIS A 362 -15.26 -0.89 20.37
CA HIS A 362 -15.66 -0.11 21.53
C HIS A 362 -16.84 0.79 21.22
N HIS A 363 -16.96 1.28 19.98
CA HIS A 363 -18.12 2.07 19.61
C HIS A 363 -19.40 1.25 19.79
N TRP A 364 -19.42 0.05 19.19
CA TRP A 364 -20.57 -0.84 19.36
C TRP A 364 -20.82 -1.10 20.84
N TYR A 365 -19.79 -1.57 21.54
CA TYR A 365 -19.92 -1.95 22.94
C TYR A 365 -20.48 -0.80 23.77
N PHE A 366 -19.71 0.28 23.89
CA PHE A 366 -20.11 1.43 24.69
C PHE A 366 -21.47 1.93 24.26
N ASN A 367 -21.58 2.46 23.05
CA ASN A 367 -22.82 3.13 22.66
C ASN A 367 -24.00 2.18 22.84
N ALA A 368 -24.07 1.09 22.07
CA ALA A 368 -25.25 0.24 22.12
C ALA A 368 -25.49 -0.30 23.52
N PHE A 369 -24.58 -1.15 24.01
CA PHE A 369 -24.90 -1.92 25.20
C PHE A 369 -24.92 -1.04 26.44
N ALA A 370 -23.95 -0.13 26.60
CA ALA A 370 -23.97 0.75 27.76
C ALA A 370 -25.19 1.66 27.75
N GLU A 371 -25.51 2.27 26.61
CA GLU A 371 -26.69 3.14 26.56
C GLU A 371 -27.96 2.36 26.84
N GLN A 372 -27.94 1.05 26.58
CA GLN A 372 -29.12 0.25 26.91
C GLN A 372 -29.21 -0.05 28.40
N ILE A 373 -28.24 -0.81 28.93
CA ILE A 373 -28.45 -1.36 30.27
C ILE A 373 -28.09 -0.34 31.34
N GLN A 374 -27.36 0.70 30.97
CA GLN A 374 -27.00 1.80 31.88
C GLN A 374 -26.29 1.26 33.12
N PRO A 375 -25.04 0.86 32.99
CA PRO A 375 -24.31 0.29 34.13
C PRO A 375 -23.86 1.39 35.07
N GLU A 376 -23.24 0.97 36.17
CA GLU A 376 -22.64 1.89 37.13
C GLU A 376 -21.14 2.03 36.91
N TYR A 377 -20.47 0.93 36.61
CA TYR A 377 -19.07 0.93 36.21
C TYR A 377 -18.91 0.13 34.93
N THR A 378 -18.03 0.60 34.06
CA THR A 378 -17.78 -0.04 32.77
C THR A 378 -16.29 -0.36 32.68
N ALA A 379 -15.97 -1.64 32.51
CA ALA A 379 -14.60 -2.11 32.45
C ALA A 379 -14.28 -2.59 31.05
N VAL A 380 -13.05 -2.34 30.62
CA VAL A 380 -12.59 -2.72 29.29
C VAL A 380 -11.29 -3.50 29.42
N MET A 381 -11.24 -4.68 28.82
CA MET A 381 -10.00 -5.45 28.75
C MET A 381 -9.87 -6.02 27.34
N ASP A 382 -8.63 -6.29 26.96
CA ASP A 382 -8.34 -7.01 25.74
C ASP A 382 -8.49 -8.50 26.04
N VAL A 383 -8.38 -9.34 25.01
CA VAL A 383 -8.47 -10.78 25.18
C VAL A 383 -7.08 -11.29 25.54
N GLY A 384 -7.03 -12.33 26.37
CA GLY A 384 -5.77 -12.88 26.81
C GLY A 384 -5.25 -12.31 28.11
N THR A 385 -5.93 -11.32 28.69
CA THR A 385 -5.50 -10.73 29.95
C THR A 385 -6.09 -11.53 31.10
N MET A 386 -5.24 -12.24 31.83
CA MET A 386 -5.65 -13.02 32.99
C MET A 386 -5.62 -12.11 34.22
N LEU A 387 -6.72 -12.05 34.95
CA LEU A 387 -6.80 -11.27 36.17
C LEU A 387 -6.66 -12.16 37.38
N THR A 388 -6.02 -11.64 38.43
CA THR A 388 -5.93 -12.39 39.67
C THR A 388 -7.31 -12.49 40.31
N LYS A 389 -7.39 -13.21 41.44
CA LYS A 389 -8.66 -13.39 42.11
C LYS A 389 -9.24 -12.07 42.63
N SER A 390 -8.43 -11.05 42.82
CA SER A 390 -8.86 -9.83 43.49
C SER A 390 -8.78 -8.58 42.62
N ALA A 391 -8.63 -8.72 41.31
CA ALA A 391 -8.57 -7.55 40.44
C ALA A 391 -9.89 -6.78 40.47
N LEU A 392 -11.00 -7.47 40.22
CA LEU A 392 -12.30 -6.81 40.25
C LEU A 392 -12.63 -6.30 41.64
N TYR A 393 -12.27 -7.07 42.68
CA TYR A 393 -12.52 -6.61 44.04
C TYR A 393 -11.78 -5.32 44.34
N HIS A 394 -10.51 -5.24 43.94
CA HIS A 394 -9.75 -4.03 44.20
C HIS A 394 -10.27 -2.85 43.41
N LEU A 395 -10.64 -3.07 42.14
CA LEU A 395 -11.20 -1.98 41.35
C LEU A 395 -12.49 -1.45 41.97
N LEU A 396 -13.38 -2.35 42.38
CA LEU A 396 -14.64 -1.91 42.94
C LEU A 396 -14.45 -1.31 44.33
N PHE A 397 -13.47 -1.80 45.09
CA PHE A 397 -13.16 -1.18 46.37
C PHE A 397 -12.71 0.26 46.16
N ALA A 398 -11.83 0.48 45.19
CA ALA A 398 -11.41 1.84 44.87
C ALA A 398 -12.60 2.70 44.48
N PHE A 399 -13.45 2.19 43.59
CA PHE A 399 -14.56 2.99 43.09
C PHE A 399 -15.55 3.35 44.19
N GLU A 400 -15.92 2.38 45.03
CA GLU A 400 -16.83 2.67 46.13
C GLU A 400 -16.22 3.59 47.17
N ARG A 401 -14.99 3.33 47.61
CA ARG A 401 -14.44 4.08 48.73
C ARG A 401 -14.02 5.49 48.33
N ASN A 402 -13.66 5.70 47.06
CA ASN A 402 -13.22 7.03 46.66
C ASN A 402 -14.38 7.93 46.29
N HIS A 403 -15.32 7.41 45.49
CA HIS A 403 -16.51 8.11 45.02
C HIS A 403 -16.19 9.29 44.12
N GLN A 404 -14.92 9.47 43.74
CA GLN A 404 -14.50 10.57 42.88
C GLN A 404 -13.79 10.10 41.62
N ILE A 405 -13.30 8.86 41.60
CA ILE A 405 -12.50 8.34 40.51
C ILE A 405 -13.36 8.26 39.26
N GLY A 406 -12.94 8.95 38.20
CA GLY A 406 -13.67 8.92 36.96
C GLY A 406 -13.24 7.78 36.06
N GLY A 407 -12.25 7.02 36.50
CA GLY A 407 -11.75 5.88 35.75
C GLY A 407 -10.44 5.39 36.31
N ALA A 408 -10.20 4.08 36.22
CA ALA A 408 -8.99 3.49 36.79
C ALA A 408 -8.46 2.44 35.84
N CYS A 409 -7.15 2.17 35.96
CA CYS A 409 -6.49 1.17 35.15
C CYS A 409 -5.71 0.23 36.04
N GLY A 410 -5.76 -1.06 35.74
CA GLY A 410 -5.05 -2.06 36.50
C GLY A 410 -3.62 -2.22 36.05
N GLN A 411 -2.82 -2.85 36.93
CA GLN A 411 -1.43 -3.12 36.62
C GLN A 411 -1.33 -4.15 35.51
N LEU A 412 -0.40 -3.92 34.58
CA LEU A 412 -0.16 -4.82 33.47
C LEU A 412 1.12 -5.60 33.75
N THR A 413 1.03 -6.93 33.68
CA THR A 413 2.13 -7.79 34.07
C THR A 413 2.27 -8.92 33.05
N VAL A 414 3.51 -9.33 32.80
CA VAL A 414 3.81 -10.45 31.92
C VAL A 414 3.63 -11.74 32.70
N ASP A 415 2.87 -12.68 32.12
CA ASP A 415 2.65 -13.96 32.78
C ASP A 415 3.93 -14.77 32.80
N ASN A 416 4.15 -15.52 33.87
CA ASN A 416 5.32 -16.36 34.04
C ASN A 416 6.60 -15.58 33.76
N PRO A 417 6.90 -14.53 34.52
CA PRO A 417 8.17 -13.81 34.28
C PRO A 417 9.38 -14.57 34.79
N PHE A 418 9.23 -15.29 35.91
CA PHE A 418 10.32 -16.11 36.41
C PHE A 418 10.68 -17.22 35.44
N GLU A 419 9.67 -17.87 34.88
CA GLU A 419 9.88 -18.94 33.92
C GLU A 419 10.38 -18.36 32.60
N ASN A 420 11.19 -19.14 31.90
CA ASN A 420 11.80 -18.72 30.62
C ASN A 420 12.59 -17.43 30.78
N LEU A 421 13.44 -17.40 31.82
CA LEU A 421 14.28 -16.24 32.04
C LEU A 421 15.39 -16.12 31.00
N SER A 422 15.63 -17.19 30.23
CA SER A 422 16.65 -17.14 29.20
C SER A 422 16.27 -16.23 28.04
N ASN A 423 14.98 -15.97 27.84
CA ASN A 423 14.55 -15.07 26.77
C ASN A 423 14.81 -13.63 27.20
N TRP A 424 15.52 -12.88 26.36
CA TRP A 424 15.89 -11.53 26.73
C TRP A 424 14.77 -10.53 26.45
N VAL A 425 14.01 -10.75 25.37
CA VAL A 425 12.96 -9.81 25.00
C VAL A 425 11.81 -9.86 25.99
N ILE A 426 11.40 -11.06 26.41
CA ILE A 426 10.33 -11.17 27.40
C ILE A 426 10.74 -10.52 28.71
N SER A 427 11.99 -10.77 29.13
CA SER A 427 12.46 -10.15 30.37
C SER A 427 12.48 -8.63 30.24
N ALA A 428 12.97 -8.11 29.12
CA ALA A 428 13.00 -6.66 28.94
C ALA A 428 11.60 -6.07 28.98
N GLN A 429 10.64 -6.76 28.37
CA GLN A 429 9.25 -6.29 28.42
C GLN A 429 8.72 -6.31 29.83
N HIS A 430 9.05 -7.36 30.60
CA HIS A 430 8.62 -7.42 32.00
C HIS A 430 9.19 -6.26 32.80
N PHE A 431 10.48 -5.98 32.61
CA PHE A 431 11.11 -4.87 33.31
C PHE A 431 10.46 -3.55 32.93
N GLU A 432 10.21 -3.36 31.62
CA GLU A 432 9.58 -2.13 31.18
C GLU A 432 8.20 -1.98 31.79
N TYR A 433 7.42 -3.05 31.81
CA TYR A 433 6.08 -2.99 32.40
C TYR A 433 6.16 -2.62 33.87
N LYS A 434 7.05 -3.29 34.62
CA LYS A 434 7.11 -3.06 36.06
C LYS A 434 7.58 -1.65 36.38
N ILE A 435 8.63 -1.18 35.70
CA ILE A 435 9.14 0.16 35.97
C ILE A 435 8.13 1.21 35.52
N SER A 436 7.56 1.05 34.33
CA SER A 436 6.56 2.00 33.86
C SER A 436 5.40 2.08 34.83
N ASN A 437 4.81 0.94 35.17
CA ASN A 437 3.74 0.91 36.15
C ASN A 437 4.15 1.65 37.41
N ILE A 438 5.15 1.13 38.13
CA ILE A 438 5.51 1.67 39.44
C ILE A 438 5.77 3.16 39.32
N LEU A 439 6.82 3.54 38.60
CA LEU A 439 7.23 4.95 38.58
C LEU A 439 6.15 5.84 37.96
N ASP A 440 5.88 5.65 36.67
CA ASP A 440 5.03 6.58 35.96
C ASP A 440 3.60 6.57 36.50
N LYS A 441 3.02 5.38 36.68
CA LYS A 441 1.63 5.31 37.10
C LYS A 441 1.47 5.79 38.54
N SER A 442 2.44 5.53 39.42
CA SER A 442 2.34 6.06 40.76
C SER A 442 2.41 7.58 40.75
N LEU A 443 3.33 8.14 39.98
CA LEU A 443 3.43 9.60 39.89
C LEU A 443 2.16 10.20 39.32
N GLU A 444 1.57 9.57 38.31
CA GLU A 444 0.37 10.11 37.68
C GLU A 444 -0.85 9.96 38.58
N SER A 445 -0.98 8.82 39.26
CA SER A 445 -2.09 8.62 40.17
C SER A 445 -2.00 9.50 41.41
N CYS A 446 -0.81 9.95 41.77
CA CYS A 446 -0.70 10.96 42.82
C CYS A 446 -1.41 12.24 42.41
N PHE A 447 -1.28 12.62 41.14
CA PHE A 447 -1.85 13.86 40.63
C PHE A 447 -3.18 13.66 39.95
N GLY A 448 -3.73 12.46 39.97
CA GLY A 448 -5.07 12.21 39.46
C GLY A 448 -5.26 12.38 37.97
N PHE A 449 -4.28 11.93 37.17
CA PHE A 449 -4.42 11.93 35.72
C PHE A 449 -3.47 10.88 35.17
N ILE A 450 -4.02 9.86 34.51
CA ILE A 450 -3.25 8.72 34.07
C ILE A 450 -3.40 8.54 32.57
N SER A 451 -2.27 8.40 31.87
CA SER A 451 -2.24 8.00 30.47
C SER A 451 -2.26 6.48 30.44
N VAL A 452 -3.43 5.89 30.20
CA VAL A 452 -3.59 4.45 30.33
C VAL A 452 -2.72 3.74 29.30
N LEU A 453 -2.00 2.73 29.76
CA LEU A 453 -1.21 1.91 28.85
C LEU A 453 -2.14 1.17 27.88
N PRO A 454 -1.80 1.11 26.59
CA PRO A 454 -2.65 0.37 25.66
C PRO A 454 -2.72 -1.11 26.01
N GLY A 455 -3.90 -1.69 25.86
CA GLY A 455 -4.13 -3.07 26.19
C GLY A 455 -4.34 -3.35 27.68
N ALA A 456 -4.15 -2.35 28.54
CA ALA A 456 -4.30 -2.55 29.97
C ALA A 456 -5.76 -2.73 30.34
N PHE A 457 -5.99 -3.41 31.45
CA PHE A 457 -7.34 -3.64 31.97
C PHE A 457 -7.79 -2.38 32.69
N SER A 458 -8.50 -1.52 31.99
CA SER A 458 -8.96 -0.25 32.52
C SER A 458 -10.48 -0.28 32.69
N ALA A 459 -10.96 0.46 33.69
CA ALA A 459 -12.38 0.51 33.97
C ALA A 459 -12.77 1.95 34.26
N TYR A 460 -14.00 2.30 33.90
CA TYR A 460 -14.56 3.61 34.14
C TYR A 460 -15.92 3.44 34.80
N ARG A 461 -16.48 4.54 35.29
CA ARG A 461 -17.86 4.56 35.76
C ARG A 461 -18.70 5.33 34.75
N TYR A 462 -19.88 4.79 34.46
CA TYR A 462 -20.70 5.36 33.39
C TYR A 462 -21.49 6.56 33.89
N GLU A 463 -20.77 7.52 34.47
CA GLU A 463 -21.35 8.80 34.87
C GLU A 463 -20.39 9.90 34.41
N ALA A 464 -19.12 9.53 34.27
CA ALA A 464 -18.09 10.43 33.78
C ALA A 464 -17.73 10.20 32.33
N ILE A 465 -18.42 9.28 31.67
CA ILE A 465 -18.12 8.91 30.30
C ILE A 465 -19.36 9.02 29.41
N ARG A 466 -20.52 9.27 30.03
CA ARG A 466 -21.81 9.20 29.35
C ARG A 466 -21.83 10.01 28.05
N GLY A 467 -21.38 11.26 28.09
CA GLY A 467 -21.57 12.15 26.95
C GLY A 467 -20.32 12.60 26.23
N ALA A 468 -19.86 13.81 26.56
CA ALA A 468 -18.75 14.42 25.85
C ALA A 468 -17.48 13.57 25.81
N PRO A 469 -17.06 12.89 26.88
CA PRO A 469 -15.88 12.02 26.74
C PRO A 469 -16.03 10.95 25.67
N LEU A 470 -17.17 10.26 25.63
CA LEU A 470 -17.35 9.24 24.61
C LEU A 470 -17.47 9.86 23.22
N ASP A 471 -18.11 11.03 23.12
CA ASP A 471 -18.22 11.70 21.83
C ASP A 471 -16.85 12.06 21.29
N ALA A 472 -15.98 12.59 22.14
CA ALA A 472 -14.60 12.85 21.73
C ALA A 472 -13.88 11.56 21.37
N TYR A 473 -14.11 10.50 22.16
CA TYR A 473 -13.49 9.21 21.91
C TYR A 473 -13.80 8.71 20.50
N PHE A 474 -15.07 8.77 20.10
CA PHE A 474 -15.53 8.24 18.83
C PHE A 474 -15.67 9.31 17.76
N GLN A 475 -15.11 10.49 17.97
CA GLN A 475 -15.07 11.52 16.94
C GLN A 475 -14.49 10.99 15.64
N THR A 476 -13.49 10.10 15.72
CA THR A 476 -12.87 9.57 14.51
C THR A 476 -13.88 8.77 13.68
N LEU A 477 -14.72 7.97 14.34
CA LEU A 477 -15.73 7.21 13.62
C LEU A 477 -16.88 8.10 13.14
N ASN A 478 -17.31 9.04 13.98
CA ASN A 478 -18.45 9.89 13.62
C ASN A 478 -18.11 10.81 12.45
N ILE A 479 -16.91 11.40 12.46
CA ILE A 479 -16.48 12.34 11.43
C ILE A 479 -15.30 11.73 10.70
N GLU A 480 -15.38 11.69 9.37
CA GLU A 480 -14.35 11.04 8.59
C GLU A 480 -13.02 11.78 8.71
N LEU A 481 -11.94 11.03 8.48
CA LEU A 481 -10.59 11.52 8.75
C LEU A 481 -10.18 12.68 7.85
N ASP A 482 -10.90 12.90 6.75
CA ASP A 482 -10.56 14.00 5.85
C ASP A 482 -10.75 15.36 6.52
N VAL A 483 -11.89 15.54 7.20
CA VAL A 483 -12.14 16.80 7.89
C VAL A 483 -11.24 16.94 9.11
N LEU A 484 -11.07 15.85 9.85
CA LEU A 484 -10.27 15.90 11.07
C LEU A 484 -8.81 16.18 10.78
N GLY A 485 -8.24 15.53 9.78
CA GLY A 485 -6.85 15.71 9.42
C GLY A 485 -5.98 14.54 9.83
N PRO A 486 -4.66 14.66 9.63
CA PRO A 486 -3.76 13.54 9.97
C PRO A 486 -3.39 13.53 11.44
N PHE A 487 -3.34 14.72 12.03
CA PHE A 487 -3.07 14.84 13.46
C PHE A 487 -4.09 14.09 14.27
N ILE A 488 -5.38 14.27 13.96
CA ILE A 488 -6.44 13.61 14.72
C ILE A 488 -6.42 12.10 14.49
N GLY A 489 -6.07 11.66 13.28
CA GLY A 489 -6.00 10.23 13.04
C GLY A 489 -4.90 9.55 13.84
N MET A 491 -3.66 10.69 16.28
CA MET A 491 -4.07 10.99 17.64
C MET A 491 -4.95 9.88 18.21
N TYR A 492 -5.94 9.44 17.44
CA TYR A 492 -6.91 8.44 17.86
C TYR A 492 -6.50 7.03 17.52
N LEU A 493 -5.29 6.81 17.01
CA LEU A 493 -4.80 5.43 16.93
C LEU A 493 -4.90 4.71 18.28
N ALA A 494 -4.48 5.36 19.37
CA ALA A 494 -4.65 4.83 20.72
C ALA A 494 -5.35 5.93 21.52
N GLU A 495 -6.68 5.88 21.54
CA GLU A 495 -7.50 6.93 22.10
C GLU A 495 -7.96 6.63 23.52
N ASP A 496 -7.43 5.59 24.15
CA ASP A 496 -7.71 5.38 25.57
C ASP A 496 -7.14 6.52 26.40
N ARG A 497 -5.97 7.04 26.03
CA ARG A 497 -5.46 8.24 26.66
C ARG A 497 -6.37 9.44 26.42
N ILE A 498 -7.02 9.48 25.26
CA ILE A 498 -7.94 10.58 24.95
C ILE A 498 -9.18 10.49 25.85
N LEU A 499 -9.69 9.27 26.03
CA LEU A 499 -10.79 9.07 26.97
C LEU A 499 -10.36 9.48 28.38
N SER A 500 -9.13 9.15 28.75
CA SER A 500 -8.61 9.55 30.07
C SER A 500 -8.62 11.05 30.22
N PHE A 501 -8.09 11.76 29.23
CA PHE A 501 -8.01 13.21 29.32
C PHE A 501 -9.40 13.84 29.32
N GLU A 502 -10.32 13.31 28.53
CA GLU A 502 -11.67 13.88 28.49
C GLU A 502 -12.41 13.61 29.80
N VAL A 503 -12.16 12.46 30.42
CA VAL A 503 -12.73 12.20 31.74
C VAL A 503 -12.17 13.19 32.76
N VAL A 504 -10.86 13.46 32.68
CA VAL A 504 -10.23 14.37 33.64
C VAL A 504 -10.74 15.79 33.46
N ALA A 505 -10.88 16.23 32.21
CA ALA A 505 -11.25 17.62 31.90
C ALA A 505 -12.67 17.75 31.41
N ARG A 506 -13.60 16.94 31.92
CA ARG A 506 -14.99 17.09 31.55
C ARG A 506 -15.58 18.34 32.20
N LYS A 507 -16.40 19.05 31.45
CA LYS A 507 -16.90 20.35 31.90
C LYS A 507 -17.86 20.18 33.08
N ASN A 508 -17.75 21.10 34.04
CA ASN A 508 -18.65 21.23 35.18
C ASN A 508 -18.57 20.05 36.14
N CYS A 509 -17.57 19.17 35.99
CA CYS A 509 -17.40 18.05 36.91
C CYS A 509 -15.92 17.72 37.04
N ASN A 510 -15.53 17.28 38.23
CA ASN A 510 -14.15 17.00 38.58
C ASN A 510 -13.95 15.50 38.75
N TRP A 511 -13.63 14.81 37.65
CA TRP A 511 -13.28 13.40 37.70
C TRP A 511 -11.77 13.26 37.56
N THR A 512 -11.16 12.59 38.53
CA THR A 512 -9.76 12.23 38.46
C THR A 512 -9.65 10.73 38.20
N MET A 513 -8.43 10.28 37.97
CA MET A 513 -8.18 8.86 37.77
C MET A 513 -7.38 8.30 38.94
N HIS A 514 -7.17 6.98 38.89
CA HIS A 514 -6.50 6.26 39.96
C HIS A 514 -5.80 5.05 39.36
N TYR A 515 -4.77 4.59 40.05
CA TYR A 515 -4.00 3.42 39.64
C TYR A 515 -4.09 2.39 40.75
N VAL A 516 -4.63 1.21 40.42
CA VAL A 516 -4.83 0.14 41.39
C VAL A 516 -3.66 -0.82 41.30
N LYS A 517 -2.75 -0.72 42.27
CA LYS A 517 -1.56 -1.55 42.27
C LYS A 517 -1.88 -3.04 42.43
N ASP A 518 -2.86 -3.37 43.27
CA ASP A 518 -3.17 -4.75 43.61
C ASP A 518 -4.04 -5.45 42.57
N ALA A 519 -4.62 -4.71 41.62
CA ALA A 519 -5.48 -5.31 40.61
C ALA A 519 -4.64 -5.64 39.38
N VAL A 520 -3.77 -6.63 39.55
CA VAL A 520 -2.81 -7.00 38.52
C VAL A 520 -3.51 -7.79 37.42
N ALA A 521 -3.33 -7.35 36.17
CA ALA A 521 -3.90 -8.02 35.01
C ALA A 521 -2.75 -8.58 34.18
N ARG A 522 -2.59 -9.90 34.20
CA ARG A 522 -1.47 -10.56 33.55
C ARG A 522 -1.80 -10.83 32.09
N THR A 523 -1.01 -10.24 31.18
CA THR A 523 -1.18 -10.45 29.76
C THR A 523 0.03 -11.20 29.22
N ASP A 524 0.01 -11.51 27.93
CA ASP A 524 1.03 -12.35 27.29
C ASP A 524 1.68 -11.55 26.16
N VAL A 525 2.92 -11.14 26.36
CA VAL A 525 3.66 -10.29 25.43
C VAL A 525 4.27 -11.13 24.32
N PRO A 526 4.57 -10.55 23.17
CA PRO A 526 5.32 -11.28 22.14
C PRO A 526 6.72 -11.63 22.63
N HIS A 527 7.19 -12.80 22.21
CA HIS A 527 8.50 -13.28 22.60
C HIS A 527 9.57 -13.06 21.53
N ASP A 528 9.22 -12.37 20.44
CA ASP A 528 10.15 -12.12 19.36
C ASP A 528 10.36 -10.62 19.20
N LEU A 529 11.57 -10.26 18.76
CA LEU A 529 11.90 -8.85 18.57
C LEU A 529 11.00 -8.20 17.53
N VAL A 530 10.58 -8.95 16.50
CA VAL A 530 9.74 -8.35 15.46
C VAL A 530 8.34 -8.07 15.99
N GLY A 531 7.76 -9.00 16.75
CA GLY A 531 6.48 -8.74 17.37
C GLY A 531 6.55 -7.59 18.35
N LEU A 532 7.63 -7.54 19.14
CA LEU A 532 7.84 -6.40 20.03
C LEU A 532 7.93 -5.10 19.25
N ILE A 533 8.57 -5.13 18.08
CA ILE A 533 8.72 -3.93 17.26
C ILE A 533 7.36 -3.43 16.81
N SER A 534 6.52 -4.34 16.30
CA SER A 534 5.19 -3.93 15.84
C SER A 534 4.34 -3.40 17.00
N GLN A 535 4.33 -4.14 18.11
CA GLN A 535 3.54 -3.71 19.27
C GLN A 535 4.00 -2.35 19.76
N ARG A 536 5.31 -2.14 19.86
CA ARG A 536 5.82 -0.88 20.38
C ARG A 536 5.65 0.24 19.38
N LYS A 537 5.58 -0.08 18.08
CA LYS A 537 5.22 0.95 17.11
C LYS A 537 3.82 1.48 17.39
N ARG A 538 2.86 0.56 17.55
CA ARG A 538 1.50 0.97 17.89
C ARG A 538 1.48 1.79 19.19
N TRP A 539 2.13 1.26 20.22
CA TRP A 539 2.11 1.91 21.53
C TRP A 539 2.72 3.30 21.47
N LEU A 540 3.89 3.43 20.85
CA LEU A 540 4.57 4.73 20.81
C LEU A 540 3.81 5.72 19.97
N ASN A 541 3.21 5.27 18.86
CA ASN A 541 2.40 6.16 18.03
C ASN A 541 1.29 6.78 18.86
N GLY A 542 0.50 5.92 19.51
CA GLY A 542 -0.59 6.43 20.33
C GLY A 542 -0.10 7.31 21.47
N ALA A 543 0.96 6.88 22.15
CA ALA A 543 1.46 7.64 23.29
C ALA A 543 1.93 9.02 22.87
N PHE A 544 2.68 9.11 21.76
CA PHE A 544 3.20 10.40 21.32
C PHE A 544 2.08 11.37 20.96
N PHE A 545 1.11 10.91 20.16
CA PHE A 545 0.11 11.89 19.76
C PHE A 545 -0.91 12.19 20.85
N ALA A 546 -1.19 11.23 21.74
CA ALA A 546 -2.01 11.56 22.91
C ALA A 546 -1.27 12.53 23.82
N THR A 547 0.05 12.40 23.92
CA THR A 547 0.84 13.34 24.70
C THR A 547 0.78 14.74 24.11
N LEU A 548 0.87 14.85 22.78
CA LEU A 548 0.72 16.15 22.14
C LEU A 548 -0.66 16.74 22.40
N PHE A 549 -1.70 15.90 22.33
CA PHE A 549 -3.05 16.37 22.65
C PHE A 549 -3.14 16.91 24.07
N SER A 550 -2.62 16.15 25.04
CA SER A 550 -2.68 16.59 26.42
C SER A 550 -1.92 17.88 26.62
N ILE A 551 -0.74 18.00 26.00
CA ILE A 551 0.06 19.21 26.14
C ILE A 551 -0.68 20.41 25.56
N TRP A 552 -1.30 20.25 24.39
CA TRP A 552 -1.92 21.39 23.72
C TRP A 552 -3.24 21.78 24.39
N ASN A 553 -3.98 20.80 24.91
CA ASN A 553 -5.31 21.05 25.47
C ASN A 553 -5.32 21.05 26.99
N TRP A 554 -4.15 21.08 27.63
CA TRP A 554 -4.13 21.05 29.09
C TRP A 554 -4.78 22.28 29.70
N GLY A 555 -4.97 23.35 28.91
CA GLY A 555 -5.66 24.51 29.42
C GLY A 555 -7.14 24.29 29.69
N ARG A 556 -7.71 23.24 29.11
CA ARG A 556 -9.13 22.96 29.32
C ARG A 556 -9.45 22.61 30.76
N ILE A 557 -8.48 22.06 31.50
CA ILE A 557 -8.74 21.69 32.89
C ILE A 557 -9.11 22.92 33.72
N TYR A 558 -8.37 24.02 33.54
CA TYR A 558 -8.71 25.25 34.23
C TYR A 558 -9.82 26.01 33.52
N SER A 559 -9.93 25.88 32.20
CA SER A 559 -10.89 26.67 31.45
C SER A 559 -12.33 26.20 31.71
N GLU A 560 -12.54 24.89 31.77
CA GLU A 560 -13.90 24.34 31.79
C GLU A 560 -14.23 23.58 33.07
N SER A 561 -13.35 22.70 33.53
CA SER A 561 -13.66 21.84 34.67
C SER A 561 -13.79 22.67 35.94
N LYS A 562 -14.42 22.06 36.96
CA LYS A 562 -14.51 22.65 38.29
C LYS A 562 -13.74 21.74 39.24
N HIS A 563 -12.44 21.95 39.30
CA HIS A 563 -11.57 21.25 40.24
C HIS A 563 -11.30 22.15 41.44
N THR A 564 -10.81 21.54 42.52
CA THR A 564 -10.35 22.33 43.64
C THR A 564 -9.11 23.12 43.24
N PHE A 565 -8.86 24.22 43.95
CA PHE A 565 -7.69 25.04 43.65
C PHE A 565 -6.40 24.25 43.83
N VAL A 566 -6.34 23.42 44.87
CA VAL A 566 -5.16 22.58 45.07
C VAL A 566 -5.02 21.59 43.92
N ARG A 567 -6.15 21.09 43.40
CA ARG A 567 -6.09 20.20 42.24
C ARG A 567 -5.58 20.92 41.01
N LYS A 568 -6.02 22.17 40.81
CA LYS A 568 -5.53 22.94 39.67
C LYS A 568 -4.03 23.18 39.78
N MET A 569 -3.54 23.51 40.97
CA MET A 569 -2.11 23.72 41.15
C MET A 569 -1.33 22.43 40.94
N ALA A 570 -1.83 21.31 41.45
CA ALA A 570 -1.18 20.03 41.21
C ALA A 570 -1.14 19.69 39.73
N PHE A 571 -2.23 19.99 39.02
CA PHE A 571 -2.27 19.74 37.59
C PHE A 571 -1.28 20.63 36.84
N LEU A 572 -1.12 21.88 37.28
CA LEU A 572 -0.14 22.76 36.65
C LEU A 572 1.28 22.25 36.86
N VAL A 573 1.58 21.81 38.09
CA VAL A 573 2.90 21.24 38.36
C VAL A 573 3.15 20.01 37.51
N PHE A 574 2.14 19.14 37.41
CA PHE A 574 2.29 17.94 36.59
C PHE A 574 2.41 18.30 35.12
N TYR A 575 1.76 19.38 34.67
CA TYR A 575 1.90 19.79 33.28
C TYR A 575 3.31 20.27 32.99
N VAL A 576 3.90 21.01 33.92
CA VAL A 576 5.30 21.42 33.74
C VAL A 576 6.19 20.19 33.66
N TYR A 577 5.99 19.24 34.59
CA TYR A 577 6.79 18.02 34.56
C TYR A 577 6.59 17.25 33.26
N HIS A 578 5.35 17.15 32.81
CA HIS A 578 5.04 16.39 31.59
C HIS A 578 5.67 17.04 30.38
N LEU A 579 5.63 18.37 30.31
CA LEU A 579 6.29 19.07 29.22
C LEU A 579 7.79 18.80 29.21
N LEU A 580 8.43 18.89 30.38
CA LEU A 580 9.86 18.62 30.44
C LEU A 580 10.17 17.18 30.05
N TYR A 581 9.38 16.23 30.56
CA TYR A 581 9.62 14.82 30.29
C TYR A 581 9.43 14.50 28.81
N THR A 582 8.39 15.06 28.19
CA THR A 582 8.16 14.83 26.77
C THR A 582 9.26 15.46 25.93
N ALA A 583 9.71 16.65 26.30
CA ALA A 583 10.81 17.29 25.58
C ALA A 583 12.08 16.45 25.68
N PHE A 584 12.35 15.89 26.86
CA PHE A 584 13.53 15.03 27.01
C PHE A 584 13.39 13.75 26.19
N GLY A 585 12.19 13.14 26.22
CA GLY A 585 11.99 11.90 25.49
C GLY A 585 12.01 12.09 23.98
N PHE A 586 11.71 13.30 23.51
CA PHE A 586 11.77 13.57 22.08
C PHE A 586 13.21 13.49 21.58
N PHE A 587 14.16 14.03 22.35
CA PHE A 587 15.58 13.99 22.02
C PHE A 587 16.27 12.80 22.67
N LEU A 588 15.54 11.73 22.94
CA LEU A 588 16.09 10.56 23.58
C LEU A 588 17.18 9.87 22.76
N PRO A 589 16.99 9.64 21.45
CA PRO A 589 18.08 9.04 20.67
C PRO A 589 19.35 9.86 20.67
N ALA A 590 19.22 11.18 20.47
CA ALA A 590 20.39 12.05 20.48
C ALA A 590 21.07 12.04 21.85
N ASN A 591 20.28 12.10 22.92
CA ASN A 591 20.86 12.09 24.26
C ASN A 591 21.56 10.77 24.55
N LEU A 592 20.98 9.65 24.14
CA LEU A 592 21.62 8.36 24.34
C LEU A 592 22.93 8.28 23.57
N TYR A 593 22.93 8.71 22.31
CA TYR A 593 24.15 8.67 21.52
C TYR A 593 25.22 9.55 22.15
N LEU A 594 24.84 10.76 22.59
CA LEU A 594 25.82 11.65 23.20
C LEU A 594 26.36 11.08 24.49
N ALA A 595 25.49 10.48 25.32
CA ALA A 595 25.94 9.93 26.59
C ALA A 595 26.92 8.79 26.37
N LEU A 596 26.56 7.84 25.50
CA LEU A 596 27.47 6.74 25.21
C LEU A 596 28.78 7.25 24.64
N PHE A 597 28.70 8.07 23.60
CA PHE A 597 29.89 8.62 22.96
C PHE A 597 30.80 9.27 23.99
N PHE A 598 30.29 10.30 24.67
CA PHE A 598 31.09 11.02 25.65
C PHE A 598 31.67 10.05 26.66
N ILE A 599 30.83 9.43 27.49
CA ILE A 599 31.36 8.64 28.61
C ILE A 599 32.34 7.61 28.09
N VAL A 600 31.86 6.64 27.32
CA VAL A 600 32.71 5.50 26.97
C VAL A 600 33.87 5.95 26.09
N PHE A 601 33.58 6.50 24.92
CA PHE A 601 34.62 6.63 23.92
C PHE A 601 35.48 7.87 24.11
N GLN A 602 34.96 8.95 24.69
CA GLN A 602 35.82 10.05 25.07
C GLN A 602 36.32 9.94 26.50
N GLY A 603 36.10 8.79 27.16
CA GLY A 603 36.93 8.46 28.29
C GLY A 603 38.07 7.57 27.85
N PHE A 604 37.79 6.70 26.87
CA PHE A 604 38.82 5.83 26.34
C PHE A 604 39.84 6.61 25.51
N GLN A 605 39.36 7.49 24.62
CA GLN A 605 40.26 8.21 23.73
C GLN A 605 41.05 9.28 24.46
N GLN A 606 40.40 10.00 25.38
CA GLN A 606 41.02 11.12 26.06
C GLN A 606 41.50 10.77 27.46
N ASN A 607 41.58 9.48 27.77
CA ASN A 607 42.10 8.98 29.05
C ASN A 607 41.29 9.62 30.19
N ARG A 608 40.04 9.17 30.30
CA ARG A 608 39.19 9.56 31.42
C ARG A 608 38.60 8.36 32.15
N LEU A 609 38.82 7.14 31.66
CA LEU A 609 38.46 5.96 32.41
C LEU A 609 39.44 5.80 33.58
N GLU A 610 38.94 6.00 34.80
CA GLU A 610 39.81 6.06 35.96
C GLU A 610 40.50 4.74 36.27
N PHE A 611 40.06 3.64 35.67
CA PHE A 611 40.63 2.32 35.97
C PHE A 611 41.67 1.89 34.95
N ILE A 612 42.05 2.76 34.02
CA ILE A 612 43.03 2.41 32.99
C ILE A 612 43.74 3.68 32.55
N ASP A 613 45.00 3.55 32.18
CA ASP A 613 45.81 4.67 31.71
C ASP A 613 46.07 4.49 30.22
N THR A 614 45.36 5.26 29.40
CA THR A 614 45.55 5.28 27.96
C THR A 614 46.29 6.54 27.51
N SER A 615 47.27 6.99 28.32
CA SER A 615 47.92 8.26 28.06
C SER A 615 48.65 8.27 26.72
N GLU A 616 49.51 7.29 26.50
CA GLU A 616 50.27 7.24 25.24
C GLU A 616 49.60 6.32 24.23
N TYR A 617 49.49 5.03 24.55
CA TYR A 617 48.92 4.02 23.67
C TYR A 617 49.52 4.10 22.26
N SER A 618 48.82 3.55 21.27
CA SER A 618 49.34 3.60 19.91
C SER A 618 49.02 4.93 19.22
N GLN A 619 47.99 5.62 19.70
CA GLN A 619 47.45 6.88 19.21
C GLN A 619 46.69 6.60 17.89
N THR A 620 46.75 5.38 17.37
CA THR A 620 45.92 4.99 16.25
C THR A 620 44.61 4.35 16.69
N VAL A 621 44.61 3.61 17.80
CA VAL A 621 43.41 2.96 18.29
C VAL A 621 42.60 3.95 19.11
N LEU A 622 43.27 4.98 19.62
CA LEU A 622 42.57 6.00 20.41
C LEU A 622 41.53 6.72 19.56
N ASP A 623 41.90 7.12 18.35
CA ASP A 623 40.91 7.66 17.41
C ASP A 623 40.10 6.57 16.73
N CYS A 624 40.66 5.35 16.64
CA CYS A 624 39.95 4.27 15.98
C CYS A 624 38.70 3.88 16.75
N ALA A 625 38.74 3.92 18.08
CA ALA A 625 37.56 3.58 18.87
C ALA A 625 36.41 4.54 18.56
N VAL A 626 36.68 5.84 18.60
CA VAL A 626 35.65 6.83 18.32
C VAL A 626 35.16 6.71 16.89
N TYR A 627 36.09 6.52 15.93
CA TYR A 627 35.68 6.41 14.54
C TYR A 627 34.81 5.19 14.31
N ILE A 628 35.18 4.05 14.90
CA ILE A 628 34.40 2.82 14.74
C ILE A 628 33.02 3.00 15.37
N TYR A 629 32.95 3.57 16.56
CA TYR A 629 31.66 3.76 17.21
C TYR A 629 30.77 4.68 16.38
N ASN A 630 31.32 5.79 15.90
CA ASN A 630 30.53 6.74 15.13
C ASN A 630 30.03 6.12 13.83
N PHE A 631 30.92 5.43 13.11
CA PHE A 631 30.54 4.83 11.84
C PHE A 631 29.52 3.72 12.03
N SER A 632 29.71 2.87 13.04
CA SER A 632 28.75 1.81 13.30
C SER A 632 27.40 2.38 13.68
N TYR A 633 27.37 3.39 14.56
CA TYR A 633 26.10 3.97 14.97
C TYR A 633 25.39 4.61 13.79
N LEU A 634 26.13 5.35 12.96
CA LEU A 634 25.49 6.03 11.83
C LEU A 634 24.98 5.04 10.80
N PHE A 635 25.77 4.01 10.49
CA PHE A 635 25.34 3.00 9.54
C PHE A 635 24.11 2.24 10.07
N GLY A 636 24.13 1.88 11.35
CA GLY A 636 22.98 1.22 11.93
C GLY A 636 21.73 2.09 11.90
N LEU A 637 21.89 3.38 12.19
CA LEU A 637 20.74 4.29 12.17
C LEU A 637 20.18 4.43 10.76
N LEU A 638 21.05 4.55 9.75
CA LEU A 638 20.58 4.65 8.37
C LEU A 638 19.87 3.38 7.93
N MET A 639 20.45 2.22 8.24
CA MET A 639 19.83 0.95 7.89
C MET A 639 18.49 0.80 8.59
N LEU A 640 18.41 1.21 9.85
CA LEU A 640 17.16 1.16 10.59
C LEU A 640 16.10 2.05 9.96
N ILE A 641 16.48 3.27 9.58
CA ILE A 641 15.51 4.16 8.94
C ILE A 641 14.97 3.52 7.67
N ILE A 642 15.89 3.05 6.80
CA ILE A 642 15.46 2.49 5.52
C ILE A 642 14.55 1.28 5.73
N ILE A 643 14.99 0.33 6.54
CA ILE A 643 14.24 -0.90 6.71
C ILE A 643 12.90 -0.63 7.40
N GLY A 644 12.93 0.16 8.48
CA GLY A 644 11.70 0.41 9.22
C GLY A 644 10.65 1.13 8.40
N LEU A 645 11.13 2.09 7.69
CA LEU A 645 10.27 2.88 6.92
C LEU A 645 9.96 2.27 5.61
N GLY A 646 10.57 1.16 5.31
CA GLY A 646 10.28 0.54 4.05
C GLY A 646 9.46 -0.70 4.11
N ASN A 647 10.10 -1.81 4.22
CA ASN A 647 9.44 -3.10 4.29
C ASN A 647 8.94 -3.41 5.70
N ASN A 648 8.05 -4.41 5.77
CA ASN A 648 7.45 -4.82 7.03
C ASN A 648 8.48 -5.63 7.83
N PRO A 649 8.70 -5.29 9.11
CA PRO A 649 9.66 -6.00 9.96
C PRO A 649 9.22 -7.41 10.34
N LYS A 650 9.02 -8.25 9.34
CA LYS A 650 8.79 -9.68 9.53
C LYS A 650 9.72 -10.52 8.67
N HIS A 651 10.13 -9.99 7.52
CA HIS A 651 11.10 -10.68 6.67
C HIS A 651 12.52 -10.23 6.97
N MET A 652 12.68 -9.14 7.73
CA MET A 652 13.97 -8.67 8.18
C MET A 652 14.26 -9.09 9.63
N LYS A 653 13.81 -10.27 10.03
CA LYS A 653 14.09 -10.74 11.38
C LYS A 653 15.60 -10.85 11.61
N LEU A 654 16.33 -11.37 10.63
CA LEU A 654 17.78 -11.51 10.77
C LEU A 654 18.46 -10.15 10.91
N THR A 655 18.07 -9.18 10.08
CA THR A 655 18.70 -7.87 10.15
C THR A 655 18.38 -7.16 11.46
N TYR A 656 17.13 -7.24 11.91
CA TYR A 656 16.76 -6.60 13.17
C TYR A 656 17.45 -7.28 14.34
N TYR A 657 17.57 -8.60 14.31
CA TYR A 657 18.30 -9.29 15.38
C TYR A 657 19.76 -8.91 15.36
N PHE A 658 20.35 -8.75 14.17
CA PHE A 658 21.74 -8.31 14.07
C PHE A 658 21.94 -6.94 14.70
N VAL A 659 21.07 -5.99 14.36
CA VAL A 659 21.22 -4.64 14.90
C VAL A 659 20.98 -4.66 16.41
N GLY A 660 19.98 -5.41 16.87
CA GLY A 660 19.73 -5.52 18.29
C GLY A 660 20.90 -6.12 19.05
N ALA A 661 21.53 -7.14 18.47
CA ALA A 661 22.70 -7.74 19.09
C ALA A 661 23.87 -6.77 19.12
N VAL A 662 24.06 -6.00 18.04
CA VAL A 662 25.12 -5.02 18.02
C VAL A 662 24.92 -3.98 19.12
N PHE A 663 23.69 -3.46 19.23
CA PHE A 663 23.42 -2.47 20.27
C PHE A 663 23.51 -3.07 21.66
N GLY A 664 23.11 -4.33 21.83
CA GLY A 664 23.24 -4.97 23.12
C GLY A 664 24.69 -5.16 23.53
N LEU A 665 25.54 -5.56 22.59
CA LEU A 665 26.96 -5.66 22.90
C LEU A 665 27.57 -4.30 23.19
N MET A 666 27.14 -3.27 22.46
CA MET A 666 27.61 -1.92 22.74
C MET A 666 27.19 -1.48 24.13
N MET A 667 26.00 -1.88 24.52
CA MET A 667 25.47 -1.58 25.85
C MET A 667 26.37 -2.26 26.86
N MET A 668 26.55 -3.57 26.70
CA MET A 668 27.43 -4.30 27.61
C MET A 668 28.74 -3.55 27.81
N LEU A 669 29.37 -3.15 26.70
CA LEU A 669 30.62 -2.40 26.82
C LEU A 669 30.41 -1.13 27.62
N SER A 670 29.34 -0.38 27.32
CA SER A 670 29.07 0.87 28.01
C SER A 670 28.78 0.64 29.50
N SER A 671 28.03 -0.43 29.77
CA SER A 671 27.66 -0.79 31.13
C SER A 671 28.89 -1.04 31.98
N LEU A 672 29.72 -1.98 31.56
CA LEU A 672 30.94 -2.28 32.31
C LEU A 672 31.88 -1.08 32.38
N VAL A 673 31.95 -0.28 31.32
CA VAL A 673 32.78 0.93 31.39
C VAL A 673 32.26 1.90 32.44
N GLY A 674 30.94 2.10 32.49
CA GLY A 674 30.37 2.99 33.48
C GLY A 674 30.55 2.46 34.90
N ALA A 675 30.37 1.16 35.09
CA ALA A 675 30.59 0.56 36.39
C ALA A 675 32.03 0.73 36.84
N GLY A 676 32.98 0.52 35.91
CA GLY A 676 34.38 0.74 36.25
C GLY A 676 34.66 2.19 36.61
N ILE A 677 34.09 3.13 35.86
CA ILE A 677 34.30 4.54 36.16
C ILE A 677 33.77 4.87 37.54
N PHE A 678 32.56 4.41 37.86
CA PHE A 678 31.98 4.69 39.17
C PHE A 678 32.80 4.06 40.30
N PHE A 679 33.25 2.82 40.12
CA PHE A 679 33.95 2.14 41.20
C PHE A 679 35.36 2.66 41.37
N SER A 680 35.98 3.18 40.31
CA SER A 680 37.32 3.75 40.42
C SER A 680 37.30 5.20 40.90
N THR A 681 36.21 5.92 40.66
CA THR A 681 36.07 7.27 41.19
C THR A 681 36.09 7.22 42.72
N PRO A 682 36.72 8.20 43.38
CA PRO A 682 36.77 8.17 44.86
C PRO A 682 35.41 8.36 45.53
N ALA A 683 34.33 8.36 44.74
CA ALA A 683 32.96 8.30 45.26
C ALA A 683 32.66 9.47 46.19
N THR A 684 32.73 10.67 45.62
CA THR A 684 32.41 11.87 46.38
C THR A 684 30.91 11.94 46.65
N VAL A 685 30.53 12.88 47.52
CA VAL A 685 29.13 12.97 47.95
C VAL A 685 28.23 13.32 46.78
N HIS A 686 28.63 14.27 45.95
CA HIS A 686 27.83 14.63 44.78
C HIS A 686 27.67 13.44 43.84
N SER A 687 28.76 12.73 43.58
CA SER A 687 28.70 11.60 42.67
C SER A 687 27.79 10.50 43.21
N ILE A 688 27.91 10.18 44.50
CA ILE A 688 27.10 9.09 45.04
C ILE A 688 25.64 9.49 45.09
N VAL A 689 25.34 10.74 45.43
CA VAL A 689 23.96 11.19 45.45
C VAL A 689 23.36 11.14 44.05
N VAL A 690 24.10 11.62 43.06
CA VAL A 690 23.59 11.63 41.69
C VAL A 690 23.39 10.21 41.19
N SER A 691 24.36 9.33 41.44
CA SER A 691 24.23 7.95 40.97
C SER A 691 23.05 7.25 41.62
N ILE A 692 22.91 7.38 42.95
CA ILE A 692 21.78 6.80 43.65
C ILE A 692 20.49 7.31 43.03
N LEU A 693 20.25 8.60 43.17
CA LEU A 693 19.04 9.24 42.65
C LEU A 693 18.77 9.06 41.15
N THR A 694 19.79 8.71 40.37
CA THR A 694 19.59 8.53 38.94
C THR A 694 19.30 7.09 38.55
N VAL A 695 20.14 6.14 38.98
CA VAL A 695 19.98 4.75 38.58
C VAL A 695 19.30 3.92 39.65
N GLY A 696 19.72 4.06 40.91
CA GLY A 696 19.12 3.25 41.94
C GLY A 696 17.73 3.67 42.33
N VAL A 697 17.17 4.67 41.65
CA VAL A 697 15.80 5.06 41.90
C VAL A 697 14.86 3.92 41.57
N TYR A 698 15.21 3.11 40.56
CA TYR A 698 14.43 1.93 40.21
C TYR A 698 14.35 0.98 41.40
N PHE A 699 15.51 0.67 41.99
CA PHE A 699 15.56 -0.28 43.09
C PHE A 699 14.93 0.30 44.34
N ILE A 700 15.07 1.62 44.55
CA ILE A 700 14.47 2.25 45.72
C ILE A 700 12.96 2.17 45.65
N ALA A 701 12.38 2.54 44.49
CA ALA A 701 10.93 2.46 44.34
C ALA A 701 10.45 1.02 44.40
N SER A 702 11.21 0.09 43.82
CA SER A 702 10.82 -1.32 43.87
C SER A 702 10.82 -1.85 45.30
N ALA A 703 11.84 -1.51 46.08
CA ALA A 703 11.88 -1.94 47.48
C ALA A 703 10.76 -1.30 48.27
N LEU A 704 10.43 -0.04 47.96
CA LEU A 704 9.32 0.61 48.64
C LEU A 704 8.00 -0.11 48.34
N HIS A 705 7.79 -0.50 47.09
CA HIS A 705 6.58 -1.20 46.70
C HIS A 705 6.61 -2.69 47.05
N GLY A 706 7.74 -3.18 47.56
CA GLY A 706 7.82 -4.55 48.01
C GLY A 706 8.18 -5.56 46.94
N GLU A 707 8.25 -5.15 45.68
CA GLU A 707 8.61 -6.06 44.59
C GLU A 707 9.91 -5.54 43.96
N VAL A 708 11.02 -6.11 44.43
CA VAL A 708 12.34 -5.71 44.00
C VAL A 708 13.09 -6.85 43.32
N HIS A 709 12.64 -8.10 43.54
CA HIS A 709 13.28 -9.24 42.90
C HIS A 709 13.18 -9.16 41.38
N HIS A 710 12.06 -8.66 40.87
CA HIS A 710 11.89 -8.54 39.43
C HIS A 710 12.96 -7.63 38.83
N ILE A 711 13.16 -6.47 39.43
CA ILE A 711 14.19 -5.53 38.95
C ILE A 711 15.57 -6.14 39.14
N PHE A 712 15.81 -6.75 40.30
CA PHE A 712 17.11 -7.37 40.57
C PHE A 712 17.48 -8.38 39.49
N MET A 713 16.50 -9.14 39.01
CA MET A 713 16.81 -10.17 38.02
C MET A 713 16.82 -9.62 36.60
N THR A 714 16.09 -8.53 36.35
CA THR A 714 15.86 -8.09 34.97
C THR A 714 16.58 -6.79 34.61
N PHE A 715 17.37 -6.22 35.52
CA PHE A 715 18.09 -5.00 35.20
C PHE A 715 19.00 -5.18 33.99
N THR A 716 19.81 -6.24 33.99
CA THR A 716 20.73 -6.47 32.88
C THR A 716 19.98 -6.74 31.58
N HIS A 717 18.90 -7.53 31.65
CA HIS A 717 18.13 -7.85 30.45
C HIS A 717 17.54 -6.61 29.81
N TYR A 718 17.05 -5.67 30.64
CA TYR A 718 16.51 -4.44 30.06
C TYR A 718 17.62 -3.51 29.61
N THR A 719 18.76 -3.50 30.32
CA THR A 719 19.86 -2.64 29.94
C THR A 719 20.40 -3.02 28.57
N ALA A 720 20.41 -4.32 28.26
CA ALA A 720 20.85 -4.75 26.94
C ALA A 720 19.93 -4.28 25.82
N LEU A 721 18.72 -3.83 26.14
CA LEU A 721 17.73 -3.53 25.12
C LEU A 721 17.33 -2.05 25.12
N ILE A 722 17.99 -1.22 25.91
CA ILE A 722 17.69 0.22 25.95
C ILE A 722 17.89 0.87 24.59
N PRO A 723 19.03 0.68 23.92
CA PRO A 723 19.22 1.39 22.64
C PRO A 723 18.35 0.83 21.55
N SER A 724 18.20 -0.49 21.47
CA SER A 724 17.25 -1.07 20.53
C SER A 724 15.87 -0.48 20.75
N PHE A 725 15.41 -0.49 22.00
CA PHE A 725 14.13 0.11 22.37
C PHE A 725 14.00 1.51 21.78
N VAL A 726 14.74 2.45 22.35
CA VAL A 726 14.70 3.85 21.91
C VAL A 726 14.85 4.11 20.41
N ASN A 727 15.96 3.64 19.83
CA ASN A 727 16.23 3.88 18.43
C ASN A 727 15.22 3.17 17.53
N ILE A 728 15.20 1.83 17.58
CA ILE A 728 14.40 1.06 16.63
C ILE A 728 12.91 1.39 16.79
N PHE A 729 12.42 1.37 18.03
CA PHE A 729 10.99 1.52 18.24
C PHE A 729 10.52 2.92 17.87
N THR A 730 11.31 3.93 18.23
CA THR A 730 10.97 5.31 17.91
C THR A 730 11.02 5.55 16.40
N ILE A 731 12.00 4.94 15.73
CA ILE A 731 12.14 5.10 14.28
C ILE A 731 10.97 4.45 13.56
N TYR A 732 10.61 3.23 13.94
CA TYR A 732 9.47 2.58 13.32
C TYR A 732 8.17 3.31 13.62
N SER A 733 7.97 3.76 14.86
CA SER A 733 6.71 4.42 15.20
C SER A 733 6.54 5.73 14.44
N PHE A 734 7.55 6.60 14.48
CA PHE A 734 7.50 7.85 13.75
C PHE A 734 7.54 7.66 12.25
N CYS A 735 8.05 6.53 11.78
CA CYS A 735 8.27 6.29 10.36
C CYS A 735 7.01 5.77 9.66
N ASN A 736 5.97 5.40 10.40
CA ASN A 736 4.73 4.86 9.86
C ASN A 736 3.53 5.61 10.42
N LEU A 737 3.59 6.94 10.38
CA LEU A 737 2.46 7.74 10.83
C LEU A 737 1.27 7.67 9.88
N LYS A 762 -37.91 1.28 -13.33
CA LYS A 762 -38.45 1.31 -14.69
C LYS A 762 -37.89 2.47 -15.48
N GLY A 763 -36.58 2.46 -15.71
CA GLY A 763 -35.91 3.47 -16.49
C GLY A 763 -35.54 2.97 -17.88
N ASP A 764 -35.49 3.90 -18.82
CA ASP A 764 -35.14 3.57 -20.20
C ASP A 764 -33.61 3.58 -20.35
N PHE A 765 -33.14 3.46 -21.59
CA PHE A 765 -31.70 3.35 -21.81
C PHE A 765 -30.98 4.66 -21.49
N LYS A 766 -31.63 5.80 -21.72
CA LYS A 766 -31.02 7.06 -21.31
C LYS A 766 -30.81 7.11 -19.80
N ASP A 767 -31.81 6.65 -19.05
CA ASP A 767 -31.65 6.58 -17.60
C ASP A 767 -30.56 5.60 -17.21
N VAL A 768 -30.47 4.46 -17.90
CA VAL A 768 -29.42 3.49 -17.58
C VAL A 768 -28.04 4.08 -17.83
N ILE A 769 -27.87 4.77 -18.95
CA ILE A 769 -26.58 5.37 -19.27
C ILE A 769 -26.24 6.47 -18.26
N ALA A 770 -27.24 7.26 -17.87
CA ALA A 770 -27.00 8.27 -16.84
C ALA A 770 -26.57 7.63 -15.53
N LYS A 771 -27.20 6.51 -15.15
CA LYS A 771 -26.82 5.81 -13.93
C LYS A 771 -25.38 5.29 -14.02
N ARG A 772 -25.01 4.72 -15.18
CA ARG A 772 -23.64 4.26 -15.36
C ARG A 772 -22.65 5.41 -15.23
N ARG A 773 -22.96 6.55 -15.85
CA ARG A 773 -22.08 7.71 -15.76
C ARG A 773 -21.97 8.22 -14.34
N ALA A 774 -23.09 8.26 -13.61
CA ALA A 774 -23.06 8.70 -12.23
C ALA A 774 -22.22 7.77 -11.36
N LEU A 775 -22.36 6.46 -11.57
CA LEU A 775 -21.54 5.52 -10.81
C LEU A 775 -20.06 5.68 -11.13
N GLU A 776 -19.72 5.86 -12.41
CA GLU A 776 -18.33 6.08 -12.78
C GLU A 776 -17.77 7.34 -12.13
N GLU A 777 -18.55 8.43 -12.15
CA GLU A 777 -18.09 9.68 -11.56
C GLU A 777 -17.94 9.55 -10.05
N LEU A 778 -18.87 8.86 -9.39
CA LEU A 778 -18.76 8.66 -7.95
C LEU A 778 -17.54 7.83 -7.60
N ARG A 779 -17.26 6.79 -8.39
CA ARG A 779 -16.06 5.98 -8.16
C ARG A 779 -14.81 6.81 -8.34
N ARG A 780 -14.78 7.65 -9.38
CA ARG A 780 -13.60 8.49 -9.61
C ARG A 780 -13.41 9.49 -8.47
N GLU A 781 -14.49 10.10 -8.00
CA GLU A 781 -14.38 11.04 -6.88
C GLU A 781 -13.93 10.34 -5.61
N GLU A 782 -14.43 9.12 -5.37
CA GLU A 782 -13.99 8.37 -4.20
C GLU A 782 -12.51 8.02 -4.29
N LYS A 783 -12.05 7.62 -5.47
CA LYS A 783 -10.63 7.33 -5.66
C LYS A 783 -9.78 8.57 -5.43
N GLU A 784 -10.23 9.71 -5.96
CA GLU A 784 -9.49 10.96 -5.75
C GLU A 784 -9.46 11.35 -4.28
N ARG A 785 -10.58 11.15 -3.57
CA ARG A 785 -10.63 11.47 -2.15
C ARG A 785 -9.70 10.58 -1.35
N VAL A 786 -9.66 9.29 -1.68
CA VAL A 786 -8.76 8.37 -0.99
C VAL A 786 -7.30 8.74 -1.28
N GLU A 787 -7.01 9.11 -2.53
CA GLU A 787 -5.65 9.53 -2.87
C GLU A 787 -5.27 10.80 -2.11
N ASN A 788 -6.19 11.76 -1.99
CA ASN A 788 -5.91 12.97 -1.23
C ASN A 788 -5.70 12.66 0.25
N ARG A 789 -6.50 11.75 0.80
CA ARG A 789 -6.30 11.33 2.19
C ARG A 789 -4.91 10.75 2.37
N LYS A 790 -4.51 9.83 1.48
CA LYS A 790 -3.19 9.21 1.60
C LYS A 790 -2.08 10.25 1.40
N LYS A 791 -2.29 11.20 0.49
CA LYS A 791 -1.29 12.24 0.26
C LYS A 791 -1.07 13.08 1.51
N ASN A 792 -2.16 13.59 2.11
CA ASN A 792 -2.02 14.37 3.32
C ASN A 792 -1.41 13.54 4.45
N PHE A 793 -1.83 12.28 4.53
CA PHE A 793 -1.43 11.40 5.62
C PHE A 793 0.07 11.15 5.57
N GLU A 794 0.56 10.76 4.38
CA GLU A 794 1.97 10.51 4.17
C GLU A 794 2.79 11.78 4.29
N ALA A 795 2.25 12.92 3.82
CA ALA A 795 2.98 14.17 3.93
C ALA A 795 3.20 14.56 5.39
N PHE A 796 2.16 14.41 6.22
CA PHE A 796 2.32 14.72 7.63
C PHE A 796 3.28 13.73 8.29
N ARG A 797 3.19 12.46 7.91
CA ARG A 797 4.13 11.46 8.42
C ARG A 797 5.57 11.86 8.13
N THR A 798 5.86 12.17 6.88
CA THR A 798 7.22 12.51 6.48
C THR A 798 7.67 13.82 7.14
N ASN A 799 6.77 14.79 7.26
CA ASN A 799 7.16 16.06 7.89
C ASN A 799 7.54 15.84 9.35
N VAL A 800 6.72 15.09 10.10
CA VAL A 800 7.04 14.86 11.51
C VAL A 800 8.31 14.02 11.64
N LEU A 801 8.46 13.01 10.78
CA LEU A 801 9.66 12.18 10.82
C LEU A 801 10.91 13.00 10.54
N LEU A 802 10.86 13.87 9.52
CA LEU A 802 12.00 14.71 9.22
C LEU A 802 12.30 15.66 10.36
N THR A 803 11.26 16.26 10.94
CA THR A 803 11.47 17.14 12.08
C THR A 803 12.18 16.41 13.22
N TRP A 804 11.69 15.21 13.57
CA TRP A 804 12.28 14.45 14.65
C TRP A 804 13.72 14.06 14.35
N ALA A 805 13.96 13.45 13.18
CA ALA A 805 15.29 12.95 12.87
C ALA A 805 16.29 14.09 12.73
N PHE A 806 15.91 15.18 12.07
CA PHE A 806 16.83 16.27 11.89
C PHE A 806 17.04 17.07 13.16
N SER A 807 16.04 17.17 14.02
CA SER A 807 16.25 17.79 15.33
C SER A 807 17.25 16.98 16.13
N ASN A 808 17.10 15.65 16.14
CA ASN A 808 18.05 14.81 16.86
C ASN A 808 19.45 14.93 16.28
N LEU A 809 19.56 14.91 14.95
CA LEU A 809 20.88 14.99 14.32
C LEU A 809 21.54 16.35 14.58
N ILE A 810 20.77 17.44 14.47
CA ILE A 810 21.34 18.77 14.69
C ILE A 810 21.73 18.94 16.15
N PHE A 811 20.91 18.44 17.07
CA PHE A 811 21.28 18.51 18.49
C PHE A 811 22.56 17.73 18.75
N ALA A 812 22.67 16.52 18.20
CA ALA A 812 23.86 15.72 18.41
C ALA A 812 25.09 16.39 17.83
N LEU A 813 24.99 16.93 16.61
CA LEU A 813 26.13 17.59 15.99
C LEU A 813 26.54 18.84 16.76
N PHE A 814 25.57 19.65 17.17
CA PHE A 814 25.89 20.87 17.89
C PHE A 814 26.45 20.59 19.28
N VAL A 815 26.06 19.50 19.91
CA VAL A 815 26.68 19.13 21.17
C VAL A 815 28.09 18.59 20.96
N VAL A 816 28.29 17.72 19.97
CA VAL A 816 29.59 17.12 19.73
C VAL A 816 30.61 18.19 19.35
N TYR A 817 30.25 19.09 18.46
CA TYR A 817 31.23 20.05 17.93
C TYR A 817 31.45 21.23 18.87
N PHE A 818 30.43 21.61 19.64
CA PHE A 818 30.49 22.83 20.44
C PHE A 818 30.40 22.58 21.94
N ALA A 819 30.54 21.33 22.40
CA ALA A 819 30.47 21.04 23.82
C ALA A 819 31.42 19.90 24.16
N SER A 820 32.07 20.02 25.31
CA SER A 820 32.93 18.97 25.83
C SER A 820 32.18 18.11 26.84
N SER A 821 32.79 16.98 27.19
CA SER A 821 32.16 16.10 28.17
C SER A 821 32.04 16.77 29.53
N SER A 822 32.90 17.72 29.84
CA SER A 822 32.84 18.40 31.12
C SER A 822 31.77 19.48 31.18
N THR A 823 31.28 19.94 30.03
CA THR A 823 30.31 21.03 29.99
C THR A 823 28.94 20.58 29.51
N TYR A 824 28.77 19.31 29.19
CA TYR A 824 27.48 18.76 28.81
C TYR A 824 27.00 17.63 29.72
N MET A 825 27.89 16.72 30.09
CA MET A 825 27.48 15.60 30.93
C MET A 825 26.97 16.03 32.30
N PRO A 826 27.54 17.03 32.98
CA PRO A 826 26.87 17.54 34.19
C PRO A 826 25.45 17.98 33.94
N VAL A 827 25.19 18.62 32.79
CA VAL A 827 23.83 19.04 32.46
C VAL A 827 22.92 17.84 32.25
N LEU A 828 23.41 16.83 31.55
CA LEU A 828 22.60 15.63 31.31
C LEU A 828 22.30 14.91 32.63
N TYR A 829 23.30 14.80 33.50
CA TYR A 829 23.08 14.17 34.80
C TYR A 829 22.07 14.96 35.61
N ILE A 830 22.16 16.29 35.59
CA ILE A 830 21.21 17.09 36.34
C ILE A 830 19.79 16.90 35.81
N PHE A 831 19.64 16.89 34.48
CA PHE A 831 18.30 16.75 33.90
C PHE A 831 17.69 15.40 34.23
N VAL A 832 18.44 14.32 34.02
CA VAL A 832 17.93 12.99 34.30
C VAL A 832 17.69 12.82 35.79
N ALA A 833 18.56 13.40 36.62
CA ALA A 833 18.38 13.34 38.05
C ALA A 833 17.10 14.04 38.48
N SER A 834 16.79 15.18 37.84
CA SER A 834 15.54 15.89 38.15
C SER A 834 14.32 15.06 37.76
N LEU A 835 14.36 14.46 36.58
CA LEU A 835 13.24 13.63 36.16
C LEU A 835 13.04 12.44 37.11
N ASN A 836 14.13 11.77 37.47
CA ASN A 836 14.00 10.64 38.37
C ASN A 836 13.65 11.07 39.79
N THR A 837 14.02 12.29 40.19
CA THR A 837 13.59 12.80 41.48
C THR A 837 12.08 12.98 41.49
N CYS A 838 11.54 13.55 40.41
CA CYS A 838 10.09 13.73 40.33
C CYS A 838 9.38 12.38 40.34
N ARG A 839 9.90 11.40 39.59
CA ARG A 839 9.25 10.10 39.56
C ARG A 839 9.37 9.37 40.90
N LEU A 840 10.52 9.49 41.57
CA LEU A 840 10.67 8.88 42.89
C LEU A 840 9.73 9.51 43.91
N LEU A 841 9.62 10.84 43.88
CA LEU A 841 8.69 11.51 44.79
C LEU A 841 7.26 11.09 44.50
N GLY A 842 6.92 10.92 43.23
CA GLY A 842 5.60 10.42 42.89
C GLY A 842 5.33 9.03 43.43
N SER A 843 6.31 8.13 43.29
CA SER A 843 6.13 6.78 43.81
C SER A 843 6.00 6.78 45.33
N ILE A 844 6.82 7.58 46.01
CA ILE A 844 6.73 7.68 47.46
C ILE A 844 5.37 8.22 47.87
N GLY A 845 4.89 9.24 47.16
CA GLY A 845 3.58 9.79 47.49
C GLY A 845 2.47 8.79 47.28
N HIS A 846 2.54 8.00 46.21
CA HIS A 846 1.53 6.99 45.97
C HIS A 846 1.54 5.93 47.07
N TRP A 847 2.74 5.48 47.47
CA TRP A 847 2.82 4.49 48.54
C TRP A 847 2.26 5.03 49.85
N VAL A 848 2.64 6.26 50.22
CA VAL A 848 2.17 6.80 51.49
C VAL A 848 0.67 7.06 51.44
N TYR A 849 0.16 7.47 50.28
CA TYR A 849 -1.29 7.63 50.14
C TYR A 849 -2.01 6.33 50.35
N ILE A 850 -1.54 5.24 49.71
CA ILE A 850 -2.21 3.96 49.85
C ILE A 850 -2.16 3.48 51.29
N HIS A 851 -1.01 3.59 51.95
CA HIS A 851 -0.86 3.05 53.30
C HIS A 851 -1.31 4.00 54.40
N THR A 852 -1.72 5.22 54.06
CA THR A 852 -2.13 6.18 55.07
C THR A 852 -3.59 6.58 54.96
N GLU A 853 -4.16 6.60 53.75
CA GLU A 853 -5.53 7.08 53.58
C GLU A 853 -6.54 6.25 54.37
N GLY A 854 -6.25 4.98 54.62
CA GLY A 854 -7.16 4.18 55.40
C GLY A 854 -7.32 4.67 56.83
N LEU A 855 -6.21 4.99 57.49
CA LEU A 855 -6.27 5.45 58.87
C LEU A 855 -6.83 6.86 58.97
N ARG A 856 -6.50 7.71 58.00
CA ARG A 856 -6.96 9.10 57.99
C ARG A 856 -8.21 9.28 57.14
N GLY A 857 -9.06 8.24 57.06
CA GLY A 857 -10.31 8.36 56.35
C GLY A 857 -11.35 9.21 57.07
N ARG A 858 -11.27 9.30 58.40
CA ARG A 858 -12.21 10.13 59.14
C ARG A 858 -12.03 11.61 58.79
N VAL A 859 -10.78 12.04 58.62
CA VAL A 859 -10.50 13.44 58.31
C VAL A 859 -10.14 13.58 56.83
N HIS B 23 -32.54 5.69 42.81
CA HIS B 23 -33.15 4.58 42.10
C HIS B 23 -34.32 5.08 41.25
N ALA B 24 -34.78 6.30 41.53
CA ALA B 24 -35.88 6.87 40.75
C ALA B 24 -35.56 7.01 39.27
N PRO B 25 -34.39 7.52 38.86
CA PRO B 25 -34.10 7.55 37.41
C PRO B 25 -34.11 6.18 36.76
N ARG B 26 -33.63 5.16 37.47
CA ARG B 26 -33.61 3.80 36.91
C ARG B 26 -35.02 3.29 36.68
N SER B 27 -35.88 3.43 37.70
CA SER B 27 -37.26 3.01 37.54
C SER B 27 -37.96 3.79 36.43
N SER B 28 -37.68 5.09 36.34
CA SER B 28 -38.29 5.89 35.28
C SER B 28 -37.85 5.41 33.91
N MET B 29 -36.55 5.18 33.71
CA MET B 29 -36.06 4.74 32.41
C MET B 29 -36.62 3.36 32.05
N MET B 30 -36.68 2.45 33.02
CA MET B 30 -37.14 1.11 32.71
C MET B 30 -38.66 1.09 32.48
N SER B 31 -39.40 1.94 33.18
CA SER B 31 -40.82 2.09 32.88
C SER B 31 -41.02 2.69 31.49
N VAL B 32 -40.13 3.60 31.08
CA VAL B 32 -40.18 4.13 29.73
C VAL B 32 -39.96 3.02 28.70
N GLU B 33 -38.97 2.17 28.94
CA GLU B 33 -38.73 1.05 28.02
C GLU B 33 -39.92 0.08 28.01
N TYR B 34 -40.52 -0.17 29.18
CA TYR B 34 -41.69 -1.03 29.25
C TYR B 34 -42.86 -0.44 28.46
N ASP B 35 -43.06 0.87 28.55
CA ASP B 35 -44.13 1.50 27.78
C ASP B 35 -43.80 1.54 26.30
N GLY B 36 -42.52 1.57 25.94
CA GLY B 36 -42.14 1.50 24.54
C GLY B 36 -42.11 0.10 23.95
N ILE B 37 -42.16 -0.92 24.79
CA ILE B 37 -42.16 -2.29 24.28
C ILE B 37 -43.38 -2.60 23.42
N PRO B 38 -44.63 -2.32 23.83
CA PRO B 38 -45.77 -2.73 23.01
C PRO B 38 -45.75 -2.11 21.62
N LEU B 39 -46.18 -2.90 20.65
CA LEU B 39 -46.20 -2.50 19.24
C LEU B 39 -44.85 -1.98 18.77
N ILE B 91 -44.85 -5.71 -17.06
CA ILE B 91 -43.93 -4.97 -17.94
C ILE B 91 -42.50 -5.20 -17.43
N PRO B 92 -41.58 -5.65 -18.28
CA PRO B 92 -40.18 -5.77 -17.88
C PRO B 92 -39.49 -4.40 -17.93
N SER B 93 -38.18 -4.41 -17.69
CA SER B 93 -37.35 -3.22 -17.79
C SER B 93 -36.05 -3.58 -18.47
N VAL B 94 -35.51 -2.61 -19.22
CA VAL B 94 -34.26 -2.84 -19.93
C VAL B 94 -33.10 -2.99 -18.95
N GLU B 95 -33.14 -2.25 -17.84
CA GLU B 95 -32.12 -2.41 -16.82
C GLU B 95 -32.20 -3.79 -16.18
N GLU B 96 -33.42 -4.28 -15.93
CA GLU B 96 -33.59 -5.63 -15.41
C GLU B 96 -33.06 -6.65 -16.40
N ALA B 97 -33.31 -6.46 -17.69
CA ALA B 97 -32.80 -7.39 -18.70
C ALA B 97 -31.27 -7.39 -18.71
N LEU B 98 -30.66 -6.21 -18.65
CA LEU B 98 -29.19 -6.14 -18.62
C LEU B 98 -28.62 -6.82 -17.38
N SER B 99 -29.24 -6.59 -16.22
CA SER B 99 -28.74 -7.22 -14.99
C SER B 99 -28.89 -8.73 -15.04
N THR B 100 -30.03 -9.22 -15.54
CA THR B 100 -30.24 -10.66 -15.64
C THR B 100 -29.25 -11.29 -16.60
N LEU B 101 -28.98 -10.63 -17.73
CA LEU B 101 -27.99 -11.17 -18.67
C LEU B 101 -26.59 -11.16 -18.06
N ASP B 102 -26.27 -10.12 -17.29
CA ASP B 102 -24.97 -10.08 -16.62
C ASP B 102 -24.84 -11.22 -15.62
N ARG B 103 -25.91 -11.49 -14.86
CA ARG B 103 -25.91 -12.63 -13.94
C ARG B 103 -25.78 -13.94 -14.69
N ALA B 104 -26.44 -14.06 -15.84
CA ALA B 104 -26.32 -15.27 -16.65
C ALA B 104 -24.89 -15.47 -17.13
N ALA B 105 -24.24 -14.38 -17.54
CA ALA B 105 -22.84 -14.45 -17.93
C ALA B 105 -21.97 -14.91 -16.77
N ALA B 106 -22.23 -14.39 -15.57
CA ALA B 106 -21.46 -14.83 -14.41
C ALA B 106 -21.68 -16.32 -14.13
N ALA B 107 -22.93 -16.78 -14.22
CA ALA B 107 -23.22 -18.18 -13.97
C ALA B 107 -22.55 -19.08 -15.01
N LEU B 108 -22.57 -18.68 -16.28
CA LEU B 108 -21.87 -19.42 -17.30
C LEU B 108 -20.37 -19.41 -17.07
N ASN B 109 -19.83 -18.31 -16.55
CA ASN B 109 -18.42 -18.27 -16.19
C ASN B 109 -18.11 -19.26 -15.07
N ALA B 110 -19.03 -19.45 -14.14
CA ALA B 110 -18.86 -20.40 -13.05
C ALA B 110 -19.29 -21.81 -13.41
N ARG B 111 -19.70 -22.05 -14.66
CA ARG B 111 -20.13 -23.37 -15.14
C ARG B 111 -21.31 -23.90 -14.33
N ARG B 112 -22.42 -23.16 -14.37
CA ARG B 112 -23.70 -23.61 -13.83
C ARG B 112 -24.69 -23.47 -14.98
N TYR B 113 -24.78 -24.52 -15.80
CA TYR B 113 -25.47 -24.41 -17.08
C TYR B 113 -26.98 -24.30 -16.93
N ARG B 114 -27.58 -24.96 -15.94
CA ARG B 114 -29.02 -24.83 -15.75
C ARG B 114 -29.41 -23.39 -15.43
N ASP B 115 -28.75 -22.79 -14.43
CA ASP B 115 -29.04 -21.41 -14.08
C ASP B 115 -28.67 -20.47 -15.21
N ALA B 116 -27.57 -20.75 -15.90
CA ALA B 116 -27.18 -19.92 -17.04
C ALA B 116 -28.26 -19.93 -18.11
N LEU B 117 -28.78 -21.10 -18.45
CA LEU B 117 -29.85 -21.19 -19.43
C LEU B 117 -31.10 -20.45 -18.95
N LYS B 118 -31.43 -20.60 -17.67
CA LYS B 118 -32.63 -19.93 -17.14
C LYS B 118 -32.51 -18.42 -17.27
N LEU B 119 -31.41 -17.85 -16.77
CA LEU B 119 -31.26 -16.40 -16.80
C LEU B 119 -31.07 -15.87 -18.22
N TYR B 120 -30.39 -16.64 -19.08
CA TYR B 120 -30.25 -16.22 -20.46
C TYR B 120 -31.60 -16.18 -21.17
N LEU B 121 -32.45 -17.18 -20.94
CA LEU B 121 -33.79 -17.16 -21.51
C LEU B 121 -34.61 -15.99 -20.96
N GLY B 123 -33.48 -13.08 -19.88
CA GLY B 123 -33.00 -11.86 -20.50
C GLY B 123 -33.42 -11.76 -21.96
N GLY B 124 -33.38 -12.87 -22.69
CA GLY B 124 -33.78 -12.85 -24.08
C GLY B 124 -35.23 -12.45 -24.25
N ALA B 128 -36.76 -9.03 -25.87
CA ALA B 128 -37.71 -9.20 -26.97
C ALA B 128 -39.00 -8.45 -26.69
N ASN B 129 -39.43 -8.43 -25.42
CA ASN B 129 -40.65 -7.69 -25.07
C ASN B 129 -40.37 -6.18 -24.98
N VAL B 130 -39.19 -5.80 -24.52
CA VAL B 130 -38.88 -4.38 -24.32
C VAL B 130 -38.72 -3.66 -25.66
N ALA B 131 -38.12 -4.33 -26.65
CA ALA B 131 -37.73 -3.65 -27.88
C ALA B 131 -38.91 -2.97 -28.58
N ARG B 133 -41.31 -1.41 -27.18
CA ARG B 133 -41.67 -0.18 -26.47
C ARG B 133 -40.76 0.98 -26.83
N GLN B 134 -39.49 0.72 -27.14
CA GLN B 134 -38.56 1.80 -27.47
C GLN B 134 -38.99 2.51 -28.74
N ALA B 135 -38.97 3.84 -28.69
CA ALA B 135 -39.30 4.64 -29.86
C ALA B 135 -38.09 4.92 -30.73
N ASN B 136 -36.90 4.85 -30.17
CA ASN B 136 -35.68 5.06 -30.94
C ASN B 136 -35.47 3.91 -31.90
N PRO B 137 -35.42 4.14 -33.22
CA PRO B 137 -35.25 3.02 -34.15
C PRO B 137 -33.96 2.25 -33.93
N LYS B 138 -32.85 2.94 -33.61
CA LYS B 138 -31.58 2.24 -33.46
C LYS B 138 -31.59 1.35 -32.22
N ILE B 139 -32.09 1.86 -31.10
CA ILE B 139 -32.14 1.05 -29.88
C ILE B 139 -33.14 -0.09 -30.06
N CYS B 140 -34.26 0.17 -30.73
CA CYS B 140 -35.23 -0.90 -30.97
C CYS B 140 -34.61 -2.02 -31.80
N ASN B 141 -33.90 -1.66 -32.87
CA ASN B 141 -33.25 -2.68 -33.70
C ASN B 141 -32.18 -3.42 -32.93
N LEU B 142 -31.38 -2.70 -32.14
CA LEU B 142 -30.32 -3.35 -31.38
C LEU B 142 -30.88 -4.33 -30.36
N LEU B 143 -31.94 -3.93 -29.65
CA LEU B 143 -32.53 -4.81 -28.65
C LEU B 143 -33.22 -6.01 -29.29
N THR B 144 -33.89 -5.79 -30.43
CA THR B 144 -34.50 -6.92 -31.14
C THR B 144 -33.43 -7.92 -31.58
N SER B 145 -32.34 -7.42 -32.15
CA SER B 145 -31.26 -8.31 -32.60
C SER B 145 -30.62 -9.03 -31.42
N LYS B 146 -30.40 -8.32 -30.32
CA LYS B 146 -29.82 -8.94 -29.13
C LYS B 146 -30.73 -10.03 -28.57
N GLY B 147 -32.03 -9.75 -28.50
CA GLY B 147 -32.96 -10.77 -28.03
C GLY B 147 -32.99 -11.99 -28.93
N PHE B 148 -32.99 -11.77 -30.24
CA PHE B 148 -33.00 -12.88 -31.18
C PHE B 148 -31.74 -13.72 -31.03
N GLU B 149 -30.58 -13.06 -30.93
CA GLU B 149 -29.32 -13.78 -30.77
C GLU B 149 -29.26 -14.53 -29.46
N THR B 150 -29.76 -13.91 -28.38
CA THR B 150 -29.75 -14.58 -27.08
C THR B 150 -30.68 -15.78 -27.08
N LEU B 151 -31.82 -15.68 -27.76
CA LEU B 151 -32.72 -16.84 -27.85
C LEU B 151 -32.08 -17.96 -28.67
N ASN B 152 -31.39 -17.62 -29.76
CA ASN B 152 -30.68 -18.64 -30.52
C ASN B 152 -29.60 -19.31 -29.66
N TRP B 153 -28.87 -18.52 -28.88
CA TRP B 153 -27.86 -19.08 -28.00
C TRP B 153 -28.47 -19.95 -26.92
N CYS B 154 -29.65 -19.56 -26.40
CA CYS B 154 -30.34 -20.38 -25.42
C CYS B 154 -30.75 -21.71 -26.03
N ALA B 155 -31.24 -21.70 -27.27
CA ALA B 155 -31.57 -22.95 -27.95
C ALA B 155 -30.33 -23.82 -28.11
N ARG B 156 -29.21 -23.20 -28.49
CA ARG B 156 -27.97 -23.95 -28.63
C ARG B 156 -27.53 -24.58 -27.32
N LEU B 157 -27.63 -23.83 -26.22
CA LEU B 157 -27.21 -24.35 -24.92
C LEU B 157 -28.17 -25.43 -24.42
N CYS B 158 -29.47 -25.27 -24.68
CA CYS B 158 -30.42 -26.31 -24.32
C CYS B 158 -30.13 -27.59 -25.08
N ASP B 159 -29.85 -27.50 -26.37
CA ASP B 159 -29.46 -28.68 -27.14
C ASP B 159 -28.17 -29.27 -26.60
N TRP B 160 -27.22 -28.42 -26.20
CA TRP B 160 -25.96 -28.90 -25.64
C TRP B 160 -26.17 -29.69 -24.36
N ILE B 161 -27.05 -29.20 -23.48
CA ILE B 161 -27.36 -29.92 -22.25
C ILE B 161 -28.10 -31.21 -22.56
N GLU B 162 -29.04 -31.16 -23.51
CA GLU B 162 -29.74 -32.38 -23.92
C GLU B 162 -28.79 -33.40 -24.51
N GLY B 163 -27.65 -32.96 -25.04
CA GLY B 163 -26.64 -33.85 -25.56
C GLY B 163 -26.76 -34.17 -27.03
N ARG B 164 -27.82 -33.74 -27.71
CA ARG B 164 -27.93 -33.98 -29.15
C ARG B 164 -26.83 -33.25 -29.90
N ILE B 165 -26.29 -32.18 -29.32
CA ILE B 165 -25.14 -31.47 -29.85
C ILE B 165 -24.03 -31.53 -28.82
N LYS B 166 -22.91 -32.14 -29.20
CA LYS B 166 -21.75 -32.28 -28.33
C LYS B 166 -20.69 -31.26 -28.73
N GLU B 167 -20.26 -30.46 -27.76
CA GLU B 167 -19.28 -29.41 -28.02
C GLU B 167 -18.58 -29.07 -26.70
N LYS B 168 -17.31 -28.69 -26.81
CA LYS B 168 -16.44 -28.50 -25.67
C LYS B 168 -16.49 -27.03 -25.29
N HIS B 169 -16.84 -26.75 -24.02
CA HIS B 169 -16.85 -25.39 -23.47
C HIS B 169 -17.76 -24.47 -24.26
N PRO B 170 -19.07 -24.64 -24.18
CA PRO B 170 -19.98 -23.80 -24.98
C PRO B 170 -19.95 -22.36 -24.52
N ARG B 171 -20.08 -21.46 -25.50
CA ARG B 171 -20.05 -20.03 -25.29
C ARG B 171 -20.96 -19.37 -26.32
N PRO B 172 -21.49 -18.18 -26.03
CA PRO B 172 -22.37 -17.51 -26.99
C PRO B 172 -21.66 -17.28 -28.31
N GLY B 173 -22.40 -17.42 -29.39
CA GLY B 173 -21.82 -17.30 -30.71
C GLY B 173 -21.26 -15.90 -30.95
N VAL B 174 -20.17 -15.86 -31.71
CA VAL B 174 -19.55 -14.59 -32.05
C VAL B 174 -20.40 -13.86 -33.07
N HIS B 175 -20.85 -12.66 -32.72
CA HIS B 175 -21.71 -11.86 -33.60
C HIS B 175 -21.21 -10.43 -33.58
N LYS B 176 -20.75 -9.96 -34.74
CA LYS B 176 -20.32 -8.58 -34.90
C LYS B 176 -21.41 -7.78 -35.61
N VAL B 177 -21.70 -6.60 -35.07
CA VAL B 177 -22.81 -5.78 -35.53
C VAL B 177 -22.25 -4.51 -36.15
N GLY B 178 -22.65 -4.24 -37.39
CA GLY B 178 -22.26 -3.03 -38.09
C GLY B 178 -23.42 -2.05 -38.14
N ILE B 179 -23.23 -0.92 -37.47
CA ILE B 179 -24.24 0.13 -37.44
C ILE B 179 -23.77 1.29 -38.31
N PRO B 180 -24.67 2.03 -38.95
CA PRO B 180 -24.24 3.21 -39.69
C PRO B 180 -23.59 4.22 -38.76
N VAL B 181 -22.53 4.86 -39.24
CA VAL B 181 -21.79 5.78 -38.40
C VAL B 181 -22.57 7.08 -38.27
N SER B 182 -22.42 7.73 -37.11
CA SER B 182 -23.20 8.93 -36.83
C SER B 182 -22.83 10.07 -37.77
N ASN B 183 -21.53 10.25 -38.02
CA ASN B 183 -21.03 11.38 -38.79
C ASN B 183 -20.27 10.87 -40.01
N TRP B 184 -20.74 11.24 -41.20
CA TRP B 184 -20.04 10.97 -42.44
C TRP B 184 -19.97 12.26 -43.24
N ASP B 185 -18.79 12.55 -43.78
CA ASP B 185 -18.56 13.81 -44.47
C ASP B 185 -18.98 13.68 -45.94
N GLU B 186 -19.95 14.50 -46.34
CA GLU B 186 -20.37 14.50 -47.75
C GLU B 186 -19.22 14.93 -48.66
N ASP B 187 -18.47 15.94 -48.24
CA ASP B 187 -17.33 16.45 -49.01
C ASP B 187 -16.07 15.76 -48.49
N TRP B 188 -15.59 14.77 -49.23
CA TRP B 188 -14.39 14.04 -48.89
C TRP B 188 -13.81 13.45 -50.17
N VAL B 189 -12.49 13.32 -50.21
CA VAL B 189 -11.79 12.87 -51.40
C VAL B 189 -11.02 11.60 -51.07
N GLY B 190 -11.23 10.56 -51.88
CA GLY B 190 -10.52 9.31 -51.74
C GLY B 190 -10.31 8.65 -53.08
N PRO B 191 -9.33 7.75 -53.18
CA PRO B 191 -9.04 7.10 -54.47
C PRO B 191 -10.20 6.28 -54.99
N PHE B 192 -10.66 5.35 -54.16
CA PHE B 192 -11.85 4.54 -54.42
C PHE B 192 -12.19 3.81 -53.13
N MET B 193 -13.48 3.58 -52.91
CA MET B 193 -13.94 2.97 -51.67
C MET B 193 -15.36 2.47 -51.86
N ASP B 194 -15.77 1.53 -51.01
CA ASP B 194 -17.15 1.08 -51.06
C ASP B 194 -17.96 1.68 -49.91
N GLU B 195 -19.27 1.78 -50.11
CA GLU B 195 -20.12 2.43 -49.13
C GLU B 195 -20.20 1.64 -47.83
N GLU B 196 -20.23 0.31 -47.92
CA GLU B 196 -20.31 -0.51 -46.72
C GLU B 196 -19.10 -0.31 -45.82
N GLU B 197 -17.90 -0.25 -46.40
CA GLU B 197 -16.70 -0.03 -45.60
C GLU B 197 -16.59 1.43 -45.14
N ALA B 198 -16.92 2.38 -46.01
CA ALA B 198 -16.71 3.78 -45.68
C ALA B 198 -17.69 4.28 -44.63
N ARG B 199 -18.97 3.97 -44.79
CA ARG B 199 -20.02 4.61 -43.99
C ARG B 199 -20.35 3.85 -42.70
N ARG B 200 -19.99 2.57 -42.61
CA ARG B 200 -20.49 1.70 -41.56
C ARG B 200 -19.36 1.31 -40.62
N MET B 201 -19.67 1.17 -39.34
CA MET B 201 -18.69 0.83 -38.32
C MET B 201 -19.00 -0.55 -37.73
N TRP B 202 -18.00 -1.42 -37.73
CA TRP B 202 -18.09 -2.79 -37.25
C TRP B 202 -17.56 -2.91 -35.83
N TYR B 203 -18.19 -3.76 -35.04
CA TYR B 203 -17.80 -3.94 -33.65
C TYR B 203 -18.15 -5.36 -33.20
N THR B 204 -17.25 -5.96 -32.42
CA THR B 204 -17.46 -7.30 -31.88
C THR B 204 -16.83 -7.43 -30.51
N PRO B 205 -17.56 -7.90 -29.51
CA PRO B 205 -16.96 -8.18 -28.21
C PRO B 205 -16.37 -9.58 -28.17
N VAL B 206 -15.18 -9.70 -27.58
CA VAL B 206 -14.46 -10.96 -27.59
C VAL B 206 -14.24 -11.44 -26.15
N TYR B 207 -14.46 -12.74 -25.96
CA TYR B 207 -14.26 -13.39 -24.67
C TYR B 207 -12.82 -13.83 -24.43
N CYS B 208 -11.98 -13.83 -25.46
CA CYS B 208 -10.70 -14.52 -25.47
C CYS B 208 -9.93 -14.30 -24.17
N PRO B 209 -9.82 -15.34 -23.33
CA PRO B 209 -9.01 -15.18 -22.11
C PRO B 209 -7.52 -15.28 -22.38
N HIS B 210 -7.13 -16.20 -23.25
CA HIS B 210 -5.76 -16.38 -23.67
C HIS B 210 -5.65 -15.90 -25.11
N PRO B 211 -5.06 -14.73 -25.37
CA PRO B 211 -5.14 -14.16 -26.73
C PRO B 211 -4.48 -15.01 -27.81
N ILE B 212 -3.96 -16.20 -27.47
CA ILE B 212 -3.38 -17.06 -28.50
C ILE B 212 -4.45 -17.68 -29.37
N ASP B 213 -5.57 -18.14 -28.78
CA ASP B 213 -6.63 -18.75 -29.56
C ASP B 213 -7.67 -17.74 -30.01
N PHE B 214 -7.27 -16.49 -30.23
CA PHE B 214 -8.18 -15.49 -30.78
C PHE B 214 -8.70 -15.92 -32.14
N SER B 215 -7.83 -16.46 -32.99
CA SER B 215 -8.27 -16.97 -34.29
C SER B 215 -8.98 -18.30 -34.17
N ASN B 216 -8.79 -19.03 -33.06
CA ASN B 216 -9.41 -20.34 -32.92
C ASN B 216 -10.90 -20.24 -32.56
N LEU B 217 -11.29 -19.21 -31.82
CA LEU B 217 -12.67 -19.07 -31.37
C LEU B 217 -13.59 -18.49 -32.44
N GLY B 218 -13.07 -18.12 -33.60
CA GLY B 218 -13.88 -17.60 -34.68
C GLY B 218 -13.86 -16.09 -34.82
N TYR B 219 -13.05 -15.38 -34.05
CA TYR B 219 -12.96 -13.94 -34.19
C TYR B 219 -12.17 -13.59 -35.45
N ARG B 220 -12.74 -12.68 -36.25
CA ARG B 220 -12.09 -12.18 -37.45
C ARG B 220 -12.18 -10.67 -37.47
N LEU B 221 -11.26 -10.06 -38.19
CA LEU B 221 -11.24 -8.61 -38.37
C LEU B 221 -11.70 -8.27 -39.79
N ARG B 222 -12.08 -7.01 -39.97
CA ARG B 222 -12.60 -6.58 -41.27
C ARG B 222 -11.57 -6.74 -42.36
N CYS B 223 -10.28 -6.62 -42.02
CA CYS B 223 -9.24 -6.87 -43.01
C CYS B 223 -9.31 -8.30 -43.53
N VAL B 224 -9.42 -9.28 -42.62
CA VAL B 224 -9.52 -10.67 -43.02
C VAL B 224 -10.80 -10.91 -43.81
N GLU B 225 -11.92 -10.33 -43.36
CA GLU B 225 -13.19 -10.57 -44.02
C GLU B 225 -13.20 -10.01 -45.44
N THR B 226 -12.65 -8.81 -45.62
CA THR B 226 -12.58 -8.20 -46.94
C THR B 226 -11.46 -8.77 -47.79
N GLY B 227 -10.56 -9.54 -47.19
CA GLY B 227 -9.46 -10.13 -47.93
C GLY B 227 -8.21 -9.28 -47.96
N ARG B 228 -8.25 -8.07 -47.40
CA ARG B 228 -7.04 -7.27 -47.29
C ARG B 228 -6.05 -7.92 -46.35
N ARG B 229 -4.79 -7.93 -46.75
CA ARG B 229 -3.75 -8.73 -46.11
C ARG B 229 -2.67 -7.76 -45.66
N PRO B 230 -2.87 -7.08 -44.53
CA PRO B 230 -1.94 -6.01 -44.14
C PRO B 230 -0.53 -6.54 -43.91
N ARG B 231 0.43 -5.85 -44.52
CA ARG B 231 1.84 -6.19 -44.39
C ARG B 231 2.49 -5.57 -43.17
N LEU B 232 1.99 -4.43 -42.71
CA LEU B 232 2.51 -3.77 -41.51
C LEU B 232 1.36 -3.42 -40.59
N MET B 233 1.54 -3.66 -39.30
CA MET B 233 0.56 -3.27 -38.29
C MET B 233 1.24 -2.40 -37.25
N ILE B 234 0.50 -1.44 -36.70
CA ILE B 234 1.02 -0.46 -35.75
C ILE B 234 0.12 -0.47 -34.52
N CYS B 235 0.74 -0.38 -33.35
CA CYS B 235 0.02 -0.38 -32.08
C CYS B 235 0.17 0.97 -31.40
N ILE B 236 -0.93 1.49 -30.87
CA ILE B 236 -0.94 2.75 -30.14
C ILE B 236 -1.58 2.45 -28.79
N THR B 237 -0.77 2.09 -27.80
CA THR B 237 -1.30 1.88 -26.46
C THR B 237 -1.73 3.20 -25.86
N MET B 238 -2.98 3.26 -25.39
CA MET B 238 -3.54 4.49 -24.88
C MET B 238 -4.23 4.22 -23.55
N TYR B 239 -4.02 5.10 -22.58
CA TYR B 239 -4.59 4.92 -21.25
C TYR B 239 -4.68 6.28 -20.58
N ASN B 240 -5.89 6.82 -20.45
CA ASN B 240 -6.15 8.07 -19.74
C ASN B 240 -5.32 9.18 -20.41
N GLU B 241 -5.71 9.52 -21.63
CA GLU B 241 -5.11 10.59 -22.40
C GLU B 241 -6.20 11.53 -22.89
N GLY B 242 -5.84 12.79 -23.12
CA GLY B 242 -6.75 13.74 -23.70
C GLY B 242 -6.90 13.51 -25.18
N PRO B 243 -7.95 14.07 -25.78
CA PRO B 243 -8.14 13.90 -27.23
C PRO B 243 -7.01 14.47 -28.06
N GLN B 244 -6.31 15.49 -27.56
CA GLN B 244 -5.32 16.17 -28.39
C GLN B 244 -4.15 15.25 -28.74
N GLN B 245 -3.69 14.46 -27.77
CA GLN B 245 -2.56 13.56 -28.03
C GLN B 245 -2.93 12.52 -29.10
N LEU B 246 -4.10 11.92 -28.96
CA LEU B 246 -4.52 10.91 -29.92
C LEU B 246 -4.76 11.53 -31.29
N LYS B 247 -5.33 12.73 -31.34
CA LYS B 247 -5.54 13.40 -32.62
C LYS B 247 -4.21 13.72 -33.29
N ALA B 248 -3.23 14.17 -32.51
CA ALA B 248 -1.91 14.44 -33.07
C ALA B 248 -1.27 13.16 -33.60
N THR B 249 -1.36 12.06 -32.85
CA THR B 249 -0.78 10.81 -33.31
C THR B 249 -1.44 10.34 -34.61
N LEU B 250 -2.77 10.42 -34.68
CA LEU B 250 -3.46 9.96 -35.89
C LEU B 250 -3.17 10.87 -37.08
N LYS B 251 -3.09 12.18 -36.85
CA LYS B 251 -2.72 13.09 -37.94
C LYS B 251 -1.31 12.79 -38.44
N LYS B 252 -0.38 12.50 -37.53
CA LYS B 252 0.98 12.19 -37.93
C LYS B 252 1.04 10.88 -38.71
N LEU B 253 0.26 9.88 -38.29
CA LEU B 253 0.20 8.62 -39.04
C LEU B 253 -0.38 8.83 -40.42
N ALA B 254 -1.42 9.68 -40.54
CA ALA B 254 -1.98 9.98 -41.85
C ALA B 254 -0.96 10.69 -42.73
N ASN B 255 -0.16 11.59 -42.15
CA ASN B 255 0.90 12.24 -42.89
C ASN B 255 1.93 11.22 -43.37
N ASN B 256 2.27 10.26 -42.53
CA ASN B 256 3.20 9.21 -42.93
C ASN B 256 2.64 8.40 -44.09
N LEU B 257 1.36 8.05 -44.04
CA LEU B 257 0.75 7.30 -45.14
C LEU B 257 0.74 8.12 -46.42
N ALA B 258 0.46 9.43 -46.31
CA ALA B 258 0.50 10.28 -47.49
C ALA B 258 1.90 10.33 -48.09
N TYR B 259 2.92 10.45 -47.23
CA TYR B 259 4.30 10.45 -47.72
C TYR B 259 4.65 9.15 -48.41
N LEU B 260 4.19 8.02 -47.85
CA LEU B 260 4.42 6.73 -48.49
C LEU B 260 3.71 6.64 -49.82
N LYS B 261 2.53 7.26 -49.93
CA LYS B 261 1.81 7.29 -51.20
C LYS B 261 2.58 8.10 -52.25
N GLU B 262 3.15 9.23 -51.84
CA GLU B 262 3.73 10.15 -52.83
C GLU B 262 5.14 9.77 -53.29
N GLN B 263 5.61 8.54 -53.17
CA GLN B 263 6.95 8.20 -53.62
C GLN B 263 7.01 8.04 -55.13
N MET B 264 8.07 8.55 -55.73
CA MET B 264 8.24 8.44 -57.18
C MET B 264 8.65 7.02 -57.56
N PRO B 265 7.92 6.37 -58.45
CA PRO B 265 8.29 5.03 -58.90
C PRO B 265 9.47 5.06 -59.86
N GLY B 266 9.99 3.87 -60.12
CA GLY B 266 11.04 3.73 -61.13
C GLY B 266 12.33 4.45 -60.84
N ASP B 267 12.77 4.43 -59.58
CA ASP B 267 14.04 5.02 -59.20
C ASP B 267 14.73 4.14 -58.15
N GLU B 268 16.03 4.36 -57.98
CA GLU B 268 16.83 3.51 -57.10
C GLU B 268 16.47 3.72 -55.64
N LYS B 269 16.27 4.96 -55.22
CA LYS B 269 16.19 5.28 -53.80
C LYS B 269 14.87 4.86 -53.17
N SER B 270 13.76 5.04 -53.86
CA SER B 270 12.45 4.84 -53.22
C SER B 270 12.13 3.36 -53.07
N LEU B 271 11.13 3.08 -52.23
CA LEU B 271 10.69 1.72 -52.00
C LEU B 271 9.97 1.16 -53.22
N THR B 272 9.98 -0.17 -53.32
CA THR B 272 9.25 -0.88 -54.35
C THR B 272 8.48 -2.03 -53.73
N GLY B 273 7.31 -2.33 -54.29
CA GLY B 273 6.53 -3.46 -53.84
C GLY B 273 5.23 -3.11 -53.16
N ALA B 274 5.00 -3.69 -51.98
CA ALA B 274 3.71 -3.57 -51.31
C ALA B 274 3.46 -2.19 -50.75
N PHE B 275 4.47 -1.31 -50.71
CA PHE B 275 4.33 0.01 -50.13
C PHE B 275 4.37 1.11 -51.19
N ALA B 276 3.93 0.81 -52.41
CA ALA B 276 3.92 1.78 -53.48
C ALA B 276 2.74 2.73 -53.32
N GLY B 277 2.56 3.64 -54.27
CA GLY B 277 1.53 4.65 -54.17
C GLY B 277 0.14 4.14 -54.53
N ASP B 278 -0.86 4.93 -54.14
CA ASP B 278 -2.26 4.74 -54.50
C ASP B 278 -2.87 3.52 -53.84
N ASP B 279 -2.07 2.77 -53.06
CA ASP B 279 -2.58 1.58 -52.40
C ASP B 279 -1.90 1.30 -51.05
N VAL B 280 -1.08 2.22 -50.56
CA VAL B 280 -0.32 1.95 -49.34
C VAL B 280 -1.24 1.92 -48.12
N TRP B 281 -2.33 2.70 -48.15
CA TRP B 281 -3.20 2.81 -47.00
C TRP B 281 -3.91 1.50 -46.66
N GLN B 282 -4.04 0.60 -47.64
CA GLN B 282 -4.67 -0.70 -47.40
C GLN B 282 -3.77 -1.68 -46.67
N ASN B 283 -2.46 -1.58 -46.85
CA ASN B 283 -1.52 -2.56 -46.33
C ASN B 283 -1.00 -2.23 -44.94
N VAL B 284 -1.49 -1.15 -44.33
CA VAL B 284 -1.06 -0.73 -43.00
C VAL B 284 -2.28 -0.64 -42.10
N LEU B 285 -2.23 -1.33 -40.96
CA LEU B 285 -3.30 -1.32 -39.99
C LEU B 285 -2.79 -0.71 -38.70
N VAL B 286 -3.55 0.24 -38.16
CA VAL B 286 -3.21 0.93 -36.92
C VAL B 286 -4.13 0.41 -35.83
N CYS B 287 -3.55 -0.24 -34.83
CA CYS B 287 -4.32 -0.92 -33.80
C CYS B 287 -4.19 -0.15 -32.50
N ILE B 288 -5.29 0.41 -32.02
CA ILE B 288 -5.32 1.22 -30.80
C ILE B 288 -5.80 0.31 -29.68
N VAL B 289 -4.94 0.05 -28.71
CA VAL B 289 -5.27 -0.82 -27.58
C VAL B 289 -5.40 0.07 -26.36
N ALA B 290 -6.61 0.17 -25.81
CA ALA B 290 -6.80 0.88 -24.57
C ALA B 290 -6.40 -0.01 -23.39
N ASP B 291 -6.48 0.56 -22.19
CA ASP B 291 -6.09 -0.18 -20.99
C ASP B 291 -7.24 -0.46 -20.05
N GLY B 292 -8.25 0.40 -20.01
CA GLY B 292 -9.39 0.15 -19.15
C GLY B 292 -10.58 1.02 -19.47
N ARG B 293 -11.76 0.40 -19.60
CA ARG B 293 -12.98 1.16 -19.85
C ARG B 293 -13.29 2.12 -18.72
N GLU B 294 -12.72 1.88 -17.54
CA GLU B 294 -12.96 2.71 -16.36
C GLU B 294 -11.99 3.88 -16.23
N GLN B 295 -10.95 3.95 -17.06
CA GLN B 295 -9.91 4.95 -16.91
C GLN B 295 -9.72 5.84 -18.13
N VAL B 296 -10.25 5.47 -19.29
CA VAL B 296 -10.10 6.31 -20.47
C VAL B 296 -10.84 7.63 -20.25
N HIS B 297 -10.31 8.70 -20.83
CA HIS B 297 -10.88 10.04 -20.65
C HIS B 297 -12.20 10.23 -21.37
N PRO B 298 -13.23 10.72 -20.66
CA PRO B 298 -14.52 10.95 -21.33
C PRO B 298 -14.39 11.81 -22.58
N LYS B 299 -13.49 12.80 -22.57
CA LYS B 299 -13.24 13.56 -23.78
C LYS B 299 -12.60 12.70 -24.86
N THR B 300 -11.81 11.71 -24.43
CA THR B 300 -11.19 10.77 -25.35
C THR B 300 -12.28 9.96 -26.03
N LEU B 301 -13.26 9.49 -25.26
CA LEU B 301 -14.37 8.72 -25.81
C LEU B 301 -15.24 9.58 -26.72
N ASP B 302 -15.44 10.85 -26.35
CA ASP B 302 -16.18 11.75 -27.23
C ASP B 302 -15.47 11.92 -28.57
N TYR B 303 -14.15 12.09 -28.53
CA TYR B 303 -13.39 12.15 -29.78
C TYR B 303 -13.52 10.88 -30.58
N LEU B 304 -13.44 9.73 -29.91
CA LEU B 304 -13.51 8.44 -30.62
C LEU B 304 -14.88 8.27 -31.28
N GLU B 305 -15.95 8.69 -30.60
CA GLU B 305 -17.26 8.68 -31.24
C GLU B 305 -17.31 9.68 -32.40
N ALA B 306 -16.60 10.80 -32.27
CA ALA B 306 -16.60 11.79 -33.35
C ALA B 306 -15.94 11.24 -34.60
N ILE B 307 -14.85 10.49 -34.45
CA ILE B 307 -14.16 9.94 -35.61
C ILE B 307 -14.85 8.67 -36.06
N GLY B 308 -15.95 8.32 -35.38
CA GLY B 308 -16.74 7.17 -35.76
C GLY B 308 -16.08 5.85 -35.46
N LEU B 309 -15.76 5.61 -34.19
CA LEU B 309 -15.08 4.39 -33.79
C LEU B 309 -15.54 3.88 -32.42
N TYR B 310 -16.55 4.50 -31.82
CA TYR B 310 -17.00 4.14 -30.49
C TYR B 310 -18.50 4.38 -30.39
N ASP B 311 -19.17 3.55 -29.60
CA ASP B 311 -20.62 3.68 -29.41
C ASP B 311 -21.01 3.03 -28.10
N GLU B 312 -21.38 3.85 -27.10
CA GLU B 312 -21.73 3.32 -25.79
C GLU B 312 -22.99 2.45 -25.85
N ASP B 313 -24.00 2.89 -26.61
CA ASP B 313 -25.22 2.10 -26.72
C ASP B 313 -24.94 0.74 -27.35
N LEU B 314 -24.17 0.73 -28.44
CA LEU B 314 -23.82 -0.53 -29.09
C LEU B 314 -23.04 -1.44 -28.15
N LEU B 315 -22.08 -0.87 -27.42
CA LEU B 315 -21.30 -1.67 -26.48
C LEU B 315 -22.21 -2.29 -25.41
N THR B 316 -23.07 -1.48 -24.79
CA THR B 316 -23.90 -1.98 -23.71
C THR B 316 -24.90 -3.03 -24.20
N ILE B 317 -25.51 -2.81 -25.36
CA ILE B 317 -26.46 -3.79 -25.87
C ILE B 317 -25.76 -5.09 -26.26
N ASN B 318 -24.70 -5.00 -27.07
CA ASN B 318 -24.13 -6.20 -27.65
C ASN B 318 -23.11 -6.90 -26.75
N SER B 319 -22.78 -6.32 -25.60
CA SER B 319 -21.89 -6.97 -24.65
C SER B 319 -22.59 -7.30 -23.34
N ALA B 320 -23.91 -7.45 -23.36
CA ALA B 320 -24.66 -7.66 -22.13
C ALA B 320 -24.33 -9.00 -21.49
N GLY B 321 -24.40 -10.07 -22.25
CA GLY B 321 -24.24 -11.41 -21.68
C GLY B 321 -22.99 -12.14 -22.13
N ILE B 322 -22.27 -11.58 -23.10
CA ILE B 322 -21.08 -12.23 -23.62
C ILE B 322 -19.97 -12.24 -22.56
N GLY B 323 -19.92 -11.22 -21.72
CA GLY B 323 -18.90 -11.13 -20.69
C GLY B 323 -17.52 -10.96 -21.28
N ALA B 324 -17.40 -10.07 -22.26
CA ALA B 324 -16.15 -9.91 -22.99
C ALA B 324 -15.07 -9.29 -22.10
N GLN B 325 -13.84 -9.77 -22.29
CA GLN B 325 -12.69 -9.16 -21.64
C GLN B 325 -12.31 -7.84 -22.29
N CYS B 326 -12.36 -7.78 -23.62
CA CYS B 326 -12.09 -6.55 -24.34
C CYS B 326 -13.07 -6.42 -25.49
N HIS B 327 -13.37 -5.18 -25.84
CA HIS B 327 -14.27 -4.87 -26.94
C HIS B 327 -13.48 -4.16 -28.03
N LEU B 328 -13.51 -4.70 -29.25
CA LEU B 328 -12.76 -4.12 -30.36
C LEU B 328 -13.72 -3.55 -31.38
N PHE B 329 -13.49 -2.30 -31.76
CA PHE B 329 -14.23 -1.64 -32.82
C PHE B 329 -13.32 -1.44 -34.03
N GLU B 330 -13.86 -1.68 -35.22
CA GLU B 330 -13.09 -1.54 -36.44
C GLU B 330 -13.74 -0.49 -37.33
N HIS B 331 -12.93 0.47 -37.77
CA HIS B 331 -13.40 1.49 -38.71
C HIS B 331 -12.20 2.09 -39.41
N THR B 332 -12.23 2.03 -40.74
CA THR B 332 -11.21 2.67 -41.57
C THR B 332 -11.55 4.16 -41.60
N LEU B 333 -11.19 4.84 -40.51
CA LEU B 333 -11.64 6.20 -40.27
C LEU B 333 -11.08 7.18 -41.29
N GLN B 334 -11.92 8.16 -41.67
CA GLN B 334 -11.53 9.25 -42.56
C GLN B 334 -11.31 10.49 -41.71
N LEU B 335 -10.16 11.12 -41.88
CA LEU B 335 -9.79 12.31 -41.11
C LEU B 335 -9.56 13.48 -42.05
N SER B 336 -10.07 14.65 -41.66
CA SER B 336 -9.91 15.87 -42.44
C SER B 336 -9.27 16.93 -41.56
N VAL B 337 -8.27 17.63 -42.12
CA VAL B 337 -7.62 18.75 -41.44
C VAL B 337 -7.68 19.95 -42.37
N ASN B 338 -8.46 20.96 -41.98
CA ASN B 338 -8.63 22.19 -42.75
C ASN B 338 -9.18 21.81 -44.13
N GLY B 339 -8.62 22.33 -45.22
CA GLY B 339 -9.04 21.98 -46.56
C GLY B 339 -8.39 20.75 -47.13
N LYS B 340 -7.53 20.08 -46.37
CA LYS B 340 -6.86 18.87 -46.81
C LYS B 340 -7.42 17.66 -46.08
N CYS B 341 -7.88 16.69 -46.85
CA CYS B 341 -8.44 15.46 -46.31
C CYS B 341 -7.35 14.41 -46.22
N LEU B 342 -7.12 13.89 -45.01
CA LEU B 342 -6.06 12.93 -44.79
C LEU B 342 -6.40 11.58 -45.41
N LEU B 343 -5.38 10.75 -45.57
CA LEU B 343 -5.58 9.41 -46.10
C LEU B 343 -6.36 8.56 -45.10
N PRO B 344 -7.26 7.71 -45.56
CA PRO B 344 -7.97 6.82 -44.64
C PRO B 344 -7.00 5.88 -43.96
N ILE B 345 -7.26 5.61 -42.68
CA ILE B 345 -6.40 4.77 -41.86
C ILE B 345 -7.19 3.56 -41.42
N GLN B 346 -6.66 2.37 -41.71
CA GLN B 346 -7.30 1.13 -41.29
C GLN B 346 -7.06 0.94 -39.80
N THR B 347 -8.09 1.10 -39.00
CA THR B 347 -7.94 1.19 -37.56
C THR B 347 -8.77 0.12 -36.85
N VAL B 348 -8.18 -0.46 -35.81
CA VAL B 348 -8.85 -1.40 -34.93
C VAL B 348 -8.60 -0.90 -33.51
N PHE B 349 -9.67 -0.66 -32.76
CA PHE B 349 -9.57 -0.11 -31.41
C PHE B 349 -10.11 -1.14 -30.41
N ALA B 350 -9.21 -1.70 -29.61
CA ALA B 350 -9.56 -2.74 -28.65
C ALA B 350 -9.58 -2.11 -27.26
N LEU B 351 -10.78 -1.75 -26.80
CA LEU B 351 -10.99 -1.23 -25.46
C LEU B 351 -11.21 -2.41 -24.53
N LYS B 352 -10.34 -2.57 -23.55
CA LYS B 352 -10.38 -3.73 -22.67
C LYS B 352 -10.98 -3.37 -21.32
N GLU B 353 -11.86 -4.25 -20.82
CA GLU B 353 -12.75 -3.88 -19.73
C GLU B 353 -11.99 -3.69 -18.42
N ASN B 354 -11.14 -4.64 -18.06
CA ASN B 354 -10.43 -4.60 -16.79
C ASN B 354 -9.06 -3.97 -16.98
N LYS B 355 -8.72 -3.06 -16.06
CA LYS B 355 -7.43 -2.39 -16.14
C LYS B 355 -6.30 -3.38 -15.98
N ALA B 356 -5.25 -3.18 -16.77
CA ALA B 356 -4.07 -4.03 -16.72
C ALA B 356 -2.86 -3.18 -17.06
N SER B 357 -1.76 -3.84 -17.42
CA SER B 357 -0.53 -3.13 -17.70
C SER B 357 -0.32 -2.96 -19.21
N LYS B 358 0.62 -2.08 -19.56
CA LYS B 358 1.05 -1.97 -20.94
C LYS B 358 1.56 -3.29 -21.46
N LEU B 359 2.14 -4.11 -20.57
CA LEU B 359 2.53 -5.46 -20.96
C LEU B 359 1.33 -6.28 -21.38
N ASP B 360 0.21 -6.14 -20.67
CA ASP B 360 -1.01 -6.87 -21.05
C ASP B 360 -1.59 -6.33 -22.35
N SER B 361 -1.52 -5.01 -22.54
CA SER B 361 -1.96 -4.44 -23.82
C SER B 361 -1.15 -5.00 -24.98
N HIS B 362 0.17 -5.07 -24.81
CA HIS B 362 1.01 -5.68 -25.84
C HIS B 362 0.72 -7.17 -25.98
N HIS B 363 0.38 -7.84 -24.88
CA HIS B 363 -0.01 -9.24 -24.96
C HIS B 363 -1.19 -9.40 -25.89
N TRP B 364 -2.26 -8.64 -25.65
CA TRP B 364 -3.43 -8.72 -26.51
C TRP B 364 -3.05 -8.41 -27.95
N TYR B 365 -2.41 -7.26 -28.16
CA TYR B 365 -2.06 -6.81 -29.51
C TYR B 365 -1.25 -7.87 -30.24
N PHE B 366 -0.05 -8.15 -29.74
CA PHE B 366 0.86 -9.10 -30.38
C PHE B 366 0.17 -10.43 -30.57
N ASN B 367 -0.16 -11.12 -29.47
CA ASN B 367 -0.66 -12.48 -29.60
C ASN B 367 -1.87 -12.51 -30.53
N ALA B 368 -2.98 -11.88 -30.14
CA ALA B 368 -4.20 -12.01 -30.93
C ALA B 368 -4.00 -11.51 -32.35
N PHE B 369 -3.76 -10.21 -32.52
CA PHE B 369 -3.85 -9.64 -33.85
C PHE B 369 -2.69 -10.08 -34.74
N ALA B 370 -1.48 -10.11 -34.20
CA ALA B 370 -0.34 -10.56 -34.97
C ALA B 370 -0.49 -12.03 -35.36
N GLU B 371 -0.93 -12.89 -34.45
CA GLU B 371 -1.10 -14.30 -34.81
C GLU B 371 -2.23 -14.46 -35.84
N GLN B 372 -3.16 -13.52 -35.87
CA GLN B 372 -4.23 -13.63 -36.85
C GLN B 372 -3.76 -13.20 -38.25
N ILE B 373 -3.37 -11.93 -38.41
CA ILE B 373 -3.15 -11.44 -39.77
C ILE B 373 -1.71 -11.66 -40.22
N GLN B 374 -0.80 -11.90 -39.27
CA GLN B 374 0.59 -12.23 -39.53
C GLN B 374 1.26 -11.14 -40.38
N PRO B 375 1.52 -9.98 -39.80
CA PRO B 375 2.15 -8.90 -40.55
C PRO B 375 3.61 -9.24 -40.83
N GLU B 376 4.20 -8.49 -41.76
CA GLU B 376 5.62 -8.65 -42.07
C GLU B 376 6.49 -7.84 -41.13
N TYR B 377 6.10 -6.60 -40.85
CA TYR B 377 6.73 -5.77 -39.84
C TYR B 377 5.71 -5.36 -38.79
N THR B 378 6.14 -5.25 -37.55
CA THR B 378 5.26 -4.90 -36.44
C THR B 378 5.87 -3.72 -35.70
N ALA B 379 5.16 -2.60 -35.68
CA ALA B 379 5.63 -1.37 -35.06
C ALA B 379 4.82 -1.07 -33.81
N VAL B 380 5.49 -0.53 -32.80
CA VAL B 380 4.86 -0.20 -31.52
C VAL B 380 5.26 1.21 -31.12
N MET B 381 4.28 2.06 -30.85
CA MET B 381 4.54 3.36 -30.28
C MET B 381 3.47 3.67 -29.24
N ASP B 382 3.82 4.56 -28.32
CA ASP B 382 2.90 4.99 -27.28
C ASP B 382 1.93 6.02 -27.85
N VAL B 383 1.05 6.54 -27.02
CA VAL B 383 0.09 7.56 -27.43
C VAL B 383 0.71 8.92 -27.16
N GLY B 384 0.64 9.80 -28.16
CA GLY B 384 1.22 11.13 -28.05
C GLY B 384 2.54 11.30 -28.77
N THR B 385 3.06 10.25 -29.39
CA THR B 385 4.30 10.36 -30.15
C THR B 385 3.99 10.80 -31.57
N MET B 386 4.44 11.99 -31.95
CA MET B 386 4.24 12.52 -33.29
C MET B 386 5.42 12.12 -34.14
N LEU B 387 5.15 11.50 -35.29
CA LEU B 387 6.19 11.10 -36.21
C LEU B 387 6.29 12.10 -37.36
N THR B 388 7.50 12.31 -37.86
CA THR B 388 7.67 13.17 -39.01
C THR B 388 7.07 12.49 -40.25
N LYS B 389 7.14 13.19 -41.39
CA LYS B 389 6.60 12.62 -42.62
C LYS B 389 7.35 11.37 -43.06
N SER B 390 8.58 11.17 -42.60
CA SER B 390 9.42 10.09 -43.12
C SER B 390 9.86 9.09 -42.06
N ALA B 391 9.20 9.05 -40.89
CA ALA B 391 9.58 8.07 -39.89
C ALA B 391 9.30 6.65 -40.36
N LEU B 392 8.07 6.40 -40.78
CA LEU B 392 7.72 5.08 -41.27
C LEU B 392 8.49 4.74 -42.54
N TYR B 393 8.69 5.73 -43.41
CA TYR B 393 9.46 5.48 -44.63
C TYR B 393 10.88 5.06 -44.29
N HIS B 394 11.52 5.74 -43.35
CA HIS B 394 12.89 5.39 -43.01
C HIS B 394 12.96 4.02 -42.34
N LEU B 395 12.01 3.72 -41.45
CA LEU B 395 11.99 2.40 -40.83
C LEU B 395 11.84 1.29 -41.87
N LEU B 396 10.89 1.46 -42.79
CA LEU B 396 10.67 0.43 -43.80
C LEU B 396 11.86 0.35 -44.76
N PHE B 397 12.47 1.48 -45.09
CA PHE B 397 13.65 1.46 -45.95
C PHE B 397 14.77 0.68 -45.30
N ALA B 398 15.02 0.92 -44.01
CA ALA B 398 16.04 0.14 -43.30
C ALA B 398 15.70 -1.33 -43.33
N PHE B 399 14.44 -1.68 -43.05
CA PHE B 399 14.05 -3.08 -42.98
C PHE B 399 14.22 -3.79 -44.31
N GLU B 400 13.80 -3.16 -45.41
CA GLU B 400 13.95 -3.81 -46.72
C GLU B 400 15.41 -3.87 -47.15
N ARG B 401 16.16 -2.78 -47.01
CA ARG B 401 17.50 -2.75 -47.58
C ARG B 401 18.48 -3.57 -46.75
N ASN B 402 18.19 -3.79 -45.47
CA ASN B 402 19.15 -4.56 -44.67
C ASN B 402 18.87 -6.06 -44.74
N HIS B 403 17.61 -6.45 -44.62
CA HIS B 403 17.13 -7.84 -44.66
C HIS B 403 17.65 -8.66 -43.49
N GLN B 404 18.38 -8.06 -42.55
CA GLN B 404 18.92 -8.76 -41.41
C GLN B 404 18.43 -8.20 -40.08
N ILE B 405 17.89 -6.98 -40.08
CA ILE B 405 17.48 -6.30 -38.85
C ILE B 405 16.30 -7.06 -38.27
N GLY B 406 16.42 -7.43 -36.99
CA GLY B 406 15.34 -8.11 -36.30
C GLY B 406 14.46 -7.15 -35.54
N GLY B 407 14.80 -5.87 -35.58
CA GLY B 407 14.03 -4.85 -34.89
C GLY B 407 14.76 -3.54 -34.85
N ALA B 408 14.02 -2.43 -34.86
CA ALA B 408 14.62 -1.11 -34.86
C ALA B 408 13.72 -0.14 -34.12
N CYS B 409 14.30 0.95 -33.65
CA CYS B 409 13.55 1.99 -32.96
C CYS B 409 14.00 3.34 -33.45
N GLY B 410 13.06 4.28 -33.53
CA GLY B 410 13.36 5.60 -34.02
C GLY B 410 13.89 6.51 -32.93
N GLN B 411 14.39 7.67 -33.37
CA GLN B 411 14.89 8.67 -32.45
C GLN B 411 13.76 9.26 -31.64
N LEU B 412 14.01 9.47 -30.34
CA LEU B 412 13.03 10.07 -29.44
C LEU B 412 13.41 11.52 -29.21
N THR B 413 12.47 12.43 -29.48
CA THR B 413 12.74 13.86 -29.44
C THR B 413 11.59 14.55 -28.70
N VAL B 414 11.93 15.61 -27.97
CA VAL B 414 10.95 16.43 -27.27
C VAL B 414 10.42 17.47 -28.25
N ASP B 415 9.09 17.56 -28.37
CA ASP B 415 8.49 18.48 -29.33
C ASP B 415 8.69 19.92 -28.88
N ASN B 416 8.87 20.82 -29.85
CA ASN B 416 9.12 22.23 -29.59
C ASN B 416 10.26 22.41 -28.60
N PRO B 417 11.49 22.01 -28.95
CA PRO B 417 12.60 22.26 -28.03
C PRO B 417 13.06 23.70 -28.04
N PHE B 418 13.06 24.35 -29.21
CA PHE B 418 13.43 25.75 -29.28
C PHE B 418 12.45 26.62 -28.49
N GLU B 419 11.15 26.37 -28.65
CA GLU B 419 10.15 27.13 -27.94
C GLU B 419 10.11 26.69 -26.47
N ASN B 420 9.75 27.62 -25.60
CA ASN B 420 9.74 27.40 -24.15
C ASN B 420 11.13 27.00 -23.65
N LEU B 421 12.12 27.87 -23.89
CA LEU B 421 13.47 27.60 -23.44
C LEU B 421 13.67 28.06 -22.00
N SER B 422 12.69 28.77 -21.42
CA SER B 422 12.81 29.21 -20.04
C SER B 422 12.70 28.07 -19.05
N ASN B 423 12.09 26.95 -19.43
CA ASN B 423 11.94 25.81 -18.54
C ASN B 423 13.23 25.00 -18.51
N TRP B 424 13.80 24.82 -17.32
CA TRP B 424 15.04 24.09 -17.20
C TRP B 424 14.85 22.59 -17.32
N VAL B 425 13.75 22.05 -16.78
CA VAL B 425 13.51 20.61 -16.85
C VAL B 425 13.30 20.17 -18.29
N ILE B 426 12.53 20.94 -19.07
CA ILE B 426 12.27 20.57 -20.46
C ILE B 426 13.57 20.57 -21.25
N SER B 427 14.40 21.60 -21.07
CA SER B 427 15.67 21.68 -21.79
C SER B 427 16.61 20.56 -21.36
N ALA B 428 16.64 20.23 -20.07
CA ALA B 428 17.49 19.15 -19.60
C ALA B 428 17.05 17.82 -20.18
N GLN B 429 15.74 17.59 -20.25
CA GLN B 429 15.24 16.37 -20.88
C GLN B 429 15.58 16.33 -22.36
N HIS B 430 15.51 17.48 -23.05
CA HIS B 430 15.89 17.53 -24.45
C HIS B 430 17.36 17.15 -24.63
N PHE B 431 18.23 17.73 -23.79
CA PHE B 431 19.65 17.40 -23.86
C PHE B 431 19.90 15.93 -23.57
N GLU B 432 19.22 15.39 -22.56
CA GLU B 432 19.42 13.99 -22.22
C GLU B 432 19.00 13.10 -23.37
N TYR B 433 17.84 13.39 -23.99
CA TYR B 433 17.39 12.58 -25.12
C TYR B 433 18.38 12.66 -26.27
N LYS B 434 18.84 13.87 -26.60
CA LYS B 434 19.72 14.01 -27.77
C LYS B 434 21.04 13.30 -27.53
N ILE B 435 21.65 13.50 -26.36
CA ILE B 435 22.92 12.87 -26.08
C ILE B 435 22.78 11.35 -25.98
N SER B 436 21.74 10.88 -25.27
CA SER B 436 21.52 9.44 -25.15
C SER B 436 21.37 8.82 -26.53
N ASN B 437 20.44 9.36 -27.33
CA ASN B 437 20.26 8.88 -28.70
C ASN B 437 21.60 8.83 -29.42
N ILE B 438 22.22 9.99 -29.65
CA ILE B 438 23.41 10.07 -30.48
C ILE B 438 24.45 9.08 -29.97
N LEU B 439 24.97 9.33 -28.76
CA LEU B 439 26.10 8.56 -28.26
C LEU B 439 25.73 7.09 -28.09
N ASP B 440 24.82 6.81 -27.14
CA ASP B 440 24.58 5.43 -26.77
C ASP B 440 23.96 4.64 -27.91
N LYS B 441 22.93 5.19 -28.58
CA LYS B 441 22.27 4.43 -29.61
C LYS B 441 23.16 4.22 -30.82
N SER B 442 24.00 5.21 -31.17
CA SER B 442 24.93 5.00 -32.27
C SER B 442 25.94 3.91 -31.93
N LEU B 443 26.48 3.95 -30.70
CA LEU B 443 27.43 2.92 -30.30
C LEU B 443 26.79 1.54 -30.30
N GLU B 444 25.54 1.44 -29.85
CA GLU B 444 24.88 0.15 -29.75
C GLU B 444 24.43 -0.36 -31.12
N SER B 445 24.03 0.55 -32.01
CA SER B 445 23.66 0.17 -33.37
C SER B 445 24.88 -0.22 -34.20
N CYS B 446 26.06 0.29 -33.86
CA CYS B 446 27.26 -0.20 -34.53
C CYS B 446 27.47 -1.68 -34.27
N PHE B 447 27.21 -2.13 -33.04
CA PHE B 447 27.40 -3.52 -32.65
C PHE B 447 26.15 -4.36 -32.83
N GLY B 448 25.08 -3.80 -33.38
CA GLY B 448 23.88 -4.56 -33.67
C GLY B 448 23.13 -5.08 -32.47
N PHE B 449 23.11 -4.32 -31.38
CA PHE B 449 22.30 -4.67 -30.22
C PHE B 449 22.01 -3.37 -29.48
N ILE B 450 20.74 -2.97 -29.44
CA ILE B 450 20.36 -1.69 -28.87
C ILE B 450 19.27 -1.91 -27.83
N SER B 451 19.49 -1.34 -26.64
CA SER B 451 18.50 -1.36 -25.56
C SER B 451 17.56 -0.19 -25.80
N VAL B 452 16.37 -0.49 -26.32
CA VAL B 452 15.46 0.55 -26.77
C VAL B 452 15.02 1.38 -25.57
N LEU B 453 14.88 2.69 -25.79
CA LEU B 453 14.36 3.56 -24.75
C LEU B 453 12.89 3.26 -24.51
N PRO B 454 12.44 3.27 -23.26
CA PRO B 454 11.01 3.05 -23.00
C PRO B 454 10.17 4.17 -23.59
N GLY B 455 9.06 3.78 -24.21
CA GLY B 455 8.19 4.72 -24.89
C GLY B 455 8.64 5.12 -26.28
N ALA B 456 9.80 4.65 -26.73
CA ALA B 456 10.29 4.98 -28.06
C ALA B 456 9.46 4.26 -29.12
N PHE B 457 9.39 4.88 -30.29
CA PHE B 457 8.66 4.31 -31.42
C PHE B 457 9.54 3.21 -32.03
N SER B 458 9.33 1.98 -31.57
CA SER B 458 10.14 0.84 -31.98
C SER B 458 9.31 -0.08 -32.87
N ALA B 459 9.99 -0.72 -33.81
CA ALA B 459 9.34 -1.63 -34.73
C ALA B 459 10.19 -2.88 -34.88
N TYR B 460 9.51 -4.02 -35.08
CA TYR B 460 10.17 -5.28 -35.31
C TYR B 460 9.59 -5.90 -36.56
N ARG B 461 10.23 -6.96 -37.04
CA ARG B 461 9.69 -7.78 -38.11
C ARG B 461 9.17 -9.08 -37.50
N TYR B 462 7.99 -9.51 -37.94
CA TYR B 462 7.34 -10.65 -37.33
C TYR B 462 7.89 -11.96 -37.89
N GLU B 463 9.21 -12.11 -37.85
CA GLU B 463 9.87 -13.35 -38.20
C GLU B 463 10.92 -13.63 -37.13
N ALA B 464 11.37 -12.55 -36.47
CA ALA B 464 12.33 -12.64 -35.38
C ALA B 464 11.66 -12.54 -34.01
N ILE B 465 10.34 -12.50 -33.98
CA ILE B 465 9.58 -12.28 -32.76
C ILE B 465 8.49 -13.34 -32.58
N ARG B 466 8.28 -14.16 -33.62
CA ARG B 466 7.16 -15.08 -33.67
C ARG B 466 7.03 -15.94 -32.41
N GLY B 467 8.12 -16.57 -32.00
CA GLY B 467 8.01 -17.57 -30.94
C GLY B 467 8.69 -17.23 -29.63
N ALA B 468 9.90 -17.77 -29.44
CA ALA B 468 10.60 -17.63 -28.17
C ALA B 468 10.78 -16.20 -27.70
N PRO B 469 11.10 -15.21 -28.54
CA PRO B 469 11.17 -13.84 -28.04
C PRO B 469 9.88 -13.36 -27.41
N LEU B 470 8.73 -13.56 -28.06
CA LEU B 470 7.49 -13.11 -27.46
C LEU B 470 7.13 -13.93 -26.22
N ASP B 471 7.44 -15.23 -26.24
CA ASP B 471 7.19 -16.06 -25.07
C ASP B 471 7.95 -15.55 -23.87
N ALA B 472 9.23 -15.23 -24.05
CA ALA B 472 10.01 -14.64 -22.96
C ALA B 472 9.44 -13.29 -22.56
N TYR B 473 9.03 -12.49 -23.56
CA TYR B 473 8.47 -11.17 -23.29
C TYR B 473 7.26 -11.25 -22.36
N PHE B 474 6.35 -12.18 -22.63
CA PHE B 474 5.12 -12.32 -21.86
C PHE B 474 5.19 -13.42 -20.81
N GLN B 475 6.39 -13.91 -20.50
CA GLN B 475 6.56 -14.86 -19.41
C GLN B 475 5.96 -14.35 -18.10
N THR B 476 6.03 -13.05 -17.86
CA THR B 476 5.47 -12.50 -16.63
C THR B 476 3.96 -12.69 -16.57
N LEU B 477 3.27 -12.49 -17.69
CA LEU B 477 1.83 -12.69 -17.71
C LEU B 477 1.47 -14.17 -17.69
N ASN B 478 2.21 -15.00 -18.45
CA ASN B 478 1.88 -16.41 -18.53
C ASN B 478 2.11 -17.13 -17.21
N ILE B 479 3.19 -16.80 -16.51
CA ILE B 479 3.56 -17.44 -15.25
C ILE B 479 3.47 -16.41 -14.14
N GLU B 480 2.73 -16.74 -13.09
CA GLU B 480 2.49 -15.80 -12.01
C GLU B 480 3.79 -15.42 -11.31
N LEU B 481 3.78 -14.22 -10.73
CA LEU B 481 4.99 -13.60 -10.20
C LEU B 481 5.61 -14.40 -9.05
N ASP B 482 4.84 -15.31 -8.44
CA ASP B 482 5.35 -16.07 -7.30
C ASP B 482 6.48 -17.01 -7.72
N VAL B 483 6.32 -17.69 -8.85
CA VAL B 483 7.33 -18.63 -9.32
C VAL B 483 8.58 -17.89 -9.80
N LEU B 484 8.39 -16.81 -10.56
CA LEU B 484 9.53 -16.09 -11.13
C LEU B 484 10.36 -15.42 -10.05
N GLY B 485 9.71 -14.71 -9.13
CA GLY B 485 10.39 -13.97 -8.10
C GLY B 485 10.34 -12.48 -8.33
N PRO B 486 11.03 -11.71 -7.47
CA PRO B 486 11.04 -10.25 -7.63
C PRO B 486 12.04 -9.78 -8.66
N PHE B 487 13.11 -10.56 -8.80
CA PHE B 487 14.16 -10.25 -9.76
C PHE B 487 13.60 -10.23 -11.19
N ILE B 488 12.84 -11.27 -11.56
CA ILE B 488 12.23 -11.33 -12.88
C ILE B 488 11.17 -10.24 -13.04
N GLY B 489 10.39 -9.97 -11.99
CA GLY B 489 9.34 -8.96 -12.12
C GLY B 489 9.88 -7.57 -12.34
N ASN B 490 10.85 -7.16 -11.53
CA ASN B 490 11.51 -5.88 -11.74
C ASN B 490 12.19 -5.86 -13.11
N MET B 491 12.67 -7.01 -13.55
CA MET B 491 13.25 -7.11 -14.88
C MET B 491 12.24 -6.82 -15.97
N TYR B 492 11.01 -7.31 -15.79
CA TYR B 492 9.94 -7.15 -16.77
C TYR B 492 9.10 -5.90 -16.56
N LEU B 493 9.47 -5.05 -15.58
CA LEU B 493 8.83 -3.73 -15.51
C LEU B 493 8.93 -2.98 -16.84
N ALA B 494 10.12 -2.92 -17.43
CA ALA B 494 10.33 -2.39 -18.78
C ALA B 494 10.95 -3.52 -19.59
N GLU B 495 10.10 -4.32 -20.23
CA GLU B 495 10.52 -5.56 -20.87
C GLU B 495 10.78 -5.40 -22.36
N ASP B 496 10.71 -4.18 -22.89
CA ASP B 496 11.07 -3.99 -24.29
C ASP B 496 12.55 -4.27 -24.51
N ARG B 497 13.39 -3.97 -23.51
CA ARG B 497 14.79 -4.37 -23.56
C ARG B 497 14.92 -5.90 -23.56
N ILE B 498 14.06 -6.58 -22.81
CA ILE B 498 14.09 -8.04 -22.80
C ILE B 498 13.72 -8.60 -24.17
N LEU B 499 12.72 -7.99 -24.81
CA LEU B 499 12.36 -8.39 -26.17
C LEU B 499 13.51 -8.14 -27.13
N SER B 500 14.19 -7.01 -26.98
CA SER B 500 15.34 -6.71 -27.83
C SER B 500 16.44 -7.75 -27.67
N PHE B 501 16.76 -8.10 -26.42
CA PHE B 501 17.78 -9.10 -26.18
C PHE B 501 17.38 -10.46 -26.74
N GLU B 502 16.11 -10.84 -26.57
CA GLU B 502 15.67 -12.14 -27.07
C GLU B 502 15.70 -12.17 -28.59
N VAL B 503 15.41 -11.04 -29.24
CA VAL B 503 15.55 -10.95 -30.69
C VAL B 503 17.01 -11.12 -31.09
N VAL B 504 17.92 -10.50 -30.34
CA VAL B 504 19.34 -10.58 -30.68
C VAL B 504 19.86 -12.00 -30.49
N ALA B 505 19.47 -12.67 -29.42
CA ALA B 505 20.01 -13.97 -29.05
C ALA B 505 19.02 -15.10 -29.30
N ARG B 506 18.23 -15.00 -30.36
CA ARG B 506 17.31 -16.08 -30.69
C ARG B 506 18.08 -17.28 -31.23
N LYS B 507 17.67 -18.48 -30.81
CA LYS B 507 18.39 -19.68 -31.18
C LYS B 507 18.27 -19.96 -32.67
N ASN B 508 19.39 -20.37 -33.27
CA ASN B 508 19.46 -20.77 -34.68
C ASN B 508 19.15 -19.64 -35.65
N CYS B 509 19.11 -18.41 -35.17
CA CYS B 509 18.87 -17.25 -36.03
C CYS B 509 19.76 -16.10 -35.58
N ASN B 510 20.27 -15.34 -36.55
CA ASN B 510 21.13 -14.19 -36.29
C ASN B 510 20.36 -12.92 -36.64
N TRP B 511 19.60 -12.41 -35.68
CA TRP B 511 18.91 -11.14 -35.83
C TRP B 511 19.64 -10.08 -35.04
N THR B 512 20.17 -9.08 -35.72
CA THR B 512 20.74 -7.92 -35.08
C THR B 512 19.68 -6.83 -34.99
N MET B 513 20.03 -5.75 -34.32
CA MET B 513 19.12 -4.62 -34.14
C MET B 513 19.71 -3.40 -34.83
N HIS B 514 18.91 -2.33 -34.89
CA HIS B 514 19.34 -1.14 -35.62
C HIS B 514 18.67 0.07 -35.00
N TYR B 515 19.30 1.23 -35.21
CA TYR B 515 18.79 2.50 -34.73
C TYR B 515 18.73 3.46 -35.91
N VAL B 516 17.53 3.95 -36.22
CA VAL B 516 17.32 4.82 -37.37
C VAL B 516 17.38 6.27 -36.91
N LYS B 517 18.38 6.99 -37.41
CA LYS B 517 18.57 8.38 -37.01
C LYS B 517 17.47 9.28 -37.54
N ASP B 518 17.07 9.11 -38.79
CA ASP B 518 16.17 10.02 -39.47
C ASP B 518 14.69 9.80 -39.12
N ALA B 519 14.35 8.67 -38.51
CA ALA B 519 12.95 8.37 -38.18
C ALA B 519 12.65 8.94 -36.79
N VAL B 520 12.63 10.27 -36.72
CA VAL B 520 12.46 10.98 -35.47
C VAL B 520 11.00 10.90 -35.03
N ALA B 521 10.78 10.48 -33.78
CA ALA B 521 9.46 10.38 -33.20
C ALA B 521 9.37 11.34 -32.03
N ARG B 522 8.59 12.41 -32.19
CA ARG B 522 8.52 13.49 -31.21
C ARG B 522 7.45 13.17 -30.17
N THR B 523 7.85 13.11 -28.91
CA THR B 523 6.94 12.87 -27.81
C THR B 523 6.85 14.12 -26.94
N ASP B 524 5.96 14.10 -25.95
CA ASP B 524 5.73 15.25 -25.07
C ASP B 524 6.10 14.82 -23.65
N VAL B 525 7.26 15.26 -23.19
CA VAL B 525 7.79 14.88 -21.88
C VAL B 525 7.19 15.76 -20.79
N PRO B 526 7.15 15.30 -19.54
CA PRO B 526 6.62 16.14 -18.46
C PRO B 526 7.44 17.41 -18.25
N HIS B 527 6.74 18.48 -17.93
CA HIS B 527 7.34 19.79 -17.72
C HIS B 527 7.59 20.10 -16.24
N ASP B 528 7.32 19.15 -15.35
CA ASP B 528 7.49 19.37 -13.92
C ASP B 528 8.49 18.37 -13.38
N LEU B 529 9.21 18.80 -12.34
CA LEU B 529 10.22 17.94 -11.73
C LEU B 529 9.60 16.69 -11.13
N VAL B 530 8.38 16.78 -10.60
CA VAL B 530 7.76 15.60 -9.98
C VAL B 530 7.39 14.56 -11.03
N GLY B 531 6.80 15.00 -12.15
CA GLY B 531 6.51 14.08 -13.23
C GLY B 531 7.78 13.48 -13.81
N LEU B 532 8.82 14.31 -13.94
CA LEU B 532 10.11 13.78 -14.38
C LEU B 532 10.63 12.73 -13.41
N ILE B 533 10.43 12.96 -12.11
CA ILE B 533 10.92 12.02 -11.10
C ILE B 533 10.22 10.68 -11.25
N SER B 534 8.90 10.69 -11.39
CA SER B 534 8.17 9.43 -11.55
C SER B 534 8.58 8.71 -12.83
N GLN B 535 8.62 9.45 -13.95
CA GLN B 535 8.98 8.86 -15.22
C GLN B 535 10.37 8.23 -15.14
N ARG B 536 11.34 8.98 -14.63
CA ARG B 536 12.70 8.45 -14.56
C ARG B 536 12.81 7.33 -13.56
N LYS B 537 11.96 7.29 -12.53
CA LYS B 537 11.91 6.14 -11.65
C LYS B 537 11.61 4.87 -12.43
N ARG B 538 10.53 4.90 -13.21
CA ARG B 538 10.17 3.69 -13.96
C ARG B 538 11.21 3.36 -15.01
N TRP B 539 11.70 4.38 -15.74
CA TRP B 539 12.75 4.18 -16.72
C TRP B 539 13.98 3.53 -16.10
N LEU B 540 14.45 4.05 -14.97
CA LEU B 540 15.68 3.53 -14.38
C LEU B 540 15.48 2.14 -13.81
N ASN B 541 14.31 1.86 -13.23
CA ASN B 541 14.04 0.52 -12.74
C ASN B 541 14.16 -0.49 -13.88
N GLY B 542 13.44 -0.24 -14.97
CA GLY B 542 13.49 -1.16 -16.09
C GLY B 542 14.88 -1.25 -16.68
N ALA B 543 15.55 -0.11 -16.83
CA ALA B 543 16.88 -0.12 -17.44
C ALA B 543 17.88 -0.91 -16.61
N PHE B 544 17.88 -0.71 -15.29
CA PHE B 544 18.83 -1.40 -14.43
C PHE B 544 18.60 -2.91 -14.48
N PHE B 545 17.35 -3.35 -14.31
CA PHE B 545 17.20 -4.80 -14.26
C PHE B 545 17.28 -5.45 -15.64
N ALA B 546 16.92 -4.75 -16.71
CA ALA B 546 17.17 -5.30 -18.04
C ALA B 546 18.67 -5.38 -18.33
N THR B 547 19.43 -4.41 -17.82
CA THR B 547 20.88 -4.46 -17.94
C THR B 547 21.43 -5.67 -17.20
N LEU B 548 20.92 -5.94 -16.00
CA LEU B 548 21.34 -7.14 -15.28
C LEU B 548 20.98 -8.40 -16.05
N PHE B 549 19.80 -8.44 -16.66
CA PHE B 549 19.42 -9.59 -17.48
C PHE B 549 20.41 -9.80 -18.62
N SER B 550 20.72 -8.73 -19.36
CA SER B 550 21.64 -8.84 -20.47
C SER B 550 23.02 -9.29 -20.00
N ILE B 551 23.50 -8.73 -18.88
CA ILE B 551 24.82 -9.08 -18.37
C ILE B 551 24.88 -10.55 -17.99
N TRP B 552 23.85 -11.04 -17.29
CA TRP B 552 23.88 -12.42 -16.80
C TRP B 552 23.64 -13.42 -17.92
N ASN B 553 22.87 -13.04 -18.94
CA ASN B 553 22.51 -13.96 -20.01
C ASN B 553 23.26 -13.70 -21.31
N TRP B 554 24.33 -12.89 -21.28
CA TRP B 554 25.05 -12.59 -22.50
C TRP B 554 25.70 -13.83 -23.10
N GLY B 555 25.89 -14.88 -22.31
CA GLY B 555 26.47 -16.10 -22.84
C GLY B 555 25.57 -16.80 -23.85
N ARG B 556 24.28 -16.50 -23.85
CA ARG B 556 23.36 -17.13 -24.79
C ARG B 556 23.67 -16.78 -26.23
N ILE B 557 24.25 -15.60 -26.49
CA ILE B 557 24.55 -15.21 -27.86
C ILE B 557 25.54 -16.18 -28.48
N TYR B 558 26.57 -16.58 -27.73
CA TYR B 558 27.53 -17.54 -28.24
C TYR B 558 27.06 -18.98 -28.08
N SER B 559 26.26 -19.24 -27.04
CA SER B 559 25.87 -20.62 -26.76
C SER B 559 24.81 -21.12 -27.74
N GLU B 560 23.85 -20.29 -28.10
CA GLU B 560 22.69 -20.71 -28.87
C GLU B 560 22.62 -20.10 -30.26
N SER B 561 22.74 -18.78 -30.38
CA SER B 561 22.61 -18.13 -31.66
C SER B 561 23.72 -18.55 -32.62
N LYS B 562 23.48 -18.35 -33.92
CA LYS B 562 24.49 -18.60 -34.95
C LYS B 562 24.79 -17.27 -35.62
N HIS B 563 25.68 -16.51 -35.01
CA HIS B 563 26.18 -15.28 -35.59
C HIS B 563 27.51 -15.55 -36.31
N THR B 564 27.94 -14.59 -37.11
CA THR B 564 29.27 -14.68 -37.68
C THR B 564 30.31 -14.55 -36.57
N PHE B 565 31.50 -15.08 -36.83
CA PHE B 565 32.58 -14.98 -35.85
C PHE B 565 32.92 -13.52 -35.55
N VAL B 566 32.91 -12.68 -36.58
CA VAL B 566 33.13 -11.25 -36.39
C VAL B 566 32.05 -10.66 -35.49
N ARG B 567 30.79 -11.08 -35.71
CA ARG B 567 29.70 -10.58 -34.87
C ARG B 567 29.87 -11.04 -33.43
N LYS B 568 30.31 -12.28 -33.22
CA LYS B 568 30.53 -12.77 -31.86
C LYS B 568 31.64 -11.98 -31.16
N MET B 569 32.74 -11.70 -31.86
CA MET B 569 33.80 -10.91 -31.26
C MET B 569 33.35 -9.48 -30.98
N ALA B 570 32.59 -8.88 -31.88
CA ALA B 570 32.06 -7.54 -31.63
C ALA B 570 31.14 -7.55 -30.43
N PHE B 571 30.32 -8.58 -30.29
CA PHE B 571 29.43 -8.69 -29.13
C PHE B 571 30.22 -8.86 -27.84
N LEU B 572 31.33 -9.60 -27.90
CA LEU B 572 32.18 -9.76 -26.71
C LEU B 572 32.79 -8.43 -26.30
N VAL B 573 33.29 -7.66 -27.29
CA VAL B 573 33.86 -6.35 -26.99
C VAL B 573 32.79 -5.45 -26.38
N PHE B 574 31.60 -5.45 -26.97
CA PHE B 574 30.52 -4.64 -26.43
C PHE B 574 30.11 -5.11 -25.04
N TYR B 575 30.20 -6.40 -24.77
CA TYR B 575 29.86 -6.90 -23.44
C TYR B 575 30.86 -6.42 -22.41
N VAL B 576 32.14 -6.40 -22.76
CA VAL B 576 33.15 -5.84 -21.85
C VAL B 576 32.86 -4.37 -21.60
N TYR B 577 32.57 -3.62 -22.66
CA TYR B 577 32.26 -2.21 -22.49
C TYR B 577 31.01 -2.01 -21.64
N HIS B 578 29.99 -2.85 -21.86
CA HIS B 578 28.75 -2.74 -21.12
C HIS B 578 28.95 -3.03 -19.65
N LEU B 579 29.77 -4.04 -19.34
CA LEU B 579 30.09 -4.33 -17.95
C LEU B 579 30.79 -3.15 -17.29
N LEU B 580 31.79 -2.57 -17.98
CA LEU B 580 32.49 -1.43 -17.40
C LEU B 580 31.56 -0.24 -17.21
N TYR B 581 30.72 0.04 -18.21
CA TYR B 581 29.82 1.18 -18.13
C TYR B 581 28.79 1.02 -17.03
N THR B 582 28.23 -0.19 -16.89
CA THR B 582 27.26 -0.44 -15.84
C THR B 582 27.91 -0.36 -14.47
N ALA B 583 29.13 -0.88 -14.33
CA ALA B 583 29.84 -0.77 -13.06
C ALA B 583 30.08 0.69 -12.70
N PHE B 584 30.47 1.51 -13.68
CA PHE B 584 30.69 2.92 -13.41
C PHE B 584 29.38 3.61 -13.04
N GLY B 585 28.29 3.30 -13.75
CA GLY B 585 27.01 3.93 -13.46
C GLY B 585 26.43 3.51 -12.13
N PHE B 586 26.81 2.32 -11.64
CA PHE B 586 26.33 1.89 -10.33
C PHE B 586 26.91 2.77 -9.22
N PHE B 587 28.18 3.13 -9.32
CA PHE B 587 28.85 4.01 -8.37
C PHE B 587 28.81 5.46 -8.81
N LEU B 588 27.81 5.83 -9.61
CA LEU B 588 27.70 7.19 -10.12
C LEU B 588 27.50 8.23 -9.02
N PRO B 589 26.61 8.02 -8.04
CA PRO B 589 26.50 9.01 -6.96
C PRO B 589 27.78 9.21 -6.18
N ALA B 590 28.45 8.11 -5.83
CA ALA B 590 29.71 8.23 -5.10
C ALA B 590 30.76 8.94 -5.93
N ASN B 591 30.86 8.60 -7.23
CA ASN B 591 31.84 9.26 -8.08
C ASN B 591 31.55 10.74 -8.25
N LEU B 592 30.27 11.10 -8.39
CA LEU B 592 29.92 12.51 -8.51
C LEU B 592 30.26 13.27 -7.23
N TYR B 593 29.93 12.70 -6.08
CA TYR B 593 30.26 13.36 -4.82
C TYR B 593 31.76 13.52 -4.67
N LEU B 594 32.52 12.48 -4.99
CA LEU B 594 33.98 12.55 -4.87
C LEU B 594 34.56 13.59 -5.83
N ALA B 595 34.07 13.62 -7.06
CA ALA B 595 34.58 14.58 -8.03
C ALA B 595 34.32 16.01 -7.58
N LEU B 596 33.07 16.31 -7.22
CA LEU B 596 32.75 17.65 -6.74
C LEU B 596 33.58 18.00 -5.52
N PHE B 597 33.57 17.13 -4.50
CA PHE B 597 34.31 17.37 -3.28
C PHE B 597 35.77 17.68 -3.59
N PHE B 598 36.47 16.73 -4.22
CA PHE B 598 37.87 16.90 -4.51
C PHE B 598 38.08 18.20 -5.27
N ILE B 599 37.60 18.29 -6.52
CA ILE B 599 37.93 19.43 -7.36
C ILE B 599 37.61 20.72 -6.64
N VAL B 600 36.31 20.98 -6.41
CA VAL B 600 35.92 22.30 -5.93
C VAL B 600 36.44 22.53 -4.52
N PHE B 601 36.03 21.69 -3.57
CA PHE B 601 36.21 22.07 -2.18
C PHE B 601 37.60 21.74 -1.67
N GLN B 602 38.28 20.71 -2.19
CA GLN B 602 39.67 20.52 -1.85
C GLN B 602 40.61 21.21 -2.83
N GLY B 603 40.08 22.04 -3.74
CA GLY B 603 40.93 23.03 -4.36
C GLY B 603 40.82 24.34 -3.60
N PHE B 604 39.62 24.61 -3.08
CA PHE B 604 39.43 25.82 -2.29
C PHE B 604 40.13 25.71 -0.94
N GLN B 605 39.95 24.59 -0.23
CA GLN B 605 40.52 24.45 1.10
C GLN B 605 42.03 24.30 1.05
N GLN B 606 42.53 23.53 0.09
CA GLN B 606 43.95 23.21 0.03
C GLN B 606 44.69 24.04 -1.01
N ASN B 607 44.08 25.13 -1.49
CA ASN B 607 44.70 26.06 -2.42
C ASN B 607 45.16 25.31 -3.68
N ARG B 608 44.19 24.86 -4.45
CA ARG B 608 44.45 24.25 -5.75
C ARG B 608 43.69 24.90 -6.88
N LEU B 609 42.81 25.86 -6.58
CA LEU B 609 42.19 26.65 -7.62
C LEU B 609 43.23 27.62 -8.19
N GLU B 610 43.65 27.38 -9.43
CA GLU B 610 44.76 28.12 -10.01
C GLU B 610 44.47 29.60 -10.21
N PHE B 611 43.20 30.02 -10.12
CA PHE B 611 42.84 31.41 -10.37
C PHE B 611 42.69 32.22 -9.09
N ILE B 612 43.02 31.65 -7.93
CA ILE B 612 42.90 32.36 -6.66
C ILE B 612 43.91 31.77 -5.70
N ASP B 613 44.39 32.60 -4.77
CA ASP B 613 45.35 32.19 -3.76
C ASP B 613 44.66 32.19 -2.40
N THR B 614 44.34 30.99 -1.91
CA THR B 614 43.76 30.81 -0.59
C THR B 614 44.79 30.25 0.40
N SER B 615 46.04 30.72 0.28
CA SER B 615 47.12 30.13 1.07
C SER B 615 46.91 30.32 2.56
N GLU B 616 46.67 31.57 2.99
CA GLU B 616 46.49 31.84 4.42
C GLU B 616 45.01 31.89 4.78
N TYR B 617 44.27 32.84 4.21
CA TYR B 617 42.87 33.07 4.53
C TYR B 617 42.65 33.16 6.04
N SER B 618 41.41 32.95 6.48
CA SER B 618 41.14 33.01 7.92
C SER B 618 41.41 31.69 8.61
N GLN B 619 41.48 30.59 7.85
CA GLN B 619 41.66 29.21 8.27
C GLN B 619 40.36 28.69 8.90
N THR B 620 39.37 29.54 9.14
CA THR B 620 38.04 29.08 9.52
C THR B 620 37.17 28.80 8.31
N VAL B 621 37.21 29.66 7.29
CA VAL B 621 36.41 29.47 6.08
C VAL B 621 36.98 28.32 5.27
N LEU B 622 38.30 28.11 5.39
CA LEU B 622 38.96 27.08 4.60
C LEU B 622 38.39 25.71 4.92
N ASP B 623 38.21 25.39 6.20
CA ASP B 623 37.53 24.18 6.59
C ASP B 623 36.01 24.32 6.55
N CYS B 624 35.50 25.55 6.67
CA CYS B 624 34.07 25.76 6.68
C CYS B 624 33.44 25.38 5.35
N ALA B 625 34.15 25.62 4.24
CA ALA B 625 33.62 25.25 2.93
C ALA B 625 33.42 23.75 2.84
N VAL B 626 34.43 22.97 3.22
CA VAL B 626 34.32 21.52 3.15
C VAL B 626 33.26 21.00 4.11
N TYR B 627 33.22 21.55 5.33
CA TYR B 627 32.23 21.10 6.29
C TYR B 627 30.81 21.40 5.81
N ILE B 628 30.60 22.60 5.26
CA ILE B 628 29.28 22.98 4.75
C ILE B 628 28.88 22.07 3.60
N TYR B 629 29.80 21.82 2.67
CA TYR B 629 29.48 20.96 1.55
C TYR B 629 29.13 19.55 2.00
N ASN B 630 29.93 18.99 2.91
CA ASN B 630 29.70 17.64 3.38
C ASN B 630 28.37 17.53 4.11
N PHE B 631 28.10 18.47 5.01
CA PHE B 631 26.85 18.42 5.77
C PHE B 631 25.64 18.63 4.87
N SER B 632 25.72 19.58 3.93
CA SER B 632 24.61 19.80 3.01
C SER B 632 24.36 18.56 2.15
N TYR B 633 25.41 17.96 1.62
CA TYR B 633 25.25 16.77 0.78
C TYR B 633 24.66 15.62 1.58
N LEU B 634 25.15 15.40 2.80
CA LEU B 634 24.67 14.28 3.60
C LEU B 634 23.22 14.50 4.03
N PHE B 635 22.88 15.71 4.46
CA PHE B 635 21.50 15.99 4.84
C PHE B 635 20.57 15.87 3.64
N GLY B 636 20.99 16.37 2.48
CA GLY B 636 20.18 16.21 1.28
C GLY B 636 19.97 14.76 0.91
N LEU B 637 21.03 13.95 0.99
CA LEU B 637 20.90 12.53 0.67
C LEU B 637 19.97 11.83 1.66
N LEU B 638 20.08 12.15 2.95
CA LEU B 638 19.20 11.54 3.94
C LEU B 638 17.74 11.92 3.70
N MET B 639 17.48 13.20 3.43
CA MET B 639 16.12 13.63 3.15
C MET B 639 15.59 12.98 1.88
N LEU B 640 16.44 12.87 0.86
CA LEU B 640 16.04 12.21 -0.38
C LEU B 640 15.68 10.76 -0.14
N ILE B 641 16.50 10.05 0.64
CA ILE B 641 16.21 8.64 0.92
C ILE B 641 14.90 8.50 1.66
N ILE B 642 14.69 9.34 2.69
CA ILE B 642 13.46 9.26 3.47
C ILE B 642 12.24 9.52 2.59
N ILE B 643 12.30 10.58 1.78
CA ILE B 643 11.15 10.93 0.96
C ILE B 643 10.89 9.87 -0.12
N GLY B 644 11.96 9.41 -0.77
CA GLY B 644 11.79 8.40 -1.81
C GLY B 644 11.24 7.09 -1.28
N LEU B 645 11.72 6.66 -0.12
CA LEU B 645 11.11 5.52 0.55
C LEU B 645 9.66 5.77 0.93
N GLY B 646 9.32 7.00 1.32
CA GLY B 646 8.00 7.25 1.87
C GLY B 646 6.96 7.75 0.89
N ASN B 647 6.61 9.03 0.99
CA ASN B 647 5.45 9.58 0.31
C ASN B 647 5.64 9.64 -1.20
N ASN B 648 4.51 9.62 -1.90
CA ASN B 648 4.51 9.79 -3.35
C ASN B 648 4.99 11.21 -3.69
N PRO B 649 6.00 11.34 -4.57
CA PRO B 649 6.54 12.65 -4.92
C PRO B 649 5.60 13.51 -5.76
N LYS B 650 4.44 13.82 -5.20
CA LYS B 650 3.52 14.80 -5.77
C LYS B 650 3.10 15.85 -4.75
N HIS B 651 3.06 15.49 -3.47
CA HIS B 651 2.81 16.46 -2.43
C HIS B 651 4.11 17.05 -1.88
N MET B 652 5.25 16.44 -2.22
CA MET B 652 6.57 16.95 -1.86
C MET B 652 7.17 17.79 -2.97
N LYS B 653 6.34 18.49 -3.75
CA LYS B 653 6.87 19.30 -4.85
C LYS B 653 7.80 20.37 -4.33
N LEU B 654 7.43 21.04 -3.23
CA LEU B 654 8.29 22.09 -2.68
C LEU B 654 9.61 21.53 -2.18
N THR B 655 9.58 20.41 -1.46
CA THR B 655 10.81 19.82 -0.95
C THR B 655 11.72 19.36 -2.08
N TYR B 656 11.16 18.69 -3.09
CA TYR B 656 11.97 18.23 -4.20
C TYR B 656 12.53 19.41 -4.99
N TYR B 657 11.74 20.46 -5.18
CA TYR B 657 12.25 21.64 -5.87
C TYR B 657 13.37 22.29 -5.07
N PHE B 658 13.24 22.32 -3.74
CA PHE B 658 14.30 22.88 -2.91
C PHE B 658 15.59 22.08 -3.04
N VAL B 659 15.49 20.75 -2.94
CA VAL B 659 16.68 19.92 -3.04
C VAL B 659 17.31 20.03 -4.43
N GLY B 660 16.47 20.00 -5.47
CA GLY B 660 16.98 20.14 -6.82
C GLY B 660 17.64 21.48 -7.06
N ALA B 661 17.06 22.55 -6.50
CA ALA B 661 17.65 23.88 -6.65
C ALA B 661 18.98 23.97 -5.92
N VAL B 662 19.07 23.37 -4.73
CA VAL B 662 20.32 23.37 -4.00
C VAL B 662 21.41 22.64 -4.79
N PHE B 663 21.08 21.45 -5.29
CA PHE B 663 22.05 20.69 -6.07
C PHE B 663 22.41 21.41 -7.37
N GLY B 664 21.43 22.04 -8.01
CA GLY B 664 21.71 22.78 -9.22
C GLY B 664 22.63 23.96 -9.00
N LEU B 665 22.37 24.73 -7.93
CA LEU B 665 23.25 25.85 -7.61
C LEU B 665 24.65 25.37 -7.27
N MET B 666 24.74 24.24 -6.55
CA MET B 666 26.05 23.68 -6.25
C MET B 666 26.79 23.28 -7.52
N MET B 667 26.07 22.74 -8.50
CA MET B 667 26.77 22.33 -9.73
C MET B 667 27.07 23.50 -10.64
N MET B 668 26.30 24.59 -10.60
CA MET B 668 26.74 25.79 -11.30
C MET B 668 28.00 26.36 -10.66
N LEU B 669 28.06 26.38 -9.33
CA LEU B 669 29.29 26.77 -8.66
C LEU B 669 30.45 25.88 -9.08
N SER B 670 30.21 24.56 -9.11
CA SER B 670 31.25 23.63 -9.51
C SER B 670 31.68 23.83 -10.96
N SER B 671 30.72 24.13 -11.84
CA SER B 671 31.03 24.32 -13.25
C SER B 671 31.87 25.57 -13.47
N LEU B 672 31.53 26.68 -12.81
CA LEU B 672 32.37 27.87 -12.91
C LEU B 672 33.74 27.63 -12.30
N VAL B 673 33.81 26.89 -11.18
CA VAL B 673 35.11 26.58 -10.59
C VAL B 673 35.95 25.74 -11.53
N GLY B 674 35.34 24.73 -12.16
CA GLY B 674 36.07 23.89 -13.09
C GLY B 674 36.53 24.65 -14.33
N ALA B 675 35.67 25.52 -14.84
CA ALA B 675 36.05 26.35 -15.99
C ALA B 675 37.23 27.25 -15.63
N GLY B 676 37.18 27.86 -14.44
CA GLY B 676 38.30 28.67 -14.00
C GLY B 676 39.58 27.89 -13.86
N ILE B 677 39.50 26.69 -13.28
CA ILE B 677 40.68 25.84 -13.15
C ILE B 677 41.26 25.50 -14.52
N PHE B 678 40.40 25.09 -15.45
CA PHE B 678 40.86 24.69 -16.78
C PHE B 678 41.47 25.87 -17.54
N PHE B 679 40.89 27.06 -17.39
CA PHE B 679 41.42 28.22 -18.11
C PHE B 679 42.70 28.74 -17.48
N SER B 680 42.83 28.68 -16.16
CA SER B 680 44.05 29.14 -15.50
C SER B 680 45.20 28.14 -15.64
N THR B 681 44.89 26.86 -15.81
CA THR B 681 45.93 25.88 -16.05
C THR B 681 46.66 26.21 -17.36
N PRO B 682 47.99 26.01 -17.40
CA PRO B 682 48.74 26.34 -18.63
C PRO B 682 48.43 25.44 -19.81
N ALA B 683 47.39 24.60 -19.68
CA ALA B 683 46.82 23.84 -20.80
C ALA B 683 47.86 22.94 -21.46
N THR B 684 48.37 22.00 -20.66
CA THR B 684 49.30 21.01 -21.19
C THR B 684 48.57 20.04 -22.13
N VAL B 685 49.35 19.29 -22.89
CA VAL B 685 48.80 18.44 -23.94
C VAL B 685 47.87 17.38 -23.34
N HIS B 686 48.31 16.75 -22.25
CA HIS B 686 47.47 15.76 -21.59
C HIS B 686 46.17 16.39 -21.10
N SER B 687 46.25 17.60 -20.53
CA SER B 687 45.06 18.25 -20.02
C SER B 687 44.07 18.57 -21.14
N ILE B 688 44.55 19.10 -22.27
CA ILE B 688 43.62 19.46 -23.34
C ILE B 688 43.04 18.20 -23.97
N VAL B 689 43.85 17.15 -24.14
CA VAL B 689 43.34 15.91 -24.72
C VAL B 689 42.26 15.31 -23.81
N VAL B 690 42.52 15.27 -22.51
CA VAL B 690 41.55 14.71 -21.58
C VAL B 690 40.28 15.55 -21.55
N SER B 691 40.42 16.88 -21.54
CA SER B 691 39.24 17.74 -21.50
C SER B 691 38.39 17.56 -22.75
N ILE B 692 39.02 17.54 -23.92
CA ILE B 692 38.30 17.28 -25.16
C ILE B 692 37.58 15.94 -25.05
N LEU B 693 38.35 14.86 -24.83
CA LEU B 693 37.86 13.49 -24.86
C LEU B 693 36.86 13.21 -23.76
N THR B 694 36.74 14.07 -22.76
CA THR B 694 35.80 13.87 -21.67
C THR B 694 34.53 14.71 -21.85
N VAL B 695 34.66 16.02 -22.04
CA VAL B 695 33.51 16.90 -22.09
C VAL B 695 33.14 17.26 -23.53
N GLY B 696 34.11 17.60 -24.36
CA GLY B 696 33.78 18.04 -25.69
C GLY B 696 33.37 16.93 -26.63
N VAL B 697 33.34 15.69 -26.12
CA VAL B 697 32.86 14.57 -26.93
C VAL B 697 31.40 14.78 -27.31
N TYR B 698 30.63 15.40 -26.43
CA TYR B 698 29.24 15.71 -26.73
C TYR B 698 29.15 16.60 -27.96
N PHE B 699 29.92 17.69 -27.96
CA PHE B 699 29.87 18.64 -29.06
C PHE B 699 30.48 18.06 -30.33
N ILE B 700 31.51 17.23 -30.19
CA ILE B 700 32.13 16.61 -31.37
C ILE B 700 31.14 15.68 -32.06
N ALA B 701 30.48 14.81 -31.28
CA ALA B 701 29.49 13.91 -31.87
C ALA B 701 28.32 14.68 -32.44
N SER B 702 27.89 15.73 -31.74
CA SER B 702 26.76 16.52 -32.24
C SER B 702 27.11 17.21 -33.56
N ALA B 703 28.31 17.78 -33.66
CA ALA B 703 28.72 18.41 -34.91
C ALA B 703 28.86 17.37 -36.02
N LEU B 704 29.33 16.17 -35.69
CA LEU B 704 29.42 15.11 -36.69
C LEU B 704 28.04 14.74 -37.20
N HIS B 705 27.06 14.62 -36.31
CA HIS B 705 25.70 14.27 -36.70
C HIS B 705 24.93 15.46 -37.27
N GLY B 706 25.52 16.66 -37.25
CA GLY B 706 24.91 17.81 -37.87
C GLY B 706 23.97 18.59 -36.99
N GLU B 707 23.64 18.09 -35.80
CA GLU B 707 22.75 18.77 -34.88
C GLU B 707 23.53 19.10 -33.61
N VAL B 708 24.01 20.33 -33.54
CA VAL B 708 24.84 20.80 -32.44
C VAL B 708 24.20 21.98 -31.72
N HIS B 709 23.28 22.68 -32.39
CA HIS B 709 22.60 23.80 -31.74
C HIS B 709 21.83 23.36 -30.52
N HIS B 710 21.24 22.16 -30.57
CA HIS B 710 20.49 21.66 -29.42
C HIS B 710 21.39 21.53 -28.20
N ILE B 711 22.58 20.96 -28.39
CA ILE B 711 23.53 20.83 -27.29
C ILE B 711 24.03 22.19 -26.83
N PHE B 712 24.36 23.06 -27.79
CA PHE B 712 24.81 24.41 -27.46
C PHE B 712 23.80 25.12 -26.57
N MET B 713 22.51 24.90 -26.81
CA MET B 713 21.50 25.60 -26.03
C MET B 713 21.21 24.91 -24.70
N THR B 714 21.24 23.59 -24.67
CA THR B 714 20.77 22.85 -23.51
C THR B 714 21.89 22.34 -22.59
N PHE B 715 23.16 22.63 -22.91
CA PHE B 715 24.24 22.14 -22.07
C PHE B 715 24.17 22.68 -20.66
N THR B 716 23.96 23.99 -20.52
CA THR B 716 23.89 24.59 -19.18
C THR B 716 22.68 24.08 -18.43
N HIS B 717 21.54 23.96 -19.12
CA HIS B 717 20.32 23.47 -18.46
C HIS B 717 20.51 22.05 -17.95
N TYR B 718 21.19 21.20 -18.73
CA TYR B 718 21.40 19.83 -18.27
C TYR B 718 22.43 19.77 -17.15
N THR B 719 23.53 20.53 -17.28
CA THR B 719 24.56 20.49 -16.24
C THR B 719 24.03 21.07 -14.93
N ALA B 720 22.99 21.90 -15.00
CA ALA B 720 22.31 22.33 -13.79
C ALA B 720 21.50 21.21 -13.14
N LEU B 721 21.27 20.11 -13.86
CA LEU B 721 20.37 19.06 -13.39
C LEU B 721 21.07 17.71 -13.27
N ILE B 722 22.39 17.65 -13.45
CA ILE B 722 23.16 16.42 -13.32
C ILE B 722 23.03 15.83 -11.92
N PRO B 723 23.21 16.59 -10.83
CA PRO B 723 23.12 15.97 -9.51
C PRO B 723 21.72 15.57 -9.16
N SER B 724 20.73 16.40 -9.50
CA SER B 724 19.35 16.01 -9.30
C SER B 724 19.05 14.71 -10.03
N PHE B 725 19.41 14.63 -11.30
CA PHE B 725 19.27 13.41 -12.08
C PHE B 725 19.85 12.23 -11.32
N VAL B 726 21.17 12.18 -11.22
CA VAL B 726 21.88 11.10 -10.55
C VAL B 726 21.36 10.68 -9.16
N ASN B 727 21.33 11.63 -8.22
CA ASN B 727 20.92 11.32 -6.86
C ASN B 727 19.43 11.03 -6.80
N ILE B 728 18.59 12.01 -7.13
CA ILE B 728 17.15 11.87 -6.92
C ILE B 728 16.62 10.68 -7.71
N PHE B 729 16.94 10.61 -9.01
CA PHE B 729 16.32 9.60 -9.85
C PHE B 729 16.79 8.20 -9.48
N THR B 730 18.09 8.05 -9.26
CA THR B 730 18.65 6.75 -8.89
C THR B 730 18.11 6.28 -7.54
N ILE B 731 17.99 7.20 -6.60
CA ILE B 731 17.47 6.88 -5.27
C ILE B 731 16.02 6.46 -5.34
N TYR B 732 15.18 7.27 -6.00
CA TYR B 732 13.76 6.95 -6.07
C TYR B 732 13.51 5.66 -6.85
N SER B 733 14.23 5.45 -7.96
CA SER B 733 14.06 4.22 -8.71
C SER B 733 14.43 3.01 -7.86
N PHE B 734 15.49 3.10 -7.08
CA PHE B 734 15.91 1.99 -6.24
C PHE B 734 15.04 1.86 -5.00
N CYS B 735 14.26 2.90 -4.69
CA CYS B 735 13.42 2.97 -3.51
C CYS B 735 12.17 2.11 -3.60
N ASN B 736 11.66 1.87 -4.81
CA ASN B 736 10.35 1.25 -5.00
C ASN B 736 10.44 0.11 -6.00
N LEU B 737 11.40 -0.79 -5.78
CA LEU B 737 11.50 -2.02 -6.57
C LEU B 737 10.31 -2.94 -6.37
N GLN B 738 9.55 -2.77 -5.29
CA GLN B 738 8.40 -3.61 -5.01
C GLN B 738 7.12 -3.11 -5.67
N ASP B 739 7.16 -1.95 -6.32
CA ASP B 739 5.97 -1.39 -6.96
C ASP B 739 5.69 -2.17 -8.24
N LEU B 740 4.90 -3.23 -8.10
CA LEU B 740 4.53 -4.10 -9.20
C LEU B 740 3.04 -4.38 -9.15
N SER B 741 2.47 -4.67 -10.32
CA SER B 741 1.05 -4.96 -10.42
C SER B 741 0.74 -6.36 -9.90
N LYS B 762 -28.25 -27.89 -6.90
CA LYS B 762 -29.29 -28.34 -5.98
C LYS B 762 -28.67 -29.02 -4.76
N GLY B 763 -27.92 -28.25 -3.97
CA GLY B 763 -27.28 -28.76 -2.78
C GLY B 763 -28.05 -28.42 -1.52
N ASP B 764 -27.80 -29.20 -0.47
CA ASP B 764 -28.49 -29.02 0.80
C ASP B 764 -27.70 -28.05 1.68
N PHE B 765 -28.11 -27.94 2.94
CA PHE B 765 -27.50 -26.93 3.81
C PHE B 765 -26.08 -27.33 4.18
N LYS B 766 -25.80 -28.63 4.30
CA LYS B 766 -24.43 -29.07 4.53
C LYS B 766 -23.54 -28.68 3.37
N ASP B 767 -24.03 -28.84 2.14
CA ASP B 767 -23.27 -28.41 0.97
C ASP B 767 -23.08 -26.90 0.95
N VAL B 768 -24.10 -26.14 1.36
CA VAL B 768 -23.96 -24.70 1.41
C VAL B 768 -22.88 -24.30 2.41
N ILE B 769 -22.88 -24.94 3.58
CA ILE B 769 -21.88 -24.64 4.60
C ILE B 769 -20.48 -25.01 4.11
N ALA B 770 -20.36 -26.16 3.43
CA ALA B 770 -19.06 -26.55 2.88
C ALA B 770 -18.59 -25.56 1.83
N LYS B 771 -19.50 -25.08 0.97
CA LYS B 771 -19.13 -24.08 -0.02
C LYS B 771 -18.66 -22.79 0.64
N ARG B 772 -19.36 -22.34 1.69
CA ARG B 772 -18.94 -21.15 2.41
C ARG B 772 -17.57 -21.33 3.03
N ARG B 773 -17.32 -22.50 3.63
CA ARG B 773 -16.02 -22.77 4.24
C ARG B 773 -14.92 -22.80 3.19
N ALA B 774 -15.19 -23.41 2.04
CA ALA B 774 -14.19 -23.44 0.98
C ALA B 774 -13.89 -22.05 0.44
N LEU B 775 -14.93 -21.21 0.28
CA LEU B 775 -14.70 -19.85 -0.17
C LEU B 775 -13.87 -19.07 0.84
N GLU B 776 -14.18 -19.22 2.14
CA GLU B 776 -13.40 -18.54 3.16
C GLU B 776 -11.94 -19.00 3.15
N GLU B 777 -11.73 -20.31 2.99
CA GLU B 777 -10.37 -20.83 2.97
C GLU B 777 -9.60 -20.34 1.75
N LEU B 778 -10.26 -20.29 0.59
CA LEU B 778 -9.61 -19.77 -0.61
C LEU B 778 -9.28 -18.29 -0.46
N ARG B 779 -10.19 -17.52 0.14
CA ARG B 779 -9.90 -16.11 0.40
C ARG B 779 -8.70 -15.95 1.31
N ARG B 780 -8.64 -16.75 2.39
CA ARG B 780 -7.51 -16.67 3.31
C ARG B 780 -6.21 -17.06 2.61
N GLU B 781 -6.24 -18.10 1.78
CA GLU B 781 -5.04 -18.52 1.06
C GLU B 781 -4.59 -17.44 0.09
N GLU B 782 -5.53 -16.80 -0.62
CA GLU B 782 -5.16 -15.72 -1.53
C GLU B 782 -4.55 -14.55 -0.78
N LYS B 783 -5.13 -14.19 0.37
CA LYS B 783 -4.55 -13.11 1.16
C LYS B 783 -3.15 -13.45 1.64
N GLU B 784 -2.95 -14.69 2.10
CA GLU B 784 -1.63 -15.10 2.54
C GLU B 784 -0.62 -15.09 1.40
N ARG B 785 -1.05 -15.56 0.21
CA ARG B 785 -0.14 -15.57 -0.93
C ARG B 785 0.21 -14.16 -1.37
N VAL B 786 -0.75 -13.24 -1.35
CA VAL B 786 -0.47 -11.85 -1.70
C VAL B 786 0.48 -11.23 -0.68
N GLU B 787 0.28 -11.52 0.61
CA GLU B 787 1.18 -11.02 1.63
C GLU B 787 2.59 -11.56 1.44
N ASN B 788 2.71 -12.85 1.08
CA ASN B 788 4.03 -13.42 0.83
C ASN B 788 4.69 -12.78 -0.39
N ARG B 789 3.91 -12.53 -1.43
CA ARG B 789 4.44 -11.82 -2.60
C ARG B 789 4.98 -10.45 -2.21
N LYS B 790 4.19 -9.69 -1.43
CA LYS B 790 4.62 -8.37 -1.02
C LYS B 790 5.86 -8.44 -0.14
N LYS B 791 5.91 -9.44 0.75
CA LYS B 791 7.08 -9.61 1.61
C LYS B 791 8.33 -9.87 0.80
N ASN B 792 8.26 -10.80 -0.15
CA ASN B 792 9.43 -11.10 -0.97
C ASN B 792 9.84 -9.89 -1.81
N PHE B 793 8.87 -9.20 -2.40
CA PHE B 793 9.17 -8.06 -3.24
C PHE B 793 9.83 -6.95 -2.44
N GLU B 794 9.27 -6.61 -1.28
CA GLU B 794 9.83 -5.56 -0.44
C GLU B 794 11.19 -5.97 0.12
N ALA B 795 11.37 -7.25 0.46
CA ALA B 795 12.66 -7.69 0.98
C ALA B 795 13.74 -7.57 -0.09
N PHE B 796 13.42 -7.95 -1.33
CA PHE B 796 14.39 -7.79 -2.40
C PHE B 796 14.68 -6.32 -2.66
N ARG B 797 13.64 -5.48 -2.63
CA ARG B 797 13.83 -4.04 -2.81
C ARG B 797 14.78 -3.50 -1.77
N THR B 798 14.52 -3.81 -0.49
CA THR B 798 15.34 -3.28 0.59
C THR B 798 16.76 -3.82 0.52
N ASN B 799 16.92 -5.10 0.20
CA ASN B 799 18.26 -5.67 0.12
C ASN B 799 19.07 -5.01 -0.99
N VAL B 800 18.48 -4.84 -2.17
CA VAL B 800 19.21 -4.24 -3.28
C VAL B 800 19.49 -2.76 -3.00
N LEU B 801 18.53 -2.06 -2.42
CA LEU B 801 18.76 -0.66 -2.07
C LEU B 801 19.86 -0.50 -1.04
N LEU B 802 19.87 -1.36 -0.01
CA LEU B 802 20.93 -1.32 0.98
C LEU B 802 22.28 -1.61 0.35
N THR B 803 22.34 -2.61 -0.53
CA THR B 803 23.58 -2.91 -1.22
C THR B 803 24.08 -1.70 -1.99
N TRP B 804 23.20 -1.07 -2.77
CA TRP B 804 23.60 0.08 -3.57
C TRP B 804 24.07 1.24 -2.71
N ALA B 805 23.24 1.64 -1.73
CA ALA B 805 23.55 2.80 -0.91
C ALA B 805 24.80 2.58 -0.09
N PHE B 806 24.95 1.40 0.51
CA PHE B 806 26.11 1.16 1.36
C PHE B 806 27.37 0.94 0.53
N SER B 807 27.26 0.38 -0.68
CA SER B 807 28.42 0.31 -1.56
C SER B 807 28.89 1.70 -1.93
N ASN B 808 27.95 2.59 -2.27
CA ASN B 808 28.33 3.97 -2.60
C ASN B 808 28.95 4.66 -1.39
N LEU B 809 28.36 4.51 -0.22
CA LEU B 809 28.88 5.17 0.98
C LEU B 809 30.27 4.64 1.35
N ILE B 810 30.46 3.32 1.29
CA ILE B 810 31.75 2.74 1.64
C ILE B 810 32.81 3.15 0.63
N PHE B 811 32.46 3.15 -0.65
CA PHE B 811 33.42 3.60 -1.67
C PHE B 811 33.80 5.06 -1.44
N ALA B 812 32.82 5.92 -1.16
CA ALA B 812 33.12 7.33 -0.93
C ALA B 812 34.00 7.52 0.30
N LEU B 813 33.68 6.82 1.39
CA LEU B 813 34.47 6.97 2.60
C LEU B 813 35.89 6.45 2.41
N PHE B 814 36.04 5.29 1.75
CA PHE B 814 37.36 4.72 1.55
C PHE B 814 38.20 5.56 0.59
N VAL B 815 37.57 6.24 -0.36
CA VAL B 815 38.33 7.15 -1.22
C VAL B 815 38.72 8.41 -0.46
N VAL B 816 37.78 8.99 0.30
CA VAL B 816 38.06 10.24 1.01
C VAL B 816 39.17 10.03 2.04
N TYR B 817 39.08 8.95 2.82
CA TYR B 817 40.02 8.78 3.93
C TYR B 817 41.36 8.21 3.47
N PHE B 818 41.36 7.40 2.42
CA PHE B 818 42.56 6.69 2.01
C PHE B 818 43.10 7.11 0.65
N ALA B 819 42.61 8.21 0.07
CA ALA B 819 43.10 8.65 -1.22
C ALA B 819 43.08 10.17 -1.29
N SER B 820 44.09 10.74 -1.93
CA SER B 820 44.18 12.17 -2.16
C SER B 820 43.65 12.51 -3.55
N SER B 821 43.45 13.81 -3.78
CA SER B 821 42.96 14.25 -5.08
C SER B 821 43.97 13.96 -6.19
N SER B 822 45.25 13.86 -5.85
CA SER B 822 46.27 13.58 -6.85
C SER B 822 46.36 12.10 -7.22
N THR B 823 45.83 11.21 -6.39
CA THR B 823 45.94 9.77 -6.63
C THR B 823 44.61 9.13 -6.99
N TYR B 824 43.54 9.90 -7.04
CA TYR B 824 42.23 9.41 -7.46
C TYR B 824 41.68 10.11 -8.69
N MET B 825 41.78 11.42 -8.74
CA MET B 825 41.22 12.15 -9.88
C MET B 825 41.86 11.76 -11.21
N PRO B 826 43.16 11.53 -11.32
CA PRO B 826 43.67 10.97 -12.59
C PRO B 826 42.99 9.66 -12.97
N VAL B 827 42.70 8.80 -11.99
CA VAL B 827 41.99 7.56 -12.27
C VAL B 827 40.59 7.85 -12.79
N LEU B 828 39.89 8.79 -12.14
CA LEU B 828 38.53 9.12 -12.58
C LEU B 828 38.53 9.71 -13.98
N TYR B 829 39.49 10.60 -14.26
CA TYR B 829 39.59 11.18 -15.60
C TYR B 829 39.89 10.10 -16.63
N ILE B 830 40.78 9.16 -16.31
CA ILE B 830 41.09 8.09 -17.25
C ILE B 830 39.85 7.25 -17.52
N PHE B 831 39.09 6.91 -16.47
CA PHE B 831 37.90 6.08 -16.65
C PHE B 831 36.85 6.78 -17.49
N VAL B 832 36.55 8.04 -17.15
CA VAL B 832 35.53 8.79 -17.89
C VAL B 832 35.97 9.03 -19.32
N ALA B 833 37.25 9.33 -19.52
CA ALA B 833 37.77 9.53 -20.87
C ALA B 833 37.68 8.24 -21.68
N SER B 834 37.94 7.10 -21.06
CA SER B 834 37.82 5.83 -21.77
C SER B 834 36.38 5.57 -22.19
N LEU B 835 35.43 5.80 -21.27
CA LEU B 835 34.03 5.59 -21.61
C LEU B 835 33.59 6.51 -22.74
N ASN B 836 33.90 7.80 -22.61
CA ASN B 836 33.50 8.73 -23.67
C ASN B 836 34.25 8.48 -24.96
N THR B 837 35.46 7.91 -24.89
CA THR B 837 36.18 7.55 -26.10
C THR B 837 35.48 6.41 -26.82
N CYS B 838 35.04 5.39 -26.06
CA CYS B 838 34.28 4.31 -26.67
C CYS B 838 32.99 4.82 -27.30
N ARG B 839 32.29 5.72 -26.60
CA ARG B 839 31.04 6.26 -27.14
C ARG B 839 31.29 7.12 -28.37
N LEU B 840 32.38 7.90 -28.38
CA LEU B 840 32.71 8.71 -29.54
C LEU B 840 33.07 7.83 -30.73
N LEU B 841 33.83 6.76 -30.50
CA LEU B 841 34.16 5.84 -31.58
C LEU B 841 32.90 5.16 -32.11
N GLY B 842 31.97 4.83 -31.21
CA GLY B 842 30.70 4.29 -31.67
C GLY B 842 29.91 5.24 -32.55
N SER B 843 29.83 6.51 -32.13
CA SER B 843 29.10 7.49 -32.94
C SER B 843 29.78 7.71 -34.29
N ILE B 844 31.12 7.76 -34.29
CA ILE B 844 31.86 7.91 -35.54
C ILE B 844 31.60 6.73 -36.45
N GLY B 845 31.61 5.52 -35.89
CA GLY B 845 31.33 4.34 -36.69
C GLY B 845 29.93 4.33 -37.25
N HIS B 846 28.95 4.76 -36.45
CA HIS B 846 27.58 4.81 -36.94
C HIS B 846 27.44 5.81 -38.08
N TRP B 847 28.05 7.00 -37.93
CA TRP B 847 27.99 7.98 -39.00
C TRP B 847 28.65 7.47 -40.28
N VAL B 848 29.84 6.88 -40.16
CA VAL B 848 30.55 6.42 -41.35
C VAL B 848 29.79 5.25 -41.99
N TYR B 849 29.17 4.41 -41.17
CA TYR B 849 28.35 3.32 -41.72
C TYR B 849 27.18 3.88 -42.51
N ILE B 850 26.47 4.85 -41.95
CA ILE B 850 25.31 5.40 -42.66
C ILE B 850 25.75 6.07 -43.96
N HIS B 851 26.83 6.84 -43.95
CA HIS B 851 27.23 7.59 -45.13
C HIS B 851 28.12 6.79 -46.09
N THR B 852 28.49 5.56 -45.74
CA THR B 852 29.35 4.77 -46.59
C THR B 852 28.69 3.52 -47.14
N GLU B 853 27.78 2.89 -46.37
CA GLU B 853 27.22 1.62 -46.80
C GLU B 853 26.48 1.72 -48.12
N GLY B 854 25.96 2.91 -48.46
CA GLY B 854 25.30 3.06 -49.74
C GLY B 854 26.24 2.86 -50.92
N LEU B 855 27.43 3.46 -50.86
CA LEU B 855 28.37 3.34 -51.96
C LEU B 855 28.98 1.94 -52.01
N ARG B 856 29.23 1.34 -50.85
CA ARG B 856 29.84 0.01 -50.78
C ARG B 856 28.78 -1.09 -50.65
N GLY B 857 27.59 -0.87 -51.21
CA GLY B 857 26.56 -1.90 -51.19
C GLY B 857 26.83 -3.05 -52.13
N ARG B 858 27.62 -2.83 -53.18
CA ARG B 858 27.95 -3.91 -54.10
C ARG B 858 28.83 -4.96 -53.41
N VAL B 859 29.77 -4.53 -52.58
CA VAL B 859 30.65 -5.44 -51.87
C VAL B 859 30.25 -5.53 -50.40
N1 UDP C . -8.09 -6.02 17.88
C2 UDP C . -9.19 -5.49 17.24
N3 UDP C . -9.00 -5.17 15.93
C4 UDP C . -7.85 -5.30 15.18
C5 UDP C . -6.75 -5.85 15.92
C6 UDP C . -6.91 -6.18 17.21
O2 UDP C . -10.27 -5.32 17.78
O4 UDP C . -7.82 -4.97 14.01
C1' UDP C . -8.16 -6.40 19.28
C2' UDP C . -7.09 -7.38 19.77
O2' UDP C . -7.58 -8.69 19.69
C3' UDP C . -6.87 -6.88 21.20
C4' UDP C . -6.99 -5.38 20.98
O4' UDP C . -8.08 -5.25 20.06
O3' UDP C . -7.92 -7.29 22.05
C5' UDP C . -5.74 -4.79 20.38
O5' UDP C . -4.63 -5.21 21.13
PA UDP C . -3.49 -6.10 20.34
O1A UDP C . -3.26 -5.53 18.98
O2A UDP C . -3.78 -7.55 20.52
O3A UDP C . -2.29 -5.60 21.35
PB UDP C . -1.29 -6.64 22.11
O1B UDP C . 0.01 -5.97 22.43
O2B UDP C . -2.03 -7.39 23.17
O3B UDP C . -1.12 -7.59 20.78
MN MN D . -3.00 -9.28 23.51
N1 UDP E . 0.03 2.82 -20.30
C2 UDP E . -0.56 1.59 -20.14
N3 UDP E . -0.86 1.27 -18.84
C4 UDP E . -0.63 2.01 -17.70
C5 UDP E . 0.01 3.28 -17.96
C6 UDP E . 0.30 3.61 -19.22
O2 UDP E . -0.82 0.85 -21.06
O4 UDP E . -0.95 1.58 -16.61
C1' UDP E . 0.40 3.29 -21.62
C2' UDP E . 0.50 4.79 -21.81
O2' UDP E . -0.73 5.30 -22.24
C3' UDP E . 1.61 4.88 -22.86
C4' UDP E . 2.53 3.79 -22.34
O4' UDP E . 1.64 2.74 -21.94
O3' UDP E . 1.14 4.49 -24.12
C5' UDP E . 3.35 4.25 -21.15
O5' UDP E . 3.99 5.45 -21.47
PA UDP E . 3.51 6.79 -20.63
O1A UDP E . 2.85 6.39 -19.36
O2A UDP E . 2.84 7.74 -21.57
O3A UDP E . 5.05 7.27 -20.33
PB UDP E . 5.65 8.68 -20.91
O1B UDP E . 6.94 9.02 -20.21
O2B UDP E . 5.58 8.72 -22.39
O3B UDP E . 4.42 9.59 -20.27
MN MN F . 3.58 9.61 -23.15
#